data_1PRO
# 
_entry.id   1PRO 
# 
_audit_conform.dict_name       mmcif_pdbx.dic 
_audit_conform.dict_version    5.386 
_audit_conform.dict_location   http://mmcif.pdb.org/dictionaries/ascii/mmcif_pdbx.dic 
# 
loop_
_database_2.database_id 
_database_2.database_code 
_database_2.pdbx_database_accession 
_database_2.pdbx_DOI 
PDB   1PRO         pdb_00001pro 10.2210/pdb1pro/pdb 
WWPDB D_1000175808 ?            ?                   
# 
loop_
_pdbx_audit_revision_history.ordinal 
_pdbx_audit_revision_history.data_content_type 
_pdbx_audit_revision_history.major_revision 
_pdbx_audit_revision_history.minor_revision 
_pdbx_audit_revision_history.revision_date 
1 'Structure model' 1 0 1996-08-17 
2 'Structure model' 1 1 2008-03-24 
3 'Structure model' 1 2 2011-07-13 
4 'Structure model' 1 3 2024-02-14 
# 
_pdbx_audit_revision_details.ordinal             1 
_pdbx_audit_revision_details.revision_ordinal    1 
_pdbx_audit_revision_details.data_content_type   'Structure model' 
_pdbx_audit_revision_details.provider            repository 
_pdbx_audit_revision_details.type                'Initial release' 
_pdbx_audit_revision_details.description         ? 
_pdbx_audit_revision_details.details             ? 
# 
loop_
_pdbx_audit_revision_group.ordinal 
_pdbx_audit_revision_group.revision_ordinal 
_pdbx_audit_revision_group.data_content_type 
_pdbx_audit_revision_group.group 
1 2 'Structure model' 'Version format compliance' 
2 3 'Structure model' 'Version format compliance' 
3 4 'Structure model' 'Data collection'           
4 4 'Structure model' 'Database references'       
5 4 'Structure model' 'Derived calculations'      
6 4 'Structure model' Other                       
# 
loop_
_pdbx_audit_revision_category.ordinal 
_pdbx_audit_revision_category.revision_ordinal 
_pdbx_audit_revision_category.data_content_type 
_pdbx_audit_revision_category.category 
1 4 'Structure model' chem_comp_atom       
2 4 'Structure model' chem_comp_bond       
3 4 'Structure model' database_2           
4 4 'Structure model' pdbx_database_status 
5 4 'Structure model' struct_site          
# 
loop_
_pdbx_audit_revision_item.ordinal 
_pdbx_audit_revision_item.revision_ordinal 
_pdbx_audit_revision_item.data_content_type 
_pdbx_audit_revision_item.item 
1 4 'Structure model' '_database_2.pdbx_DOI'                
2 4 'Structure model' '_database_2.pdbx_database_accession' 
3 4 'Structure model' '_pdbx_database_status.process_site'  
4 4 'Structure model' '_struct_site.pdbx_auth_asym_id'      
5 4 'Structure model' '_struct_site.pdbx_auth_comp_id'      
6 4 'Structure model' '_struct_site.pdbx_auth_seq_id'       
# 
_pdbx_database_status.status_code                     REL 
_pdbx_database_status.entry_id                        1PRO 
_pdbx_database_status.recvd_initial_deposition_date   1995-07-18 
_pdbx_database_status.deposit_site                    ? 
_pdbx_database_status.process_site                    BNL 
_pdbx_database_status.SG_entry                        . 
_pdbx_database_status.pdb_format_compatible           Y 
_pdbx_database_status.status_code_mr                  ? 
_pdbx_database_status.status_code_sf                  ? 
_pdbx_database_status.status_code_cs                  ? 
_pdbx_database_status.status_code_nmr_data            ? 
_pdbx_database_status.methods_development_category    ? 
# 
loop_
_audit_author.name 
_audit_author.pdbx_ordinal 
'Park, C.H.'    1 
'Kong, X.P.'    2 
'Dealwis, C.G.' 3 
# 
_citation.id                        primary 
_citation.title                     'A novel, picomolar inhibitor of human immunodeficiency virus type 1 protease.' 
_citation.journal_abbrev            J.Med.Chem. 
_citation.journal_volume            39 
_citation.page_first                392 
_citation.page_last                 397 
_citation.year                      1996 
_citation.journal_id_ASTM           JMCMAR 
_citation.country                   US 
_citation.journal_id_ISSN           0022-2623 
_citation.journal_id_CSD            0151 
_citation.book_publisher            ? 
_citation.pdbx_database_id_PubMed   8558507 
_citation.pdbx_database_id_DOI      10.1021/jm9507183 
# 
loop_
_citation_author.citation_id 
_citation_author.name 
_citation_author.ordinal 
_citation_author.identifier_ORCID 
primary 'Sham, H.L.'         1  ? 
primary 'Zhao, C.'           2  ? 
primary 'Stewart, K.D.'      3  ? 
primary 'Betebenner, D.A.'   4  ? 
primary 'Lin, S.'            5  ? 
primary 'Park, C.H.'         6  ? 
primary 'Kong, X.P.'         7  ? 
primary 'Rosenbrook Jr., W.' 8  ? 
primary 'Herrin, T.'         9  ? 
primary 'Madigan, D.'        10 ? 
primary 'Vasavanonda, S.'    11 ? 
primary 'Lyons, N.'          12 ? 
primary 'Molla, A.'          13 ? 
primary 'Saldivar, A.'       14 ? 
primary 'Marsh, K.C.'        15 ? 
primary 'McDonald, E.'       16 ? 
primary 'Wideburg, N.E.'     17 ? 
primary 'Denissen, J.F.'     18 ? 
primary 'Robins, T.'         19 ? 
primary 'Kempf, D.J.'        20 ? 
primary 'Plattner, J.J.'     21 ? 
primary 'Norbeck, D.W.'      22 ? 
# 
loop_
_entity.id 
_entity.type 
_entity.src_method 
_entity.pdbx_description 
_entity.formula_weight 
_entity.pdbx_number_of_molecules 
_entity.pdbx_ec 
_entity.pdbx_mutation 
_entity.pdbx_fragment 
_entity.details 
1 polymer     man 'HIV-1 PROTEASE'                                                                                    10830.781 2  
3.4.23.16 ? ? ? 
2 non-polymer syn '(5R,6R)-2,4-BIS-(4-HYDROXY-3-METHOXYBENZYL)-1,5-DIBENZYL-3-OXO-6-HYDROXY-1,2,4-TRIAZACYCLOHEPTANE' 583.674   1  
?         ? ? ? 
3 water       nat water                                                                                               18.015    40 
?         ? ? ? 
# 
_entity_poly.entity_id                      1 
_entity_poly.type                           'polypeptide(L)' 
_entity_poly.nstd_linkage                   no 
_entity_poly.nstd_monomer                   no 
_entity_poly.pdbx_seq_one_letter_code       
;PQITLWQRPLVTIKIGGQLKEALLDTGADDTVLEEMNLPGRWKPKMIGGIGGFIKVRQYDQILIEICGHKAIGTVLVGPT
PVNIIGRNLLTQIGCTLNF
;
_entity_poly.pdbx_seq_one_letter_code_can   
;PQITLWQRPLVTIKIGGQLKEALLDTGADDTVLEEMNLPGRWKPKMIGGIGGFIKVRQYDQILIEICGHKAIGTVLVGPT
PVNIIGRNLLTQIGCTLNF
;
_entity_poly.pdbx_strand_id                 A,B 
_entity_poly.pdbx_target_identifier         ? 
# 
loop_
_pdbx_entity_nonpoly.entity_id 
_pdbx_entity_nonpoly.name 
_pdbx_entity_nonpoly.comp_id 
2 '(5R,6R)-2,4-BIS-(4-HYDROXY-3-METHOXYBENZYL)-1,5-DIBENZYL-3-OXO-6-HYDROXY-1,2,4-TRIAZACYCLOHEPTANE' A88 
3 water                                                                                               HOH 
# 
loop_
_entity_poly_seq.entity_id 
_entity_poly_seq.num 
_entity_poly_seq.mon_id 
_entity_poly_seq.hetero 
1 1  PRO n 
1 2  GLN n 
1 3  ILE n 
1 4  THR n 
1 5  LEU n 
1 6  TRP n 
1 7  GLN n 
1 8  ARG n 
1 9  PRO n 
1 10 LEU n 
1 11 VAL n 
1 12 THR n 
1 13 ILE n 
1 14 LYS n 
1 15 ILE n 
1 16 GLY n 
1 17 GLY n 
1 18 GLN n 
1 19 LEU n 
1 20 LYS n 
1 21 GLU n 
1 22 ALA n 
1 23 LEU n 
1 24 LEU n 
1 25 ASP n 
1 26 THR n 
1 27 GLY n 
1 28 ALA n 
1 29 ASP n 
1 30 ASP n 
1 31 THR n 
1 32 VAL n 
1 33 LEU n 
1 34 GLU n 
1 35 GLU n 
1 36 MET n 
1 37 ASN n 
1 38 LEU n 
1 39 PRO n 
1 40 GLY n 
1 41 ARG n 
1 42 TRP n 
1 43 LYS n 
1 44 PRO n 
1 45 LYS n 
1 46 MET n 
1 47 ILE n 
1 48 GLY n 
1 49 GLY n 
1 50 ILE n 
1 51 GLY n 
1 52 GLY n 
1 53 PHE n 
1 54 ILE n 
1 55 LYS n 
1 56 VAL n 
1 57 ARG n 
1 58 GLN n 
1 59 TYR n 
1 60 ASP n 
1 61 GLN n 
1 62 ILE n 
1 63 LEU n 
1 64 ILE n 
1 65 GLU n 
1 66 ILE n 
1 67 CYS n 
1 68 GLY n 
1 69 HIS n 
1 70 LYS n 
1 71 ALA n 
1 72 ILE n 
1 73 GLY n 
1 74 THR n 
1 75 VAL n 
1 76 LEU n 
1 77 VAL n 
1 78 GLY n 
1 79 PRO n 
1 80 THR n 
1 81 PRO n 
1 82 VAL n 
1 83 ASN n 
1 84 ILE n 
1 85 ILE n 
1 86 GLY n 
1 87 ARG n 
1 88 ASN n 
1 89 LEU n 
1 90 LEU n 
1 91 THR n 
1 92 GLN n 
1 93 ILE n 
1 94 GLY n 
1 95 CYS n 
1 96 THR n 
1 97 LEU n 
1 98 ASN n 
1 99 PHE n 
# 
_entity_src_gen.entity_id                          1 
_entity_src_gen.pdbx_src_id                        1 
_entity_src_gen.pdbx_alt_source_flag               sample 
_entity_src_gen.pdbx_seq_type                      ? 
_entity_src_gen.pdbx_beg_seq_num                   ? 
_entity_src_gen.pdbx_end_seq_num                   ? 
_entity_src_gen.gene_src_common_name               ? 
_entity_src_gen.gene_src_genus                     Lentivirus 
_entity_src_gen.pdbx_gene_src_gene                 ? 
_entity_src_gen.gene_src_species                   ? 
_entity_src_gen.gene_src_strain                    SCS-1 
_entity_src_gen.gene_src_tissue                    ? 
_entity_src_gen.gene_src_tissue_fraction           ? 
_entity_src_gen.gene_src_details                   ? 
_entity_src_gen.pdbx_gene_src_fragment             ? 
_entity_src_gen.pdbx_gene_src_scientific_name      'Human immunodeficiency virus 1' 
_entity_src_gen.pdbx_gene_src_ncbi_taxonomy_id     11676 
_entity_src_gen.pdbx_gene_src_variant              ? 
_entity_src_gen.pdbx_gene_src_cell_line            ? 
_entity_src_gen.pdbx_gene_src_atcc                 ? 
_entity_src_gen.pdbx_gene_src_organ                ? 
_entity_src_gen.pdbx_gene_src_organelle            ? 
_entity_src_gen.pdbx_gene_src_cell                 ? 
_entity_src_gen.pdbx_gene_src_cellular_location    ? 
_entity_src_gen.host_org_common_name               ? 
_entity_src_gen.pdbx_host_org_scientific_name      'Escherichia coli' 
_entity_src_gen.pdbx_host_org_ncbi_taxonomy_id     562 
_entity_src_gen.host_org_genus                     Escherichia 
_entity_src_gen.pdbx_host_org_gene                 ? 
_entity_src_gen.pdbx_host_org_organ                ? 
_entity_src_gen.host_org_species                   ? 
_entity_src_gen.pdbx_host_org_tissue               ? 
_entity_src_gen.pdbx_host_org_tissue_fraction      ? 
_entity_src_gen.pdbx_host_org_strain               SCS-1/PBS7-CI 
_entity_src_gen.pdbx_host_org_variant              ? 
_entity_src_gen.pdbx_host_org_cell_line            ? 
_entity_src_gen.pdbx_host_org_atcc                 ? 
_entity_src_gen.pdbx_host_org_culture_collection   ? 
_entity_src_gen.pdbx_host_org_cell                 ? 
_entity_src_gen.pdbx_host_org_organelle            ? 
_entity_src_gen.pdbx_host_org_cellular_location    ? 
_entity_src_gen.pdbx_host_org_vector_type          ? 
_entity_src_gen.pdbx_host_org_vector               ? 
_entity_src_gen.host_org_details                   ? 
_entity_src_gen.expression_system_id               ? 
_entity_src_gen.plasmid_name                       ? 
_entity_src_gen.plasmid_details                    ? 
_entity_src_gen.pdbx_description                   ? 
# 
loop_
_chem_comp.id 
_chem_comp.type 
_chem_comp.mon_nstd_flag 
_chem_comp.name 
_chem_comp.pdbx_synonyms 
_chem_comp.formula 
_chem_comp.formula_weight 
A88 non-polymer         . '(5R,6R)-2,4-BIS-(4-HYDROXY-3-METHOXYBENZYL)-1,5-DIBENZYL-3-OXO-6-HYDROXY-1,2,4-TRIAZACYCLOHEPTANE' 
A-98881 'C34 H37 N3 O6'  583.674 
ALA 'L-peptide linking' y ALANINE                                                                                             ? 
'C3 H7 N O2'     89.093  
ARG 'L-peptide linking' y ARGININE                                                                                            ? 
'C6 H15 N4 O2 1' 175.209 
ASN 'L-peptide linking' y ASPARAGINE                                                                                          ? 
'C4 H8 N2 O3'    132.118 
ASP 'L-peptide linking' y 'ASPARTIC ACID'                                                                                     ? 
'C4 H7 N O4'     133.103 
CYS 'L-peptide linking' y CYSTEINE                                                                                            ? 
'C3 H7 N O2 S'   121.158 
GLN 'L-peptide linking' y GLUTAMINE                                                                                           ? 
'C5 H10 N2 O3'   146.144 
GLU 'L-peptide linking' y 'GLUTAMIC ACID'                                                                                     ? 
'C5 H9 N O4'     147.129 
GLY 'peptide linking'   y GLYCINE                                                                                             ? 
'C2 H5 N O2'     75.067  
HIS 'L-peptide linking' y HISTIDINE                                                                                           ? 
'C6 H10 N3 O2 1' 156.162 
HOH non-polymer         . WATER                                                                                               ? 
'H2 O'           18.015  
ILE 'L-peptide linking' y ISOLEUCINE                                                                                          ? 
'C6 H13 N O2'    131.173 
LEU 'L-peptide linking' y LEUCINE                                                                                             ? 
'C6 H13 N O2'    131.173 
LYS 'L-peptide linking' y LYSINE                                                                                              ? 
'C6 H15 N2 O2 1' 147.195 
MET 'L-peptide linking' y METHIONINE                                                                                          ? 
'C5 H11 N O2 S'  149.211 
PHE 'L-peptide linking' y PHENYLALANINE                                                                                       ? 
'C9 H11 N O2'    165.189 
PRO 'L-peptide linking' y PROLINE                                                                                             ? 
'C5 H9 N O2'     115.130 
THR 'L-peptide linking' y THREONINE                                                                                           ? 
'C4 H9 N O3'     119.119 
TRP 'L-peptide linking' y TRYPTOPHAN                                                                                          ? 
'C11 H12 N2 O2'  204.225 
TYR 'L-peptide linking' y TYROSINE                                                                                            ? 
'C9 H11 N O3'    181.189 
VAL 'L-peptide linking' y VALINE                                                                                              ? 
'C5 H11 N O2'    117.146 
# 
loop_
_pdbx_poly_seq_scheme.asym_id 
_pdbx_poly_seq_scheme.entity_id 
_pdbx_poly_seq_scheme.seq_id 
_pdbx_poly_seq_scheme.mon_id 
_pdbx_poly_seq_scheme.ndb_seq_num 
_pdbx_poly_seq_scheme.pdb_seq_num 
_pdbx_poly_seq_scheme.auth_seq_num 
_pdbx_poly_seq_scheme.pdb_mon_id 
_pdbx_poly_seq_scheme.auth_mon_id 
_pdbx_poly_seq_scheme.pdb_strand_id 
_pdbx_poly_seq_scheme.pdb_ins_code 
_pdbx_poly_seq_scheme.hetero 
A 1 1  PRO 1  1  1  PRO PRO A . n 
A 1 2  GLN 2  2  2  GLN GLN A . n 
A 1 3  ILE 3  3  3  ILE ILE A . n 
A 1 4  THR 4  4  4  THR THR A . n 
A 1 5  LEU 5  5  5  LEU LEU A . n 
A 1 6  TRP 6  6  6  TRP TRP A . n 
A 1 7  GLN 7  7  7  GLN GLN A . n 
A 1 8  ARG 8  8  8  ARG ARG A . n 
A 1 9  PRO 9  9  9  PRO PRO A . n 
A 1 10 LEU 10 10 10 LEU LEU A . n 
A 1 11 VAL 11 11 11 VAL VAL A . n 
A 1 12 THR 12 12 12 THR THR A . n 
A 1 13 ILE 13 13 13 ILE ILE A . n 
A 1 14 LYS 14 14 14 LYS LYS A . n 
A 1 15 ILE 15 15 15 ILE ILE A . n 
A 1 16 GLY 16 16 16 GLY GLY A . n 
A 1 17 GLY 17 17 17 GLY GLY A . n 
A 1 18 GLN 18 18 18 GLN GLN A . n 
A 1 19 LEU 19 19 19 LEU LEU A . n 
A 1 20 LYS 20 20 20 LYS LYS A . n 
A 1 21 GLU 21 21 21 GLU GLU A . n 
A 1 22 ALA 22 22 22 ALA ALA A . n 
A 1 23 LEU 23 23 23 LEU LEU A . n 
A 1 24 LEU 24 24 24 LEU LEU A . n 
A 1 25 ASP 25 25 25 ASP ASP A . n 
A 1 26 THR 26 26 26 THR THR A . n 
A 1 27 GLY 27 27 27 GLY GLY A . n 
A 1 28 ALA 28 28 28 ALA ALA A . n 
A 1 29 ASP 29 29 29 ASP ASP A . n 
A 1 30 ASP 30 30 30 ASP ASP A . n 
A 1 31 THR 31 31 31 THR THR A . n 
A 1 32 VAL 32 32 32 VAL VAL A . n 
A 1 33 LEU 33 33 33 LEU LEU A . n 
A 1 34 GLU 34 34 34 GLU GLU A . n 
A 1 35 GLU 35 35 35 GLU GLU A . n 
A 1 36 MET 36 36 36 MET MET A . n 
A 1 37 ASN 37 37 37 ASN ASN A . n 
A 1 38 LEU 38 38 38 LEU LEU A . n 
A 1 39 PRO 39 39 39 PRO PRO A . n 
A 1 40 GLY 40 40 40 GLY GLY A . n 
A 1 41 ARG 41 41 41 ARG ARG A . n 
A 1 42 TRP 42 42 42 TRP TRP A . n 
A 1 43 LYS 43 43 43 LYS LYS A . n 
A 1 44 PRO 44 44 44 PRO PRO A . n 
A 1 45 LYS 45 45 45 LYS LYS A . n 
A 1 46 MET 46 46 46 MET MET A . n 
A 1 47 ILE 47 47 47 ILE ILE A . n 
A 1 48 GLY 48 48 48 GLY GLY A . n 
A 1 49 GLY 49 49 49 GLY GLY A . n 
A 1 50 ILE 50 50 50 ILE ILE A . n 
A 1 51 GLY 51 51 51 GLY GLY A . n 
A 1 52 GLY 52 52 52 GLY GLY A . n 
A 1 53 PHE 53 53 53 PHE PHE A . n 
A 1 54 ILE 54 54 54 ILE ILE A . n 
A 1 55 LYS 55 55 55 LYS LYS A . n 
A 1 56 VAL 56 56 56 VAL VAL A . n 
A 1 57 ARG 57 57 57 ARG ARG A . n 
A 1 58 GLN 58 58 58 GLN GLN A . n 
A 1 59 TYR 59 59 59 TYR TYR A . n 
A 1 60 ASP 60 60 60 ASP ASP A . n 
A 1 61 GLN 61 61 61 GLN GLN A . n 
A 1 62 ILE 62 62 62 ILE ILE A . n 
A 1 63 LEU 63 63 63 LEU LEU A . n 
A 1 64 ILE 64 64 64 ILE ILE A . n 
A 1 65 GLU 65 65 65 GLU GLU A . n 
A 1 66 ILE 66 66 66 ILE ILE A . n 
A 1 67 CYS 67 67 67 CYS CYS A . n 
A 1 68 GLY 68 68 68 GLY GLY A . n 
A 1 69 HIS 69 69 69 HIS HIS A . n 
A 1 70 LYS 70 70 70 LYS LYS A . n 
A 1 71 ALA 71 71 71 ALA ALA A . n 
A 1 72 ILE 72 72 72 ILE ILE A . n 
A 1 73 GLY 73 73 73 GLY GLY A . n 
A 1 74 THR 74 74 74 THR THR A . n 
A 1 75 VAL 75 75 75 VAL VAL A . n 
A 1 76 LEU 76 76 76 LEU LEU A . n 
A 1 77 VAL 77 77 77 VAL VAL A . n 
A 1 78 GLY 78 78 78 GLY GLY A . n 
A 1 79 PRO 79 79 79 PRO PRO A . n 
A 1 80 THR 80 80 80 THR THR A . n 
A 1 81 PRO 81 81 81 PRO PRO A . n 
A 1 82 VAL 82 82 82 VAL VAL A . n 
A 1 83 ASN 83 83 83 ASN ASN A . n 
A 1 84 ILE 84 84 84 ILE ILE A . n 
A 1 85 ILE 85 85 85 ILE ILE A . n 
A 1 86 GLY 86 86 86 GLY GLY A . n 
A 1 87 ARG 87 87 87 ARG ARG A . n 
A 1 88 ASN 88 88 88 ASN ASN A . n 
A 1 89 LEU 89 89 89 LEU LEU A . n 
A 1 90 LEU 90 90 90 LEU LEU A . n 
A 1 91 THR 91 91 91 THR THR A . n 
A 1 92 GLN 92 92 92 GLN GLN A . n 
A 1 93 ILE 93 93 93 ILE ILE A . n 
A 1 94 GLY 94 94 94 GLY GLY A . n 
A 1 95 CYS 95 95 95 CYS CYS A . n 
A 1 96 THR 96 96 96 THR THR A . n 
A 1 97 LEU 97 97 97 LEU LEU A . n 
A 1 98 ASN 98 98 98 ASN ASN A . n 
A 1 99 PHE 99 99 99 PHE PHE A . n 
B 1 1  PRO 1  1  1  PRO PRO B . n 
B 1 2  GLN 2  2  2  GLN GLN B . n 
B 1 3  ILE 3  3  3  ILE ILE B . n 
B 1 4  THR 4  4  4  THR THR B . n 
B 1 5  LEU 5  5  5  LEU LEU B . n 
B 1 6  TRP 6  6  6  TRP TRP B . n 
B 1 7  GLN 7  7  7  GLN GLN B . n 
B 1 8  ARG 8  8  8  ARG ARG B . n 
B 1 9  PRO 9  9  9  PRO PRO B . n 
B 1 10 LEU 10 10 10 LEU LEU B . n 
B 1 11 VAL 11 11 11 VAL VAL B . n 
B 1 12 THR 12 12 12 THR THR B . n 
B 1 13 ILE 13 13 13 ILE ILE B . n 
B 1 14 LYS 14 14 14 LYS LYS B . n 
B 1 15 ILE 15 15 15 ILE ILE B . n 
B 1 16 GLY 16 16 16 GLY GLY B . n 
B 1 17 GLY 17 17 17 GLY GLY B . n 
B 1 18 GLN 18 18 18 GLN GLN B . n 
B 1 19 LEU 19 19 19 LEU LEU B . n 
B 1 20 LYS 20 20 20 LYS LYS B . n 
B 1 21 GLU 21 21 21 GLU GLU B . n 
B 1 22 ALA 22 22 22 ALA ALA B . n 
B 1 23 LEU 23 23 23 LEU LEU B . n 
B 1 24 LEU 24 24 24 LEU LEU B . n 
B 1 25 ASP 25 25 25 ASP ASP B . n 
B 1 26 THR 26 26 26 THR THR B . n 
B 1 27 GLY 27 27 27 GLY GLY B . n 
B 1 28 ALA 28 28 28 ALA ALA B . n 
B 1 29 ASP 29 29 29 ASP ASP B . n 
B 1 30 ASP 30 30 30 ASP ASP B . n 
B 1 31 THR 31 31 31 THR THR B . n 
B 1 32 VAL 32 32 32 VAL VAL B . n 
B 1 33 LEU 33 33 33 LEU LEU B . n 
B 1 34 GLU 34 34 34 GLU GLU B . n 
B 1 35 GLU 35 35 35 GLU GLU B . n 
B 1 36 MET 36 36 36 MET MET B . n 
B 1 37 ASN 37 37 37 ASN ASN B . n 
B 1 38 LEU 38 38 38 LEU LEU B . n 
B 1 39 PRO 39 39 39 PRO PRO B . n 
B 1 40 GLY 40 40 40 GLY GLY B . n 
B 1 41 ARG 41 41 41 ARG ARG B . n 
B 1 42 TRP 42 42 42 TRP TRP B . n 
B 1 43 LYS 43 43 43 LYS LYS B . n 
B 1 44 PRO 44 44 44 PRO PRO B . n 
B 1 45 LYS 45 45 45 LYS LYS B . n 
B 1 46 MET 46 46 46 MET MET B . n 
B 1 47 ILE 47 47 47 ILE ILE B . n 
B 1 48 GLY 48 48 48 GLY GLY B . n 
B 1 49 GLY 49 49 49 GLY GLY B . n 
B 1 50 ILE 50 50 50 ILE ILE B . n 
B 1 51 GLY 51 51 51 GLY GLY B . n 
B 1 52 GLY 52 52 52 GLY GLY B . n 
B 1 53 PHE 53 53 53 PHE PHE B . n 
B 1 54 ILE 54 54 54 ILE ILE B . n 
B 1 55 LYS 55 55 55 LYS LYS B . n 
B 1 56 VAL 56 56 56 VAL VAL B . n 
B 1 57 ARG 57 57 57 ARG ARG B . n 
B 1 58 GLN 58 58 58 GLN GLN B . n 
B 1 59 TYR 59 59 59 TYR TYR B . n 
B 1 60 ASP 60 60 60 ASP ASP B . n 
B 1 61 GLN 61 61 61 GLN GLN B . n 
B 1 62 ILE 62 62 62 ILE ILE B . n 
B 1 63 LEU 63 63 63 LEU LEU B . n 
B 1 64 ILE 64 64 64 ILE ILE B . n 
B 1 65 GLU 65 65 65 GLU GLU B . n 
B 1 66 ILE 66 66 66 ILE ILE B . n 
B 1 67 CYS 67 67 67 CYS CYS B . n 
B 1 68 GLY 68 68 68 GLY GLY B . n 
B 1 69 HIS 69 69 69 HIS HIS B . n 
B 1 70 LYS 70 70 70 LYS LYS B . n 
B 1 71 ALA 71 71 71 ALA ALA B . n 
B 1 72 ILE 72 72 72 ILE ILE B . n 
B 1 73 GLY 73 73 73 GLY GLY B . n 
B 1 74 THR 74 74 74 THR THR B . n 
B 1 75 VAL 75 75 75 VAL VAL B . n 
B 1 76 LEU 76 76 76 LEU LEU B . n 
B 1 77 VAL 77 77 77 VAL VAL B . n 
B 1 78 GLY 78 78 78 GLY GLY B . n 
B 1 79 PRO 79 79 79 PRO PRO B . n 
B 1 80 THR 80 80 80 THR THR B . n 
B 1 81 PRO 81 81 81 PRO PRO B . n 
B 1 82 VAL 82 82 82 VAL VAL B . n 
B 1 83 ASN 83 83 83 ASN ASN B . n 
B 1 84 ILE 84 84 84 ILE ILE B . n 
B 1 85 ILE 85 85 85 ILE ILE B . n 
B 1 86 GLY 86 86 86 GLY GLY B . n 
B 1 87 ARG 87 87 87 ARG ARG B . n 
B 1 88 ASN 88 88 88 ASN ASN B . n 
B 1 89 LEU 89 89 89 LEU LEU B . n 
B 1 90 LEU 90 90 90 LEU LEU B . n 
B 1 91 THR 91 91 91 THR THR B . n 
B 1 92 GLN 92 92 92 GLN GLN B . n 
B 1 93 ILE 93 93 93 ILE ILE B . n 
B 1 94 GLY 94 94 94 GLY GLY B . n 
B 1 95 CYS 95 95 95 CYS CYS B . n 
B 1 96 THR 96 96 96 THR THR B . n 
B 1 97 LEU 97 97 97 LEU LEU B . n 
B 1 98 ASN 98 98 98 ASN ASN B . n 
B 1 99 PHE 99 99 99 PHE PHE B . n 
# 
loop_
_pdbx_nonpoly_scheme.asym_id 
_pdbx_nonpoly_scheme.entity_id 
_pdbx_nonpoly_scheme.mon_id 
_pdbx_nonpoly_scheme.ndb_seq_num 
_pdbx_nonpoly_scheme.pdb_seq_num 
_pdbx_nonpoly_scheme.auth_seq_num 
_pdbx_nonpoly_scheme.pdb_mon_id 
_pdbx_nonpoly_scheme.auth_mon_id 
_pdbx_nonpoly_scheme.pdb_strand_id 
_pdbx_nonpoly_scheme.pdb_ins_code 
C 2 A88 1  301 301 A88 A88 A . 
D 3 HOH 1  402 402 HOH HOH A . 
D 3 HOH 2  404 404 HOH HOH A . 
D 3 HOH 3  406 406 HOH HOH A . 
D 3 HOH 4  408 408 HOH HOH A . 
D 3 HOH 5  409 409 HOH HOH A . 
D 3 HOH 6  411 411 HOH HOH A . 
D 3 HOH 7  420 420 HOH HOH A . 
D 3 HOH 8  424 424 HOH HOH A . 
D 3 HOH 9  426 426 HOH HOH A . 
D 3 HOH 10 429 429 HOH HOH A . 
D 3 HOH 11 432 432 HOH HOH A . 
D 3 HOH 12 434 434 HOH HOH A . 
D 3 HOH 13 437 437 HOH HOH A . 
D 3 HOH 14 439 439 HOH HOH A . 
E 3 HOH 1  401 401 HOH HOH B . 
E 3 HOH 2  403 403 HOH HOH B . 
E 3 HOH 3  405 405 HOH HOH B . 
E 3 HOH 4  407 407 HOH HOH B . 
E 3 HOH 5  410 410 HOH HOH B . 
E 3 HOH 6  412 412 HOH HOH B . 
E 3 HOH 7  413 413 HOH HOH B . 
E 3 HOH 8  414 414 HOH HOH B . 
E 3 HOH 9  415 415 HOH HOH B . 
E 3 HOH 10 416 416 HOH HOH B . 
E 3 HOH 11 417 417 HOH HOH B . 
E 3 HOH 12 418 418 HOH HOH B . 
E 3 HOH 13 419 419 HOH HOH B . 
E 3 HOH 14 421 421 HOH HOH B . 
E 3 HOH 15 422 422 HOH HOH B . 
E 3 HOH 16 423 423 HOH HOH B . 
E 3 HOH 17 425 425 HOH HOH B . 
E 3 HOH 18 427 427 HOH HOH B . 
E 3 HOH 19 428 428 HOH HOH B . 
E 3 HOH 20 430 430 HOH HOH B . 
E 3 HOH 21 431 431 HOH HOH B . 
E 3 HOH 22 433 433 HOH HOH B . 
E 3 HOH 23 435 435 HOH HOH B . 
E 3 HOH 24 436 436 HOH HOH B . 
E 3 HOH 25 438 438 HOH HOH B . 
E 3 HOH 26 440 440 HOH HOH B . 
# 
loop_
_software.name 
_software.classification 
_software.version 
_software.citation_id 
_software.pdbx_ordinal 
X-PLOR 'model building' .                  ? 1 
X-PLOR refinement       .                  ? 2 
R-AXIS 'data reduction' '(HIGASHI/RIGAKU)' ? 3 
X-PLOR phasing          .                  ? 4 
# 
_cell.entry_id           1PRO 
_cell.length_a           63.080 
_cell.length_b           63.080 
_cell.length_c           83.680 
_cell.angle_alpha        90.00 
_cell.angle_beta         90.00 
_cell.angle_gamma        120.00 
_cell.Z_PDB              12 
_cell.pdbx_unique_axis   ? 
# 
_symmetry.entry_id                         1PRO 
_symmetry.space_group_name_H-M             'P 61' 
_symmetry.pdbx_full_space_group_name_H-M   ? 
_symmetry.cell_setting                     ? 
_symmetry.Int_Tables_number                169 
# 
_exptl.entry_id          1PRO 
_exptl.method            'X-RAY DIFFRACTION' 
_exptl.crystals_number   ? 
# 
_exptl_crystal.id                    1 
_exptl_crystal.density_meas          ? 
_exptl_crystal.density_Matthews      2.22 
_exptl_crystal.density_percent_sol   44. 
_exptl_crystal.description           ? 
# 
_diffrn.id                     1 
_diffrn.ambient_temp           ? 
_diffrn.ambient_temp_details   ? 
_diffrn.crystal_id             1 
# 
_diffrn_detector.diffrn_id              1 
_diffrn_detector.detector               'IMAGE PLATE' 
_diffrn_detector.type                   RIGAKU 
_diffrn_detector.pdbx_collection_date   1994-02-19 
_diffrn_detector.details                ? 
# 
_diffrn_radiation.diffrn_id                        1 
_diffrn_radiation.wavelength_id                    1 
_diffrn_radiation.pdbx_monochromatic_or_laue_m_l   M 
_diffrn_radiation.monochromator                    ? 
_diffrn_radiation.pdbx_diffrn_protocol             ? 
_diffrn_radiation.pdbx_scattering_type             x-ray 
# 
_diffrn_radiation_wavelength.id           1 
_diffrn_radiation_wavelength.wavelength   1.5418 
_diffrn_radiation_wavelength.wt           1.0 
# 
_diffrn_source.diffrn_id                   1 
_diffrn_source.source                      ? 
_diffrn_source.type                        ? 
_diffrn_source.pdbx_synchrotron_site       ? 
_diffrn_source.pdbx_synchrotron_beamline   ? 
_diffrn_source.pdbx_wavelength             1.5418 
_diffrn_source.pdbx_wavelength_list        ? 
# 
_reflns.entry_id                     1PRO 
_reflns.observed_criterion_sigma_I   2. 
_reflns.observed_criterion_sigma_F   ? 
_reflns.d_resolution_low             ? 
_reflns.d_resolution_high            ? 
_reflns.number_obs                   16426 
_reflns.number_all                   ? 
_reflns.percent_possible_obs         93. 
_reflns.pdbx_Rmerge_I_obs            0.0496000 
_reflns.pdbx_Rsym_value              ? 
_reflns.pdbx_netI_over_sigmaI        ? 
_reflns.B_iso_Wilson_estimate        ? 
_reflns.pdbx_redundancy              4.7 
_reflns.pdbx_diffrn_id               1 
_reflns.pdbx_ordinal                 1 
# 
_refine.entry_id                                 1PRO 
_refine.ls_number_reflns_obs                     16426 
_refine.ls_number_reflns_all                     ? 
_refine.pdbx_ls_sigma_I                          ? 
_refine.pdbx_ls_sigma_F                          2. 
_refine.pdbx_data_cutoff_high_absF               ? 
_refine.pdbx_data_cutoff_low_absF                ? 
_refine.pdbx_data_cutoff_high_rms_absF           ? 
_refine.ls_d_res_low                             10.0 
_refine.ls_d_res_high                            1.8 
_refine.ls_percent_reflns_obs                    93. 
_refine.ls_R_factor_obs                          0.1850000 
_refine.ls_R_factor_all                          ? 
_refine.ls_R_factor_R_work                       0.1850000 
_refine.ls_R_factor_R_free                       0.3100000 
_refine.ls_R_factor_R_free_error                 ? 
_refine.ls_R_factor_R_free_error_details         ? 
_refine.ls_percent_reflns_R_free                 ? 
_refine.ls_number_reflns_R_free                  ? 
_refine.ls_number_parameters                     ? 
_refine.ls_number_restraints                     ? 
_refine.occupancy_min                            ? 
_refine.occupancy_max                            ? 
_refine.B_iso_mean                               28.7 
_refine.aniso_B[1][1]                            ? 
_refine.aniso_B[2][2]                            ? 
_refine.aniso_B[3][3]                            ? 
_refine.aniso_B[1][2]                            ? 
_refine.aniso_B[1][3]                            ? 
_refine.aniso_B[2][3]                            ? 
_refine.solvent_model_details                    ? 
_refine.solvent_model_param_ksol                 ? 
_refine.solvent_model_param_bsol                 ? 
_refine.pdbx_ls_cross_valid_method               ? 
_refine.details                                  ? 
_refine.pdbx_starting_model                      ? 
_refine.pdbx_method_to_determine_struct          ? 
_refine.pdbx_isotropic_thermal_model             ? 
_refine.pdbx_stereochemistry_target_values       ? 
_refine.pdbx_stereochem_target_val_spec_case     ? 
_refine.pdbx_R_Free_selection_details            ? 
_refine.pdbx_overall_ESU_R                       ? 
_refine.pdbx_overall_ESU_R_Free                  ? 
_refine.overall_SU_ML                            ? 
_refine.overall_SU_B                             ? 
_refine.pdbx_refine_id                           'X-RAY DIFFRACTION' 
_refine.pdbx_diffrn_id                           1 
_refine.pdbx_TLS_residual_ADP_flag               ? 
_refine.correlation_coeff_Fo_to_Fc               ? 
_refine.correlation_coeff_Fo_to_Fc_free          ? 
_refine.pdbx_solvent_vdw_probe_radii             ? 
_refine.pdbx_solvent_ion_probe_radii             ? 
_refine.pdbx_solvent_shrinkage_radii             ? 
_refine.pdbx_overall_phase_error                 ? 
_refine.overall_SU_R_Cruickshank_DPI             ? 
_refine.pdbx_overall_SU_R_free_Cruickshank_DPI   ? 
_refine.pdbx_overall_SU_R_Blow_DPI               ? 
_refine.pdbx_overall_SU_R_free_Blow_DPI          ? 
# 
_refine_analyze.entry_id                        1PRO 
_refine_analyze.Luzzati_coordinate_error_obs    0.18 
_refine_analyze.Luzzati_sigma_a_obs             ? 
_refine_analyze.Luzzati_d_res_low_obs           ? 
_refine_analyze.Luzzati_coordinate_error_free   ? 
_refine_analyze.Luzzati_sigma_a_free            ? 
_refine_analyze.Luzzati_d_res_low_free          ? 
_refine_analyze.number_disordered_residues      ? 
_refine_analyze.occupancy_sum_hydrogen          ? 
_refine_analyze.occupancy_sum_non_hydrogen      ? 
_refine_analyze.pdbx_refine_id                  'X-RAY DIFFRACTION' 
# 
_refine_hist.pdbx_refine_id                   'X-RAY DIFFRACTION' 
_refine_hist.cycle_id                         LAST 
_refine_hist.pdbx_number_atoms_protein        1520 
_refine_hist.pdbx_number_atoms_nucleic_acid   0 
_refine_hist.pdbx_number_atoms_ligand         43 
_refine_hist.number_atoms_solvent             120 
_refine_hist.number_atoms_total               1683 
_refine_hist.d_res_high                       1.8 
_refine_hist.d_res_low                        10.0 
# 
loop_
_refine_ls_restr.type 
_refine_ls_restr.dev_ideal 
_refine_ls_restr.dev_ideal_target 
_refine_ls_restr.weight 
_refine_ls_restr.number 
_refine_ls_restr.pdbx_refine_id 
_refine_ls_restr.pdbx_restraint_function 
x_bond_d                0.014 ? ? ? 'X-RAY DIFFRACTION' ? 
x_bond_d_na             ?     ? ? ? 'X-RAY DIFFRACTION' ? 
x_bond_d_prot           ?     ? ? ? 'X-RAY DIFFRACTION' ? 
x_angle_d               ?     ? ? ? 'X-RAY DIFFRACTION' ? 
x_angle_d_na            ?     ? ? ? 'X-RAY DIFFRACTION' ? 
x_angle_d_prot          ?     ? ? ? 'X-RAY DIFFRACTION' ? 
x_angle_deg             2.7   ? ? ? 'X-RAY DIFFRACTION' ? 
x_angle_deg_na          ?     ? ? ? 'X-RAY DIFFRACTION' ? 
x_angle_deg_prot        ?     ? ? ? 'X-RAY DIFFRACTION' ? 
x_dihedral_angle_d      25.   ? ? ? 'X-RAY DIFFRACTION' ? 
x_dihedral_angle_d_na   ?     ? ? ? 'X-RAY DIFFRACTION' ? 
x_dihedral_angle_d_prot ?     ? ? ? 'X-RAY DIFFRACTION' ? 
x_improper_angle_d      1.1   ? ? ? 'X-RAY DIFFRACTION' ? 
x_improper_angle_d_na   ?     ? ? ? 'X-RAY DIFFRACTION' ? 
x_improper_angle_d_prot ?     ? ? ? 'X-RAY DIFFRACTION' ? 
x_mcbond_it             ?     ? ? ? 'X-RAY DIFFRACTION' ? 
x_mcangle_it            ?     ? ? ? 'X-RAY DIFFRACTION' ? 
x_scbond_it             ?     ? ? ? 'X-RAY DIFFRACTION' ? 
x_scangle_it            ?     ? ? ? 'X-RAY DIFFRACTION' ? 
# 
_struct.entry_id                  1PRO 
_struct.title                     'HIV-1 PROTEASE DIMER COMPLEXED WITH A-98881' 
_struct.pdbx_model_details        ? 
_struct.pdbx_CASP_flag            ? 
_struct.pdbx_model_type_details   ? 
# 
_struct_keywords.entry_id        1PRO 
_struct_keywords.pdbx_keywords   'HYDROLASE (ASPARTIC PROTEASE)' 
_struct_keywords.text            
'AIDS, POLYPROTEIN, HYDROLASE, ASPARTIC PROTEASE, ENDONUCLEASE, RNA-DIRECTED DNA POLYMERASE, HYDROLASE (ASPARTIC PROTEASE)' 
# 
loop_
_struct_asym.id 
_struct_asym.pdbx_blank_PDB_chainid_flag 
_struct_asym.pdbx_modified 
_struct_asym.entity_id 
_struct_asym.details 
A N N 1 ? 
B N N 1 ? 
C N N 2 ? 
D N N 3 ? 
E N N 3 ? 
# 
_struct_ref.id                         1 
_struct_ref.db_name                    UNP 
_struct_ref.db_code                    POL_HV1Z2 
_struct_ref.entity_id                  1 
_struct_ref.pdbx_db_accession          P12499 
_struct_ref.pdbx_align_begin           1 
_struct_ref.pdbx_seq_one_letter_code   
;DGQYNNSLSEAGADRQGTVSFSFPQITLWQRPLVTIKIGGQLKEALLDTGADDTVLEEMNLPGRWKPKMIGGIGGFIKVR
QYDQILIEICGHKAIGTVLVGPTPVNIIGRNLLTQIGCTLNFPISPIETVPVKLKPGMDGPKVKQWPLTEEKIKALVEIC
TEMEKEGKISKIGPENPYNTPVFAIKKKDSTKWRKLVDFRELNKRTQDFWEVQLGIPHPAGLKKKKSVTVLDVGDAYFSV
PLDKDFRKYTAFTIPSINNETPGIRYQYNVLPQGWKGSPAIFQSSMTKILEPFRKQNPDIVIYQYMDDLYVGSDLEIGQH
RTKIEELRQHLLRWGFTTPDKKHQKEPPFLWMGYELHPDKWTVQPIVLPEKDSWTV
;
_struct_ref.pdbx_db_isoform            ? 
# 
loop_
_struct_ref_seq.align_id 
_struct_ref_seq.ref_id 
_struct_ref_seq.pdbx_PDB_id_code 
_struct_ref_seq.pdbx_strand_id 
_struct_ref_seq.seq_align_beg 
_struct_ref_seq.pdbx_seq_align_beg_ins_code 
_struct_ref_seq.seq_align_end 
_struct_ref_seq.pdbx_seq_align_end_ins_code 
_struct_ref_seq.pdbx_db_accession 
_struct_ref_seq.db_align_beg 
_struct_ref_seq.pdbx_db_align_beg_ins_code 
_struct_ref_seq.db_align_end 
_struct_ref_seq.pdbx_db_align_end_ins_code 
_struct_ref_seq.pdbx_auth_seq_align_beg 
_struct_ref_seq.pdbx_auth_seq_align_end 
1 1 1PRO A 1 ? 99 ? P12499 24 ? 122 ? 1 99 
2 1 1PRO B 1 ? 99 ? P12499 24 ? 122 ? 1 99 
# 
_pdbx_struct_assembly.id                   1 
_pdbx_struct_assembly.details              author_and_software_defined_assembly 
_pdbx_struct_assembly.method_details       PISA 
_pdbx_struct_assembly.oligomeric_details   dimeric 
_pdbx_struct_assembly.oligomeric_count     2 
# 
loop_
_pdbx_struct_assembly_prop.biol_id 
_pdbx_struct_assembly_prop.type 
_pdbx_struct_assembly_prop.value 
_pdbx_struct_assembly_prop.details 
1 'ABSA (A^2)' 4930 ? 
1 MORE         -28  ? 
1 'SSA (A^2)'  9270 ? 
# 
_pdbx_struct_assembly_gen.assembly_id       1 
_pdbx_struct_assembly_gen.oper_expression   1 
_pdbx_struct_assembly_gen.asym_id_list      A,B,C,D,E 
# 
_pdbx_struct_oper_list.id                   1 
_pdbx_struct_oper_list.type                 'identity operation' 
_pdbx_struct_oper_list.name                 1_555 
_pdbx_struct_oper_list.symmetry_operation   x,y,z 
_pdbx_struct_oper_list.matrix[1][1]         1.0000000000 
_pdbx_struct_oper_list.matrix[1][2]         0.0000000000 
_pdbx_struct_oper_list.matrix[1][3]         0.0000000000 
_pdbx_struct_oper_list.vector[1]            0.0000000000 
_pdbx_struct_oper_list.matrix[2][1]         0.0000000000 
_pdbx_struct_oper_list.matrix[2][2]         1.0000000000 
_pdbx_struct_oper_list.matrix[2][3]         0.0000000000 
_pdbx_struct_oper_list.vector[2]            0.0000000000 
_pdbx_struct_oper_list.matrix[3][1]         0.0000000000 
_pdbx_struct_oper_list.matrix[3][2]         0.0000000000 
_pdbx_struct_oper_list.matrix[3][3]         1.0000000000 
_pdbx_struct_oper_list.vector[3]            0.0000000000 
# 
_struct_biol.id   1 
# 
loop_
_struct_conf.conf_type_id 
_struct_conf.id 
_struct_conf.pdbx_PDB_helix_id 
_struct_conf.beg_label_comp_id 
_struct_conf.beg_label_asym_id 
_struct_conf.beg_label_seq_id 
_struct_conf.pdbx_beg_PDB_ins_code 
_struct_conf.end_label_comp_id 
_struct_conf.end_label_asym_id 
_struct_conf.end_label_seq_id 
_struct_conf.pdbx_end_PDB_ins_code 
_struct_conf.beg_auth_comp_id 
_struct_conf.beg_auth_asym_id 
_struct_conf.beg_auth_seq_id 
_struct_conf.end_auth_comp_id 
_struct_conf.end_auth_asym_id 
_struct_conf.end_auth_seq_id 
_struct_conf.pdbx_PDB_helix_class 
_struct_conf.details 
_struct_conf.pdbx_PDB_helix_length 
HELX_P HELX_P1 1 ARG A 87 ? LEU A 90 ? ARG A 87 LEU A 90 1 ? 4 
HELX_P HELX_P2 2 ARG B 87 ? LEU B 90 ? ARG B 87 LEU B 90 1 ? 4 
# 
_struct_conf_type.id          HELX_P 
_struct_conf_type.criteria    ? 
_struct_conf_type.reference   ? 
# 
loop_
_struct_sheet.id 
_struct_sheet.type 
_struct_sheet.number_strands 
_struct_sheet.details 
A ? 4 ? 
B ? 3 ? 
C ? 2 ? 
D ? 4 ? 
E ? 3 ? 
# 
loop_
_struct_sheet_order.sheet_id 
_struct_sheet_order.range_id_1 
_struct_sheet_order.range_id_2 
_struct_sheet_order.offset 
_struct_sheet_order.sense 
A 1 2 ? anti-parallel 
A 2 3 ? anti-parallel 
A 3 4 ? anti-parallel 
B 1 2 ? anti-parallel 
B 2 3 ? anti-parallel 
C 1 2 ? anti-parallel 
D 1 2 ? anti-parallel 
D 2 3 ? anti-parallel 
D 3 4 ? anti-parallel 
E 1 2 ? anti-parallel 
E 2 3 ? anti-parallel 
# 
loop_
_struct_sheet_range.sheet_id 
_struct_sheet_range.id 
_struct_sheet_range.beg_label_comp_id 
_struct_sheet_range.beg_label_asym_id 
_struct_sheet_range.beg_label_seq_id 
_struct_sheet_range.pdbx_beg_PDB_ins_code 
_struct_sheet_range.end_label_comp_id 
_struct_sheet_range.end_label_asym_id 
_struct_sheet_range.end_label_seq_id 
_struct_sheet_range.pdbx_end_PDB_ins_code 
_struct_sheet_range.beg_auth_comp_id 
_struct_sheet_range.beg_auth_asym_id 
_struct_sheet_range.beg_auth_seq_id 
_struct_sheet_range.end_auth_comp_id 
_struct_sheet_range.end_auth_asym_id 
_struct_sheet_range.end_auth_seq_id 
A 1 GLN A 18 ? LEU A 23 ? GLN A 18 LEU A 23 
A 2 LEU A 10 ? ILE A 15 ? LEU A 10 ILE A 15 
A 3 ILE A 62 ? ILE A 66 ? ILE A 62 ILE A 66 
A 4 HIS A 69 ? GLY A 73 ? HIS A 69 GLY A 73 
B 1 LYS A 43 ? GLY A 49 ? LYS A 43 GLY A 49 
B 2 GLY A 52 ? TYR A 59 ? GLY A 52 TYR A 59 
B 3 VAL A 75 ? GLY A 78 ? VAL A 75 GLY A 78 
C 1 THR A 96 ? ASN A 98 ? THR A 96 ASN A 98 
C 2 THR B 96 ? ASN B 98 ? THR B 96 ASN B 98 
D 1 GLN B 18 ? LEU B 23 ? GLN B 18 LEU B 23 
D 2 LEU B 10 ? ILE B 15 ? LEU B 10 ILE B 15 
D 3 ILE B 62 ? ILE B 66 ? ILE B 62 ILE B 66 
D 4 HIS B 69 ? GLY B 73 ? HIS B 69 GLY B 73 
E 1 LYS B 43 ? GLY B 49 ? LYS B 43 GLY B 49 
E 2 GLY B 52 ? TYR B 59 ? GLY B 52 TYR B 59 
E 3 VAL B 75 ? GLY B 78 ? VAL B 75 GLY B 78 
# 
loop_
_pdbx_struct_sheet_hbond.sheet_id 
_pdbx_struct_sheet_hbond.range_id_1 
_pdbx_struct_sheet_hbond.range_id_2 
_pdbx_struct_sheet_hbond.range_1_label_atom_id 
_pdbx_struct_sheet_hbond.range_1_label_comp_id 
_pdbx_struct_sheet_hbond.range_1_label_asym_id 
_pdbx_struct_sheet_hbond.range_1_label_seq_id 
_pdbx_struct_sheet_hbond.range_1_PDB_ins_code 
_pdbx_struct_sheet_hbond.range_1_auth_atom_id 
_pdbx_struct_sheet_hbond.range_1_auth_comp_id 
_pdbx_struct_sheet_hbond.range_1_auth_asym_id 
_pdbx_struct_sheet_hbond.range_1_auth_seq_id 
_pdbx_struct_sheet_hbond.range_2_label_atom_id 
_pdbx_struct_sheet_hbond.range_2_label_comp_id 
_pdbx_struct_sheet_hbond.range_2_label_asym_id 
_pdbx_struct_sheet_hbond.range_2_label_seq_id 
_pdbx_struct_sheet_hbond.range_2_PDB_ins_code 
_pdbx_struct_sheet_hbond.range_2_auth_atom_id 
_pdbx_struct_sheet_hbond.range_2_auth_comp_id 
_pdbx_struct_sheet_hbond.range_2_auth_asym_id 
_pdbx_struct_sheet_hbond.range_2_auth_seq_id 
A 1 2 O GLN A 18 ? O GLN A 18 N ILE A 15 ? N ILE A 15 
A 2 3 O LYS A 14 ? O LYS A 14 N GLU A 65 ? N GLU A 65 
A 3 4 O ILE A 62 ? O ILE A 62 N GLY A 73 ? N GLY A 73 
B 1 2 O LYS A 43 ? O LYS A 43 N GLN A 58 ? N GLN A 58 
B 2 3 O ARG A 57 ? O ARG A 57 N VAL A 77 ? N VAL A 77 
C 1 2 O THR A 96 ? O THR A 96 N ASN B 98 ? N ASN B 98 
D 1 2 O GLN B 18 ? O GLN B 18 N ILE B 15 ? N ILE B 15 
D 2 3 O LYS B 14 ? O LYS B 14 N GLU B 65 ? N GLU B 65 
D 3 4 O ILE B 62 ? O ILE B 62 N GLY B 73 ? N GLY B 73 
E 1 2 O LYS B 43 ? O LYS B 43 N GLN B 58 ? N GLN B 58 
E 2 3 O ARG B 57 ? O ARG B 57 N VAL B 77 ? N VAL B 77 
# 
_struct_site.id                   AC1 
_struct_site.pdbx_evidence_code   Software 
_struct_site.pdbx_auth_asym_id    A 
_struct_site.pdbx_auth_comp_id    A88 
_struct_site.pdbx_auth_seq_id     301 
_struct_site.pdbx_auth_ins_code   ? 
_struct_site.pdbx_num_residues    19 
_struct_site.details              'BINDING SITE FOR RESIDUE A88 A 301' 
# 
loop_
_struct_site_gen.id 
_struct_site_gen.site_id 
_struct_site_gen.pdbx_num_res 
_struct_site_gen.label_comp_id 
_struct_site_gen.label_asym_id 
_struct_site_gen.label_seq_id 
_struct_site_gen.pdbx_auth_ins_code 
_struct_site_gen.auth_comp_id 
_struct_site_gen.auth_asym_id 
_struct_site_gen.auth_seq_id 
_struct_site_gen.label_atom_id 
_struct_site_gen.label_alt_id 
_struct_site_gen.symmetry 
_struct_site_gen.details 
1  AC1 19 ARG A 8  ? ARG A 8  . ? 1_555 ? 
2  AC1 19 ASP A 25 ? ASP A 25 . ? 1_555 ? 
3  AC1 19 GLY A 27 ? GLY A 27 . ? 1_555 ? 
4  AC1 19 ALA A 28 ? ALA A 28 . ? 1_555 ? 
5  AC1 19 ASP A 29 ? ASP A 29 . ? 1_555 ? 
6  AC1 19 ASP A 30 ? ASP A 30 . ? 1_555 ? 
7  AC1 19 GLY A 48 ? GLY A 48 . ? 1_555 ? 
8  AC1 19 GLY A 49 ? GLY A 49 . ? 1_555 ? 
9  AC1 19 ILE A 50 ? ILE A 50 . ? 1_555 ? 
10 AC1 19 PRO A 81 ? PRO A 81 . ? 1_555 ? 
11 AC1 19 VAL A 82 ? VAL A 82 . ? 1_555 ? 
12 AC1 19 ASP B 25 ? ASP B 25 . ? 1_555 ? 
13 AC1 19 GLY B 27 ? GLY B 27 . ? 1_555 ? 
14 AC1 19 ALA B 28 ? ALA B 28 . ? 1_555 ? 
15 AC1 19 ASP B 29 ? ASP B 29 . ? 1_555 ? 
16 AC1 19 ASP B 30 ? ASP B 30 . ? 1_555 ? 
17 AC1 19 GLY B 49 ? GLY B 49 . ? 1_555 ? 
18 AC1 19 ILE B 50 ? ILE B 50 . ? 1_555 ? 
19 AC1 19 PRO B 81 ? PRO B 81 . ? 1_555 ? 
# 
_pdbx_validate_rmsd_bond.id                        1 
_pdbx_validate_rmsd_bond.PDB_model_num             1 
_pdbx_validate_rmsd_bond.auth_atom_id_1            NE2 
_pdbx_validate_rmsd_bond.auth_asym_id_1            A 
_pdbx_validate_rmsd_bond.auth_comp_id_1            HIS 
_pdbx_validate_rmsd_bond.auth_seq_id_1             69 
_pdbx_validate_rmsd_bond.PDB_ins_code_1            ? 
_pdbx_validate_rmsd_bond.label_alt_id_1            ? 
_pdbx_validate_rmsd_bond.auth_atom_id_2            CD2 
_pdbx_validate_rmsd_bond.auth_asym_id_2            A 
_pdbx_validate_rmsd_bond.auth_comp_id_2            HIS 
_pdbx_validate_rmsd_bond.auth_seq_id_2             69 
_pdbx_validate_rmsd_bond.PDB_ins_code_2            ? 
_pdbx_validate_rmsd_bond.label_alt_id_2            ? 
_pdbx_validate_rmsd_bond.bond_value                1.306 
_pdbx_validate_rmsd_bond.bond_target_value         1.373 
_pdbx_validate_rmsd_bond.bond_deviation            -0.067 
_pdbx_validate_rmsd_bond.bond_standard_deviation   0.011 
_pdbx_validate_rmsd_bond.linker_flag               N 
# 
loop_
_pdbx_validate_rmsd_angle.id 
_pdbx_validate_rmsd_angle.PDB_model_num 
_pdbx_validate_rmsd_angle.auth_atom_id_1 
_pdbx_validate_rmsd_angle.auth_asym_id_1 
_pdbx_validate_rmsd_angle.auth_comp_id_1 
_pdbx_validate_rmsd_angle.auth_seq_id_1 
_pdbx_validate_rmsd_angle.PDB_ins_code_1 
_pdbx_validate_rmsd_angle.label_alt_id_1 
_pdbx_validate_rmsd_angle.auth_atom_id_2 
_pdbx_validate_rmsd_angle.auth_asym_id_2 
_pdbx_validate_rmsd_angle.auth_comp_id_2 
_pdbx_validate_rmsd_angle.auth_seq_id_2 
_pdbx_validate_rmsd_angle.PDB_ins_code_2 
_pdbx_validate_rmsd_angle.label_alt_id_2 
_pdbx_validate_rmsd_angle.auth_atom_id_3 
_pdbx_validate_rmsd_angle.auth_asym_id_3 
_pdbx_validate_rmsd_angle.auth_comp_id_3 
_pdbx_validate_rmsd_angle.auth_seq_id_3 
_pdbx_validate_rmsd_angle.PDB_ins_code_3 
_pdbx_validate_rmsd_angle.label_alt_id_3 
_pdbx_validate_rmsd_angle.angle_value 
_pdbx_validate_rmsd_angle.angle_target_value 
_pdbx_validate_rmsd_angle.angle_deviation 
_pdbx_validate_rmsd_angle.angle_standard_deviation 
_pdbx_validate_rmsd_angle.linker_flag 
1  1 CD1 A TRP 6  ? ? CG  A TRP 6  ? ? CD2 A TRP 6  ? ? 112.21 106.30 5.91   0.80 N 
2  1 CE2 A TRP 6  ? ? CD2 A TRP 6  ? ? CG  A TRP 6  ? ? 101.53 107.30 -5.77  0.80 N 
3  1 N   A VAL 11 ? ? CA  A VAL 11 ? ? CB  A VAL 11 ? ? 97.81  111.50 -13.69 2.20 N 
4  1 CD1 A TRP 42 ? ? CG  A TRP 42 ? ? CD2 A TRP 42 ? ? 113.18 106.30 6.88   0.80 N 
5  1 CE2 A TRP 42 ? ? CD2 A TRP 42 ? ? CG  A TRP 42 ? ? 101.21 107.30 -6.09  0.80 N 
6  1 NE  A ARG 87 ? ? CZ  A ARG 87 ? ? NH1 A ARG 87 ? ? 125.03 120.30 4.73   0.50 N 
7  1 CD1 B TRP 6  ? ? CG  B TRP 6  ? ? CD2 B TRP 6  ? ? 112.57 106.30 6.27   0.80 N 
8  1 CE2 B TRP 6  ? ? CD2 B TRP 6  ? ? CG  B TRP 6  ? ? 101.36 107.30 -5.94  0.80 N 
9  1 CB  B ILE 15 ? ? CA  B ILE 15 ? ? C   B ILE 15 ? ? 99.22  111.60 -12.38 2.00 N 
10 1 CA  B LEU 23 ? ? CB  B LEU 23 ? ? CG  B LEU 23 ? ? 129.35 115.30 14.05  2.30 N 
11 1 CA  B GLU 34 ? ? CB  B GLU 34 ? ? CG  B GLU 34 ? ? 127.48 113.40 14.08  2.20 N 
12 1 CD1 B TRP 42 ? ? CG  B TRP 42 ? ? CD2 B TRP 42 ? ? 113.01 106.30 6.71   0.80 N 
13 1 CE2 B TRP 42 ? ? CD2 B TRP 42 ? ? CG  B TRP 42 ? ? 101.22 107.30 -6.08  0.80 N 
14 1 NE  B ARG 87 ? ? CZ  B ARG 87 ? ? NH1 B ARG 87 ? ? 123.35 120.30 3.05   0.50 N 
# 
loop_
_chem_comp_atom.comp_id 
_chem_comp_atom.atom_id 
_chem_comp_atom.type_symbol 
_chem_comp_atom.pdbx_aromatic_flag 
_chem_comp_atom.pdbx_stereo_config 
_chem_comp_atom.pdbx_ordinal 
A88 N1   N N N 1   
A88 N2   N N N 2   
A88 C3   C N N 3   
A88 O3   O N N 4   
A88 N4   N N N 5   
A88 C5   C N R 6   
A88 C6   C N R 7   
A88 O6   O N N 8   
A88 C7   C N N 9   
A88 C8   C N N 10  
A88 C9   C Y N 11  
A88 C10  C Y N 12  
A88 C11  C Y N 13  
A88 C12  C Y N 14  
A88 C13  C Y N 15  
A88 C14  C Y N 16  
A88 C15  C N N 17  
A88 C16  C Y N 18  
A88 C17  C Y N 19  
A88 C18  C Y N 20  
A88 C19  C Y N 21  
A88 C20  C Y N 22  
A88 C21  C Y N 23  
A88 C22  C N N 24  
A88 C23  C Y N 25  
A88 C24  C Y N 26  
A88 C25  C Y N 27  
A88 C26  C Y N 28  
A88 C27  C Y N 29  
A88 C28  C Y N 30  
A88 O29  O N N 31  
A88 O30  O N N 32  
A88 C31  C N N 33  
A88 C32  C N N 34  
A88 C33  C Y N 35  
A88 C34  C Y N 36  
A88 C35  C Y N 37  
A88 C36  C Y N 38  
A88 C37  C Y N 39  
A88 C38  C Y N 40  
A88 O39  O N N 41  
A88 O40  O N N 42  
A88 C41  C N N 43  
A88 H5   H N N 44  
A88 H6   H N N 45  
A88 HO6  H N N 46  
A88 H71  H N N 47  
A88 H72  H N N 48  
A88 H81  H N N 49  
A88 H82  H N N 50  
A88 H10  H N N 51  
A88 H11  H N N 52  
A88 H12  H N N 53  
A88 H13  H N N 54  
A88 H14  H N N 55  
A88 H151 H N N 56  
A88 H152 H N N 57  
A88 H17  H N N 58  
A88 H18  H N N 59  
A88 H19  H N N 60  
A88 H20  H N N 61  
A88 H21  H N N 62  
A88 H221 H N N 63  
A88 H222 H N N 64  
A88 H24  H N N 65  
A88 H27  H N N 66  
A88 H28  H N N 67  
A88 HO9  H N N 68  
A88 H311 H N N 69  
A88 H312 H N N 70  
A88 H313 H N N 71  
A88 H321 H N N 72  
A88 H322 H N N 73  
A88 H34  H N N 74  
A88 H35  H N N 75  
A88 H38  H N N 76  
A88 HO3  H N N 77  
A88 H411 H N N 78  
A88 H412 H N N 79  
A88 H413 H N N 80  
ALA N    N N N 81  
ALA CA   C N S 82  
ALA C    C N N 83  
ALA O    O N N 84  
ALA CB   C N N 85  
ALA OXT  O N N 86  
ALA H    H N N 87  
ALA H2   H N N 88  
ALA HA   H N N 89  
ALA HB1  H N N 90  
ALA HB2  H N N 91  
ALA HB3  H N N 92  
ALA HXT  H N N 93  
ARG N    N N N 94  
ARG CA   C N S 95  
ARG C    C N N 96  
ARG O    O N N 97  
ARG CB   C N N 98  
ARG CG   C N N 99  
ARG CD   C N N 100 
ARG NE   N N N 101 
ARG CZ   C N N 102 
ARG NH1  N N N 103 
ARG NH2  N N N 104 
ARG OXT  O N N 105 
ARG H    H N N 106 
ARG H2   H N N 107 
ARG HA   H N N 108 
ARG HB2  H N N 109 
ARG HB3  H N N 110 
ARG HG2  H N N 111 
ARG HG3  H N N 112 
ARG HD2  H N N 113 
ARG HD3  H N N 114 
ARG HE   H N N 115 
ARG HH11 H N N 116 
ARG HH12 H N N 117 
ARG HH21 H N N 118 
ARG HH22 H N N 119 
ARG HXT  H N N 120 
ASN N    N N N 121 
ASN CA   C N S 122 
ASN C    C N N 123 
ASN O    O N N 124 
ASN CB   C N N 125 
ASN CG   C N N 126 
ASN OD1  O N N 127 
ASN ND2  N N N 128 
ASN OXT  O N N 129 
ASN H    H N N 130 
ASN H2   H N N 131 
ASN HA   H N N 132 
ASN HB2  H N N 133 
ASN HB3  H N N 134 
ASN HD21 H N N 135 
ASN HD22 H N N 136 
ASN HXT  H N N 137 
ASP N    N N N 138 
ASP CA   C N S 139 
ASP C    C N N 140 
ASP O    O N N 141 
ASP CB   C N N 142 
ASP CG   C N N 143 
ASP OD1  O N N 144 
ASP OD2  O N N 145 
ASP OXT  O N N 146 
ASP H    H N N 147 
ASP H2   H N N 148 
ASP HA   H N N 149 
ASP HB2  H N N 150 
ASP HB3  H N N 151 
ASP HD2  H N N 152 
ASP HXT  H N N 153 
CYS N    N N N 154 
CYS CA   C N R 155 
CYS C    C N N 156 
CYS O    O N N 157 
CYS CB   C N N 158 
CYS SG   S N N 159 
CYS OXT  O N N 160 
CYS H    H N N 161 
CYS H2   H N N 162 
CYS HA   H N N 163 
CYS HB2  H N N 164 
CYS HB3  H N N 165 
CYS HG   H N N 166 
CYS HXT  H N N 167 
GLN N    N N N 168 
GLN CA   C N S 169 
GLN C    C N N 170 
GLN O    O N N 171 
GLN CB   C N N 172 
GLN CG   C N N 173 
GLN CD   C N N 174 
GLN OE1  O N N 175 
GLN NE2  N N N 176 
GLN OXT  O N N 177 
GLN H    H N N 178 
GLN H2   H N N 179 
GLN HA   H N N 180 
GLN HB2  H N N 181 
GLN HB3  H N N 182 
GLN HG2  H N N 183 
GLN HG3  H N N 184 
GLN HE21 H N N 185 
GLN HE22 H N N 186 
GLN HXT  H N N 187 
GLU N    N N N 188 
GLU CA   C N S 189 
GLU C    C N N 190 
GLU O    O N N 191 
GLU CB   C N N 192 
GLU CG   C N N 193 
GLU CD   C N N 194 
GLU OE1  O N N 195 
GLU OE2  O N N 196 
GLU OXT  O N N 197 
GLU H    H N N 198 
GLU H2   H N N 199 
GLU HA   H N N 200 
GLU HB2  H N N 201 
GLU HB3  H N N 202 
GLU HG2  H N N 203 
GLU HG3  H N N 204 
GLU HE2  H N N 205 
GLU HXT  H N N 206 
GLY N    N N N 207 
GLY CA   C N N 208 
GLY C    C N N 209 
GLY O    O N N 210 
GLY OXT  O N N 211 
GLY H    H N N 212 
GLY H2   H N N 213 
GLY HA2  H N N 214 
GLY HA3  H N N 215 
GLY HXT  H N N 216 
HIS N    N N N 217 
HIS CA   C N S 218 
HIS C    C N N 219 
HIS O    O N N 220 
HIS CB   C N N 221 
HIS CG   C Y N 222 
HIS ND1  N Y N 223 
HIS CD2  C Y N 224 
HIS CE1  C Y N 225 
HIS NE2  N Y N 226 
HIS OXT  O N N 227 
HIS H    H N N 228 
HIS H2   H N N 229 
HIS HA   H N N 230 
HIS HB2  H N N 231 
HIS HB3  H N N 232 
HIS HD1  H N N 233 
HIS HD2  H N N 234 
HIS HE1  H N N 235 
HIS HE2  H N N 236 
HIS HXT  H N N 237 
HOH O    O N N 238 
HOH H1   H N N 239 
HOH H2   H N N 240 
ILE N    N N N 241 
ILE CA   C N S 242 
ILE C    C N N 243 
ILE O    O N N 244 
ILE CB   C N S 245 
ILE CG1  C N N 246 
ILE CG2  C N N 247 
ILE CD1  C N N 248 
ILE OXT  O N N 249 
ILE H    H N N 250 
ILE H2   H N N 251 
ILE HA   H N N 252 
ILE HB   H N N 253 
ILE HG12 H N N 254 
ILE HG13 H N N 255 
ILE HG21 H N N 256 
ILE HG22 H N N 257 
ILE HG23 H N N 258 
ILE HD11 H N N 259 
ILE HD12 H N N 260 
ILE HD13 H N N 261 
ILE HXT  H N N 262 
LEU N    N N N 263 
LEU CA   C N S 264 
LEU C    C N N 265 
LEU O    O N N 266 
LEU CB   C N N 267 
LEU CG   C N N 268 
LEU CD1  C N N 269 
LEU CD2  C N N 270 
LEU OXT  O N N 271 
LEU H    H N N 272 
LEU H2   H N N 273 
LEU HA   H N N 274 
LEU HB2  H N N 275 
LEU HB3  H N N 276 
LEU HG   H N N 277 
LEU HD11 H N N 278 
LEU HD12 H N N 279 
LEU HD13 H N N 280 
LEU HD21 H N N 281 
LEU HD22 H N N 282 
LEU HD23 H N N 283 
LEU HXT  H N N 284 
LYS N    N N N 285 
LYS CA   C N S 286 
LYS C    C N N 287 
LYS O    O N N 288 
LYS CB   C N N 289 
LYS CG   C N N 290 
LYS CD   C N N 291 
LYS CE   C N N 292 
LYS NZ   N N N 293 
LYS OXT  O N N 294 
LYS H    H N N 295 
LYS H2   H N N 296 
LYS HA   H N N 297 
LYS HB2  H N N 298 
LYS HB3  H N N 299 
LYS HG2  H N N 300 
LYS HG3  H N N 301 
LYS HD2  H N N 302 
LYS HD3  H N N 303 
LYS HE2  H N N 304 
LYS HE3  H N N 305 
LYS HZ1  H N N 306 
LYS HZ2  H N N 307 
LYS HZ3  H N N 308 
LYS HXT  H N N 309 
MET N    N N N 310 
MET CA   C N S 311 
MET C    C N N 312 
MET O    O N N 313 
MET CB   C N N 314 
MET CG   C N N 315 
MET SD   S N N 316 
MET CE   C N N 317 
MET OXT  O N N 318 
MET H    H N N 319 
MET H2   H N N 320 
MET HA   H N N 321 
MET HB2  H N N 322 
MET HB3  H N N 323 
MET HG2  H N N 324 
MET HG3  H N N 325 
MET HE1  H N N 326 
MET HE2  H N N 327 
MET HE3  H N N 328 
MET HXT  H N N 329 
PHE N    N N N 330 
PHE CA   C N S 331 
PHE C    C N N 332 
PHE O    O N N 333 
PHE CB   C N N 334 
PHE CG   C Y N 335 
PHE CD1  C Y N 336 
PHE CD2  C Y N 337 
PHE CE1  C Y N 338 
PHE CE2  C Y N 339 
PHE CZ   C Y N 340 
PHE OXT  O N N 341 
PHE H    H N N 342 
PHE H2   H N N 343 
PHE HA   H N N 344 
PHE HB2  H N N 345 
PHE HB3  H N N 346 
PHE HD1  H N N 347 
PHE HD2  H N N 348 
PHE HE1  H N N 349 
PHE HE2  H N N 350 
PHE HZ   H N N 351 
PHE HXT  H N N 352 
PRO N    N N N 353 
PRO CA   C N S 354 
PRO C    C N N 355 
PRO O    O N N 356 
PRO CB   C N N 357 
PRO CG   C N N 358 
PRO CD   C N N 359 
PRO OXT  O N N 360 
PRO H    H N N 361 
PRO HA   H N N 362 
PRO HB2  H N N 363 
PRO HB3  H N N 364 
PRO HG2  H N N 365 
PRO HG3  H N N 366 
PRO HD2  H N N 367 
PRO HD3  H N N 368 
PRO HXT  H N N 369 
THR N    N N N 370 
THR CA   C N S 371 
THR C    C N N 372 
THR O    O N N 373 
THR CB   C N R 374 
THR OG1  O N N 375 
THR CG2  C N N 376 
THR OXT  O N N 377 
THR H    H N N 378 
THR H2   H N N 379 
THR HA   H N N 380 
THR HB   H N N 381 
THR HG1  H N N 382 
THR HG21 H N N 383 
THR HG22 H N N 384 
THR HG23 H N N 385 
THR HXT  H N N 386 
TRP N    N N N 387 
TRP CA   C N S 388 
TRP C    C N N 389 
TRP O    O N N 390 
TRP CB   C N N 391 
TRP CG   C Y N 392 
TRP CD1  C Y N 393 
TRP CD2  C Y N 394 
TRP NE1  N Y N 395 
TRP CE2  C Y N 396 
TRP CE3  C Y N 397 
TRP CZ2  C Y N 398 
TRP CZ3  C Y N 399 
TRP CH2  C Y N 400 
TRP OXT  O N N 401 
TRP H    H N N 402 
TRP H2   H N N 403 
TRP HA   H N N 404 
TRP HB2  H N N 405 
TRP HB3  H N N 406 
TRP HD1  H N N 407 
TRP HE1  H N N 408 
TRP HE3  H N N 409 
TRP HZ2  H N N 410 
TRP HZ3  H N N 411 
TRP HH2  H N N 412 
TRP HXT  H N N 413 
TYR N    N N N 414 
TYR CA   C N S 415 
TYR C    C N N 416 
TYR O    O N N 417 
TYR CB   C N N 418 
TYR CG   C Y N 419 
TYR CD1  C Y N 420 
TYR CD2  C Y N 421 
TYR CE1  C Y N 422 
TYR CE2  C Y N 423 
TYR CZ   C Y N 424 
TYR OH   O N N 425 
TYR OXT  O N N 426 
TYR H    H N N 427 
TYR H2   H N N 428 
TYR HA   H N N 429 
TYR HB2  H N N 430 
TYR HB3  H N N 431 
TYR HD1  H N N 432 
TYR HD2  H N N 433 
TYR HE1  H N N 434 
TYR HE2  H N N 435 
TYR HH   H N N 436 
TYR HXT  H N N 437 
VAL N    N N N 438 
VAL CA   C N S 439 
VAL C    C N N 440 
VAL O    O N N 441 
VAL CB   C N N 442 
VAL CG1  C N N 443 
VAL CG2  C N N 444 
VAL OXT  O N N 445 
VAL H    H N N 446 
VAL H2   H N N 447 
VAL HA   H N N 448 
VAL HB   H N N 449 
VAL HG11 H N N 450 
VAL HG12 H N N 451 
VAL HG13 H N N 452 
VAL HG21 H N N 453 
VAL HG22 H N N 454 
VAL HG23 H N N 455 
VAL HXT  H N N 456 
# 
loop_
_chem_comp_bond.comp_id 
_chem_comp_bond.atom_id_1 
_chem_comp_bond.atom_id_2 
_chem_comp_bond.value_order 
_chem_comp_bond.pdbx_aromatic_flag 
_chem_comp_bond.pdbx_stereo_config 
_chem_comp_bond.pdbx_ordinal 
A88 N1  N2   sing N N 1   
A88 N1  C7   sing N N 2   
A88 N1  C8   sing N N 3   
A88 N2  C3   sing N N 4   
A88 N2  C32  sing N N 5   
A88 C3  O3   doub N N 6   
A88 C3  N4   sing N N 7   
A88 N4  C5   sing N N 8   
A88 N4  C22  sing N N 9   
A88 C5  C6   sing N N 10  
A88 C5  C15  sing N N 11  
A88 C5  H5   sing N N 12  
A88 C6  O6   sing N N 13  
A88 C6  C7   sing N N 14  
A88 C6  H6   sing N N 15  
A88 O6  HO6  sing N N 16  
A88 C7  H71  sing N N 17  
A88 C7  H72  sing N N 18  
A88 C8  C9   sing N N 19  
A88 C8  H81  sing N N 20  
A88 C8  H82  sing N N 21  
A88 C9  C10  doub Y N 22  
A88 C9  C14  sing Y N 23  
A88 C10 C11  sing Y N 24  
A88 C10 H10  sing N N 25  
A88 C11 C12  doub Y N 26  
A88 C11 H11  sing N N 27  
A88 C12 C13  sing Y N 28  
A88 C12 H12  sing N N 29  
A88 C13 C14  doub Y N 30  
A88 C13 H13  sing N N 31  
A88 C14 H14  sing N N 32  
A88 C15 C16  sing N N 33  
A88 C15 H151 sing N N 34  
A88 C15 H152 sing N N 35  
A88 C16 C17  doub Y N 36  
A88 C16 C21  sing Y N 37  
A88 C17 C18  sing Y N 38  
A88 C17 H17  sing N N 39  
A88 C18 C19  doub Y N 40  
A88 C18 H18  sing N N 41  
A88 C19 C20  sing Y N 42  
A88 C19 H19  sing N N 43  
A88 C20 C21  doub Y N 44  
A88 C20 H20  sing N N 45  
A88 C21 H21  sing N N 46  
A88 C22 C23  sing N N 47  
A88 C22 H221 sing N N 48  
A88 C22 H222 sing N N 49  
A88 C23 C24  doub Y N 50  
A88 C23 C28  sing Y N 51  
A88 C24 C25  sing Y N 52  
A88 C24 H24  sing N N 53  
A88 C25 C26  doub Y N 54  
A88 C25 O30  sing N N 55  
A88 C26 C27  sing Y N 56  
A88 C26 O29  sing N N 57  
A88 C27 C28  doub Y N 58  
A88 C27 H27  sing N N 59  
A88 C28 H28  sing N N 60  
A88 O29 HO9  sing N N 61  
A88 O30 C31  sing N N 62  
A88 C31 H311 sing N N 63  
A88 C31 H312 sing N N 64  
A88 C31 H313 sing N N 65  
A88 C32 C33  sing N N 66  
A88 C32 H321 sing N N 67  
A88 C32 H322 sing N N 68  
A88 C33 C34  doub Y N 69  
A88 C33 C38  sing Y N 70  
A88 C34 C35  sing Y N 71  
A88 C34 H34  sing N N 72  
A88 C35 C36  doub Y N 73  
A88 C35 H35  sing N N 74  
A88 C36 C37  sing Y N 75  
A88 C36 O39  sing N N 76  
A88 C37 C38  doub Y N 77  
A88 C37 O40  sing N N 78  
A88 C38 H38  sing N N 79  
A88 O39 HO3  sing N N 80  
A88 O40 C41  sing N N 81  
A88 C41 H411 sing N N 82  
A88 C41 H412 sing N N 83  
A88 C41 H413 sing N N 84  
ALA N   CA   sing N N 85  
ALA N   H    sing N N 86  
ALA N   H2   sing N N 87  
ALA CA  C    sing N N 88  
ALA CA  CB   sing N N 89  
ALA CA  HA   sing N N 90  
ALA C   O    doub N N 91  
ALA C   OXT  sing N N 92  
ALA CB  HB1  sing N N 93  
ALA CB  HB2  sing N N 94  
ALA CB  HB3  sing N N 95  
ALA OXT HXT  sing N N 96  
ARG N   CA   sing N N 97  
ARG N   H    sing N N 98  
ARG N   H2   sing N N 99  
ARG CA  C    sing N N 100 
ARG CA  CB   sing N N 101 
ARG CA  HA   sing N N 102 
ARG C   O    doub N N 103 
ARG C   OXT  sing N N 104 
ARG CB  CG   sing N N 105 
ARG CB  HB2  sing N N 106 
ARG CB  HB3  sing N N 107 
ARG CG  CD   sing N N 108 
ARG CG  HG2  sing N N 109 
ARG CG  HG3  sing N N 110 
ARG CD  NE   sing N N 111 
ARG CD  HD2  sing N N 112 
ARG CD  HD3  sing N N 113 
ARG NE  CZ   sing N N 114 
ARG NE  HE   sing N N 115 
ARG CZ  NH1  sing N N 116 
ARG CZ  NH2  doub N N 117 
ARG NH1 HH11 sing N N 118 
ARG NH1 HH12 sing N N 119 
ARG NH2 HH21 sing N N 120 
ARG NH2 HH22 sing N N 121 
ARG OXT HXT  sing N N 122 
ASN N   CA   sing N N 123 
ASN N   H    sing N N 124 
ASN N   H2   sing N N 125 
ASN CA  C    sing N N 126 
ASN CA  CB   sing N N 127 
ASN CA  HA   sing N N 128 
ASN C   O    doub N N 129 
ASN C   OXT  sing N N 130 
ASN CB  CG   sing N N 131 
ASN CB  HB2  sing N N 132 
ASN CB  HB3  sing N N 133 
ASN CG  OD1  doub N N 134 
ASN CG  ND2  sing N N 135 
ASN ND2 HD21 sing N N 136 
ASN ND2 HD22 sing N N 137 
ASN OXT HXT  sing N N 138 
ASP N   CA   sing N N 139 
ASP N   H    sing N N 140 
ASP N   H2   sing N N 141 
ASP CA  C    sing N N 142 
ASP CA  CB   sing N N 143 
ASP CA  HA   sing N N 144 
ASP C   O    doub N N 145 
ASP C   OXT  sing N N 146 
ASP CB  CG   sing N N 147 
ASP CB  HB2  sing N N 148 
ASP CB  HB3  sing N N 149 
ASP CG  OD1  doub N N 150 
ASP CG  OD2  sing N N 151 
ASP OD2 HD2  sing N N 152 
ASP OXT HXT  sing N N 153 
CYS N   CA   sing N N 154 
CYS N   H    sing N N 155 
CYS N   H2   sing N N 156 
CYS CA  C    sing N N 157 
CYS CA  CB   sing N N 158 
CYS CA  HA   sing N N 159 
CYS C   O    doub N N 160 
CYS C   OXT  sing N N 161 
CYS CB  SG   sing N N 162 
CYS CB  HB2  sing N N 163 
CYS CB  HB3  sing N N 164 
CYS SG  HG   sing N N 165 
CYS OXT HXT  sing N N 166 
GLN N   CA   sing N N 167 
GLN N   H    sing N N 168 
GLN N   H2   sing N N 169 
GLN CA  C    sing N N 170 
GLN CA  CB   sing N N 171 
GLN CA  HA   sing N N 172 
GLN C   O    doub N N 173 
GLN C   OXT  sing N N 174 
GLN CB  CG   sing N N 175 
GLN CB  HB2  sing N N 176 
GLN CB  HB3  sing N N 177 
GLN CG  CD   sing N N 178 
GLN CG  HG2  sing N N 179 
GLN CG  HG3  sing N N 180 
GLN CD  OE1  doub N N 181 
GLN CD  NE2  sing N N 182 
GLN NE2 HE21 sing N N 183 
GLN NE2 HE22 sing N N 184 
GLN OXT HXT  sing N N 185 
GLU N   CA   sing N N 186 
GLU N   H    sing N N 187 
GLU N   H2   sing N N 188 
GLU CA  C    sing N N 189 
GLU CA  CB   sing N N 190 
GLU CA  HA   sing N N 191 
GLU C   O    doub N N 192 
GLU C   OXT  sing N N 193 
GLU CB  CG   sing N N 194 
GLU CB  HB2  sing N N 195 
GLU CB  HB3  sing N N 196 
GLU CG  CD   sing N N 197 
GLU CG  HG2  sing N N 198 
GLU CG  HG3  sing N N 199 
GLU CD  OE1  doub N N 200 
GLU CD  OE2  sing N N 201 
GLU OE2 HE2  sing N N 202 
GLU OXT HXT  sing N N 203 
GLY N   CA   sing N N 204 
GLY N   H    sing N N 205 
GLY N   H2   sing N N 206 
GLY CA  C    sing N N 207 
GLY CA  HA2  sing N N 208 
GLY CA  HA3  sing N N 209 
GLY C   O    doub N N 210 
GLY C   OXT  sing N N 211 
GLY OXT HXT  sing N N 212 
HIS N   CA   sing N N 213 
HIS N   H    sing N N 214 
HIS N   H2   sing N N 215 
HIS CA  C    sing N N 216 
HIS CA  CB   sing N N 217 
HIS CA  HA   sing N N 218 
HIS C   O    doub N N 219 
HIS C   OXT  sing N N 220 
HIS CB  CG   sing N N 221 
HIS CB  HB2  sing N N 222 
HIS CB  HB3  sing N N 223 
HIS CG  ND1  sing Y N 224 
HIS CG  CD2  doub Y N 225 
HIS ND1 CE1  doub Y N 226 
HIS ND1 HD1  sing N N 227 
HIS CD2 NE2  sing Y N 228 
HIS CD2 HD2  sing N N 229 
HIS CE1 NE2  sing Y N 230 
HIS CE1 HE1  sing N N 231 
HIS NE2 HE2  sing N N 232 
HIS OXT HXT  sing N N 233 
HOH O   H1   sing N N 234 
HOH O   H2   sing N N 235 
ILE N   CA   sing N N 236 
ILE N   H    sing N N 237 
ILE N   H2   sing N N 238 
ILE CA  C    sing N N 239 
ILE CA  CB   sing N N 240 
ILE CA  HA   sing N N 241 
ILE C   O    doub N N 242 
ILE C   OXT  sing N N 243 
ILE CB  CG1  sing N N 244 
ILE CB  CG2  sing N N 245 
ILE CB  HB   sing N N 246 
ILE CG1 CD1  sing N N 247 
ILE CG1 HG12 sing N N 248 
ILE CG1 HG13 sing N N 249 
ILE CG2 HG21 sing N N 250 
ILE CG2 HG22 sing N N 251 
ILE CG2 HG23 sing N N 252 
ILE CD1 HD11 sing N N 253 
ILE CD1 HD12 sing N N 254 
ILE CD1 HD13 sing N N 255 
ILE OXT HXT  sing N N 256 
LEU N   CA   sing N N 257 
LEU N   H    sing N N 258 
LEU N   H2   sing N N 259 
LEU CA  C    sing N N 260 
LEU CA  CB   sing N N 261 
LEU CA  HA   sing N N 262 
LEU C   O    doub N N 263 
LEU C   OXT  sing N N 264 
LEU CB  CG   sing N N 265 
LEU CB  HB2  sing N N 266 
LEU CB  HB3  sing N N 267 
LEU CG  CD1  sing N N 268 
LEU CG  CD2  sing N N 269 
LEU CG  HG   sing N N 270 
LEU CD1 HD11 sing N N 271 
LEU CD1 HD12 sing N N 272 
LEU CD1 HD13 sing N N 273 
LEU CD2 HD21 sing N N 274 
LEU CD2 HD22 sing N N 275 
LEU CD2 HD23 sing N N 276 
LEU OXT HXT  sing N N 277 
LYS N   CA   sing N N 278 
LYS N   H    sing N N 279 
LYS N   H2   sing N N 280 
LYS CA  C    sing N N 281 
LYS CA  CB   sing N N 282 
LYS CA  HA   sing N N 283 
LYS C   O    doub N N 284 
LYS C   OXT  sing N N 285 
LYS CB  CG   sing N N 286 
LYS CB  HB2  sing N N 287 
LYS CB  HB3  sing N N 288 
LYS CG  CD   sing N N 289 
LYS CG  HG2  sing N N 290 
LYS CG  HG3  sing N N 291 
LYS CD  CE   sing N N 292 
LYS CD  HD2  sing N N 293 
LYS CD  HD3  sing N N 294 
LYS CE  NZ   sing N N 295 
LYS CE  HE2  sing N N 296 
LYS CE  HE3  sing N N 297 
LYS NZ  HZ1  sing N N 298 
LYS NZ  HZ2  sing N N 299 
LYS NZ  HZ3  sing N N 300 
LYS OXT HXT  sing N N 301 
MET N   CA   sing N N 302 
MET N   H    sing N N 303 
MET N   H2   sing N N 304 
MET CA  C    sing N N 305 
MET CA  CB   sing N N 306 
MET CA  HA   sing N N 307 
MET C   O    doub N N 308 
MET C   OXT  sing N N 309 
MET CB  CG   sing N N 310 
MET CB  HB2  sing N N 311 
MET CB  HB3  sing N N 312 
MET CG  SD   sing N N 313 
MET CG  HG2  sing N N 314 
MET CG  HG3  sing N N 315 
MET SD  CE   sing N N 316 
MET CE  HE1  sing N N 317 
MET CE  HE2  sing N N 318 
MET CE  HE3  sing N N 319 
MET OXT HXT  sing N N 320 
PHE N   CA   sing N N 321 
PHE N   H    sing N N 322 
PHE N   H2   sing N N 323 
PHE CA  C    sing N N 324 
PHE CA  CB   sing N N 325 
PHE CA  HA   sing N N 326 
PHE C   O    doub N N 327 
PHE C   OXT  sing N N 328 
PHE CB  CG   sing N N 329 
PHE CB  HB2  sing N N 330 
PHE CB  HB3  sing N N 331 
PHE CG  CD1  doub Y N 332 
PHE CG  CD2  sing Y N 333 
PHE CD1 CE1  sing Y N 334 
PHE CD1 HD1  sing N N 335 
PHE CD2 CE2  doub Y N 336 
PHE CD2 HD2  sing N N 337 
PHE CE1 CZ   doub Y N 338 
PHE CE1 HE1  sing N N 339 
PHE CE2 CZ   sing Y N 340 
PHE CE2 HE2  sing N N 341 
PHE CZ  HZ   sing N N 342 
PHE OXT HXT  sing N N 343 
PRO N   CA   sing N N 344 
PRO N   CD   sing N N 345 
PRO N   H    sing N N 346 
PRO CA  C    sing N N 347 
PRO CA  CB   sing N N 348 
PRO CA  HA   sing N N 349 
PRO C   O    doub N N 350 
PRO C   OXT  sing N N 351 
PRO CB  CG   sing N N 352 
PRO CB  HB2  sing N N 353 
PRO CB  HB3  sing N N 354 
PRO CG  CD   sing N N 355 
PRO CG  HG2  sing N N 356 
PRO CG  HG3  sing N N 357 
PRO CD  HD2  sing N N 358 
PRO CD  HD3  sing N N 359 
PRO OXT HXT  sing N N 360 
THR N   CA   sing N N 361 
THR N   H    sing N N 362 
THR N   H2   sing N N 363 
THR CA  C    sing N N 364 
THR CA  CB   sing N N 365 
THR CA  HA   sing N N 366 
THR C   O    doub N N 367 
THR C   OXT  sing N N 368 
THR CB  OG1  sing N N 369 
THR CB  CG2  sing N N 370 
THR CB  HB   sing N N 371 
THR OG1 HG1  sing N N 372 
THR CG2 HG21 sing N N 373 
THR CG2 HG22 sing N N 374 
THR CG2 HG23 sing N N 375 
THR OXT HXT  sing N N 376 
TRP N   CA   sing N N 377 
TRP N   H    sing N N 378 
TRP N   H2   sing N N 379 
TRP CA  C    sing N N 380 
TRP CA  CB   sing N N 381 
TRP CA  HA   sing N N 382 
TRP C   O    doub N N 383 
TRP C   OXT  sing N N 384 
TRP CB  CG   sing N N 385 
TRP CB  HB2  sing N N 386 
TRP CB  HB3  sing N N 387 
TRP CG  CD1  doub Y N 388 
TRP CG  CD2  sing Y N 389 
TRP CD1 NE1  sing Y N 390 
TRP CD1 HD1  sing N N 391 
TRP CD2 CE2  doub Y N 392 
TRP CD2 CE3  sing Y N 393 
TRP NE1 CE2  sing Y N 394 
TRP NE1 HE1  sing N N 395 
TRP CE2 CZ2  sing Y N 396 
TRP CE3 CZ3  doub Y N 397 
TRP CE3 HE3  sing N N 398 
TRP CZ2 CH2  doub Y N 399 
TRP CZ2 HZ2  sing N N 400 
TRP CZ3 CH2  sing Y N 401 
TRP CZ3 HZ3  sing N N 402 
TRP CH2 HH2  sing N N 403 
TRP OXT HXT  sing N N 404 
TYR N   CA   sing N N 405 
TYR N   H    sing N N 406 
TYR N   H2   sing N N 407 
TYR CA  C    sing N N 408 
TYR CA  CB   sing N N 409 
TYR CA  HA   sing N N 410 
TYR C   O    doub N N 411 
TYR C   OXT  sing N N 412 
TYR CB  CG   sing N N 413 
TYR CB  HB2  sing N N 414 
TYR CB  HB3  sing N N 415 
TYR CG  CD1  doub Y N 416 
TYR CG  CD2  sing Y N 417 
TYR CD1 CE1  sing Y N 418 
TYR CD1 HD1  sing N N 419 
TYR CD2 CE2  doub Y N 420 
TYR CD2 HD2  sing N N 421 
TYR CE1 CZ   doub Y N 422 
TYR CE1 HE1  sing N N 423 
TYR CE2 CZ   sing Y N 424 
TYR CE2 HE2  sing N N 425 
TYR CZ  OH   sing N N 426 
TYR OH  HH   sing N N 427 
TYR OXT HXT  sing N N 428 
VAL N   CA   sing N N 429 
VAL N   H    sing N N 430 
VAL N   H2   sing N N 431 
VAL CA  C    sing N N 432 
VAL CA  CB   sing N N 433 
VAL CA  HA   sing N N 434 
VAL C   O    doub N N 435 
VAL C   OXT  sing N N 436 
VAL CB  CG1  sing N N 437 
VAL CB  CG2  sing N N 438 
VAL CB  HB   sing N N 439 
VAL CG1 HG11 sing N N 440 
VAL CG1 HG12 sing N N 441 
VAL CG1 HG13 sing N N 442 
VAL CG2 HG21 sing N N 443 
VAL CG2 HG22 sing N N 444 
VAL CG2 HG23 sing N N 445 
VAL OXT HXT  sing N N 446 
# 
_atom_sites.entry_id                    1PRO 
_atom_sites.fract_transf_matrix[1][1]   -0.00245688 
_atom_sites.fract_transf_matrix[1][2]   0.01385652 
_atom_sites.fract_transf_matrix[1][3]   0.01170708 
_atom_sites.fract_transf_matrix[2][1]   -0.00095181 
_atom_sites.fract_transf_matrix[2][2]   -0.00327239 
_atom_sites.fract_transf_matrix[2][3]   0.01798495 
_atom_sites.fract_transf_matrix[3][1]   0.01184004 
_atom_sites.fract_transf_matrix[3][2]   0.00136076 
_atom_sites.fract_transf_matrix[3][3]   0.00087420 
_atom_sites.fract_transf_vector[1]      -0.000116 
_atom_sites.fract_transf_vector[2]      0.374843 
_atom_sites.fract_transf_vector[3]      0.332281 
# 
loop_
_atom_type.symbol 
C 
N 
O 
S 
# 
loop_
_atom_site.group_PDB 
_atom_site.id 
_atom_site.type_symbol 
_atom_site.label_atom_id 
_atom_site.label_alt_id 
_atom_site.label_comp_id 
_atom_site.label_asym_id 
_atom_site.label_entity_id 
_atom_site.label_seq_id 
_atom_site.pdbx_PDB_ins_code 
_atom_site.Cartn_x 
_atom_site.Cartn_y 
_atom_site.Cartn_z 
_atom_site.occupancy 
_atom_site.B_iso_or_equiv 
_atom_site.pdbx_formal_charge 
_atom_site.auth_seq_id 
_atom_site.auth_comp_id 
_atom_site.auth_asym_id 
_atom_site.auth_atom_id 
_atom_site.pdbx_PDB_model_num 
ATOM   1    N N   . PRO A 1 1  ? 2.472   -3.968  18.156  1.00 39.11  ? 1   PRO A N   1 
ATOM   2    C CA  . PRO A 1 1  ? 1.089   -4.186  18.526  1.00 36.00  ? 1   PRO A CA  1 
ATOM   3    C C   . PRO A 1 1  ? 0.430   -4.857  17.327  1.00 33.05  ? 1   PRO A C   1 
ATOM   4    O O   . PRO A 1 1  ? 1.070   -4.918  16.280  1.00 31.81  ? 1   PRO A O   1 
ATOM   5    C CB  . PRO A 1 1  ? 0.474   -2.822  18.807  1.00 37.69  ? 1   PRO A CB  1 
ATOM   6    C CG  . PRO A 1 1  ? 1.343   -1.895  17.995  1.00 37.74  ? 1   PRO A CG  1 
ATOM   7    C CD  . PRO A 1 1  ? 2.706   -2.534  18.211  1.00 36.08  ? 1   PRO A CD  1 
ATOM   8    N N   . GLN A 1 2  ? -0.820  -5.293  17.458  1.00 33.87  ? 2   GLN A N   1 
ATOM   9    C CA  . GLN A 1 2  ? -1.595  -5.903  16.380  1.00 33.73  ? 2   GLN A CA  1 
ATOM   10   C C   . GLN A 1 2  ? -2.501  -4.782  15.878  1.00 30.03  ? 2   GLN A C   1 
ATOM   11   O O   . GLN A 1 2  ? -3.071  -4.097  16.731  1.00 29.01  ? 2   GLN A O   1 
ATOM   12   C CB  . GLN A 1 2  ? -2.396  -7.034  16.961  1.00 33.62  ? 2   GLN A CB  1 
ATOM   13   C CG  . GLN A 1 2  ? -3.318  -7.709  15.974  1.00 44.79  ? 2   GLN A CG  1 
ATOM   14   C CD  . GLN A 1 2  ? -4.262  -8.635  16.706  1.00 49.58  ? 2   GLN A CD  1 
ATOM   15   O OE1 . GLN A 1 2  ? -5.471  -8.425  16.761  1.00 58.04  ? 2   GLN A OE1 1 
ATOM   16   N NE2 . GLN A 1 2  ? -3.773  -9.664  17.361  1.00 54.11  ? 2   GLN A NE2 1 
ATOM   17   N N   . ILE A 1 3  ? -2.584  -4.535  14.575  1.00 23.31  ? 3   ILE A N   1 
ATOM   18   C CA  . ILE A 1 3  ? -3.366  -3.433  14.029  1.00 22.40  ? 3   ILE A CA  1 
ATOM   19   C C   . ILE A 1 3  ? -4.400  -4.087  13.112  1.00 22.42  ? 3   ILE A C   1 
ATOM   20   O O   . ILE A 1 3  ? -3.978  -4.859  12.224  1.00 21.45  ? 3   ILE A O   1 
ATOM   21   C CB  . ILE A 1 3  ? -2.416  -2.472  13.236  1.00 21.54  ? 3   ILE A CB  1 
ATOM   22   C CG1 . ILE A 1 3  ? -1.285  -1.995  14.132  1.00 30.42  ? 3   ILE A CG1 1 
ATOM   23   C CG2 . ILE A 1 3  ? -3.164  -1.254  12.754  1.00 22.46  ? 3   ILE A CG2 1 
ATOM   24   C CD1 . ILE A 1 3  ? -0.200  -1.211  13.371  1.00 33.25  ? 3   ILE A CD1 1 
ATOM   25   N N   . THR A 1 4  ? -5.712  -3.935  13.336  1.00 23.50  ? 4   THR A N   1 
ATOM   26   C CA  . THR A 1 4  ? -6.718  -4.451  12.408  1.00 21.50  ? 4   THR A CA  1 
ATOM   27   C C   . THR A 1 4  ? -6.930  -3.348  11.381  1.00 23.63  ? 4   THR A C   1 
ATOM   28   O O   . THR A 1 4  ? -6.507  -2.206  11.550  1.00 24.09  ? 4   THR A O   1 
ATOM   29   C CB  . THR A 1 4  ? -8.021  -4.790  13.154  1.00 24.52  ? 4   THR A CB  1 
ATOM   30   O OG1 . THR A 1 4  ? -8.390  -3.701  13.943  1.00 19.47  ? 4   THR A OG1 1 
ATOM   31   C CG2 . THR A 1 4  ? -7.813  -5.927  14.115  1.00 20.75  ? 4   THR A CG2 1 
ATOM   32   N N   . LEU A 1 5  ? -7.567  -3.667  10.280  1.00 21.58  ? 5   LEU A N   1 
ATOM   33   C CA  . LEU A 1 5  ? -7.525  -2.769  9.151   1.00 18.50  ? 5   LEU A CA  1 
ATOM   34   C C   . LEU A 1 5  ? -8.813  -2.078  8.801   1.00 19.80  ? 5   LEU A C   1 
ATOM   35   O O   . LEU A 1 5  ? -9.044  -1.661  7.643   1.00 18.68  ? 5   LEU A O   1 
ATOM   36   C CB  . LEU A 1 5  ? -6.964  -3.601  7.971   1.00 18.26  ? 5   LEU A CB  1 
ATOM   37   C CG  . LEU A 1 5  ? -5.490  -3.989  8.107   1.00 21.18  ? 5   LEU A CG  1 
ATOM   38   C CD1 . LEU A 1 5  ? -5.145  -5.192  7.269   1.00 21.03  ? 5   LEU A CD1 1 
ATOM   39   C CD2 . LEU A 1 5  ? -4.660  -2.812  7.638   1.00 20.86  ? 5   LEU A CD2 1 
ATOM   40   N N   . TRP A 1 6  ? -9.687  -1.958  9.798   1.00 18.54  ? 6   TRP A N   1 
ATOM   41   C CA  . TRP A 1 6  ? -10.955 -1.284  9.608   1.00 17.22  ? 6   TRP A CA  1 
ATOM   42   C C   . TRP A 1 6  ? -10.690 0.214   9.428   1.00 20.50  ? 6   TRP A C   1 
ATOM   43   O O   . TRP A 1 6  ? -11.485 0.892   8.767   1.00 20.58  ? 6   TRP A O   1 
ATOM   44   C CB  . TRP A 1 6  ? -11.872 -1.544  10.811  1.00 17.04  ? 6   TRP A CB  1 
ATOM   45   C CG  . TRP A 1 6  ? -12.174 -3.019  11.016  1.00 17.95  ? 6   TRP A CG  1 
ATOM   46   C CD1 . TRP A 1 6  ? -11.409 -3.787  11.850  1.00 20.78  ? 6   TRP A CD1 1 
ATOM   47   C CD2 . TRP A 1 6  ? -13.123 -3.745  10.381  1.00 19.84  ? 6   TRP A CD2 1 
ATOM   48   N NE1 . TRP A 1 6  ? -11.868 -4.991  11.732  1.00 19.61  ? 6   TRP A NE1 1 
ATOM   49   C CE2 . TRP A 1 6  ? -12.876 -5.028  10.882  1.00 20.49  ? 6   TRP A CE2 1 
ATOM   50   C CE3 . TRP A 1 6  ? -14.141 -3.505  9.464   1.00 22.08  ? 6   TRP A CE3 1 
ATOM   51   C CZ2 . TRP A 1 6  ? -13.627 -6.123  10.487  1.00 22.39  ? 6   TRP A CZ2 1 
ATOM   52   C CZ3 . TRP A 1 6  ? -14.901 -4.603  9.053   1.00 28.18  ? 6   TRP A CZ3 1 
ATOM   53   C CH2 . TRP A 1 6  ? -14.645 -5.894  9.552   1.00 23.17  ? 6   TRP A CH2 1 
ATOM   54   N N   . GLN A 1 7  ? -9.650  0.796   9.999   1.00 18.02  ? 7   GLN A N   1 
ATOM   55   C CA  . GLN A 1 7  ? -9.257  2.156   9.714   1.00 22.02  ? 7   GLN A CA  1 
ATOM   56   C C   . GLN A 1 7  ? -7.890  2.176   9.042   1.00 17.01  ? 7   GLN A C   1 
ATOM   57   O O   . GLN A 1 7  ? -7.203  1.163   9.089   1.00 18.02  ? 7   GLN A O   1 
ATOM   58   C CB  . GLN A 1 7  ? -9.154  2.986   10.971  1.00 26.61  ? 7   GLN A CB  1 
ATOM   59   C CG  . GLN A 1 7  ? -10.524 3.277   11.541  1.00 43.17  ? 7   GLN A CG  1 
ATOM   60   C CD  . GLN A 1 7  ? -10.538 4.307   12.671  1.00 50.99  ? 7   GLN A CD  1 
ATOM   61   O OE1 . GLN A 1 7  ? -10.552 3.992   13.856  1.00 49.13  ? 7   GLN A OE1 1 
ATOM   62   N NE2 . GLN A 1 7  ? -10.587 5.593   12.355  1.00 53.51  ? 7   GLN A NE2 1 
ATOM   63   N N   . ARG A 1 8  ? -7.443  3.258   8.407   1.00 18.93  ? 8   ARG A N   1 
ATOM   64   C CA  . ARG A 1 8  ? -6.087  3.324   7.844   1.00 22.97  ? 8   ARG A CA  1 
ATOM   65   C C   . ARG A 1 8  ? -5.016  3.035   8.904   1.00 17.23  ? 8   ARG A C   1 
ATOM   66   O O   . ARG A 1 8  ? -5.113  3.611   9.995   1.00 19.42  ? 8   ARG A O   1 
ATOM   67   C CB  . ARG A 1 8  ? -5.804  4.693   7.272   1.00 23.77  ? 8   ARG A CB  1 
ATOM   68   C CG  . ARG A 1 8  ? -6.527  4.957   5.957   1.00 32.43  ? 8   ARG A CG  1 
ATOM   69   C CD  . ARG A 1 8  ? -6.060  6.268   5.316   1.00 36.34  ? 8   ARG A CD  1 
ATOM   70   N NE  . ARG A 1 8  ? -6.685  6.479   4.008   1.00 41.04  ? 8   ARG A NE  1 
ATOM   71   C CZ  . ARG A 1 8  ? -6.155  7.274   3.055   1.00 44.71  ? 8   ARG A CZ  1 
ATOM   72   N NH1 . ARG A 1 8  ? -5.004  7.931   3.234   1.00 42.22  ? 8   ARG A NH1 1 
ATOM   73   N NH2 . ARG A 1 8  ? -6.786  7.417   1.882   1.00 39.40  ? 8   ARG A NH2 1 
ATOM   74   N N   . PRO A 1 9  ? -3.976  2.209   8.694   1.00 14.81  ? 9   PRO A N   1 
ATOM   75   C CA  . PRO A 1 9  ? -2.948  1.883   9.702   1.00 16.22  ? 9   PRO A CA  1 
ATOM   76   C C   . PRO A 1 9  ? -1.996  3.063   9.914   1.00 16.53  ? 9   PRO A C   1 
ATOM   77   O O   . PRO A 1 9  ? -0.902  3.076   9.350   1.00 16.00  ? 9   PRO A O   1 
ATOM   78   C CB  . PRO A 1 9  ? -2.260  0.639   9.149   1.00 15.77  ? 9   PRO A CB  1 
ATOM   79   C CG  . PRO A 1 9  ? -2.462  0.738   7.657   1.00 15.39  ? 9   PRO A CG  1 
ATOM   80   C CD  . PRO A 1 9  ? -3.866  1.332   7.520   1.00 12.39  ? 9   PRO A CD  1 
ATOM   81   N N   . LEU A 1 10 ? -2.364  4.138   10.617  1.00 17.71  ? 10  LEU A N   1 
ATOM   82   C CA  . LEU A 1 10 ? -1.469  5.287   10.762  1.00 17.86  ? 10  LEU A CA  1 
ATOM   83   C C   . LEU A 1 10 ? -0.688  5.209   12.049  1.00 18.64  ? 10  LEU A C   1 
ATOM   84   O O   . LEU A 1 10 ? -1.229  4.885   13.096  1.00 21.03  ? 10  LEU A O   1 
ATOM   85   C CB  . LEU A 1 10 ? -2.204  6.615   10.798  1.00 19.80  ? 10  LEU A CB  1 
ATOM   86   C CG  . LEU A 1 10 ? -2.944  7.101   9.594   1.00 24.04  ? 10  LEU A CG  1 
ATOM   87   C CD1 . LEU A 1 10 ? -3.750  8.336   9.956   1.00 28.70  ? 10  LEU A CD1 1 
ATOM   88   C CD2 . LEU A 1 10 ? -1.965  7.486   8.527   1.00 28.39  ? 10  LEU A CD2 1 
ATOM   89   N N   . VAL A 1 11 ? 0.566   5.630   12.010  1.00 14.46  ? 11  VAL A N   1 
ATOM   90   C CA  . VAL A 1 11 ? 1.457   5.541   13.145  1.00 16.79  ? 11  VAL A CA  1 
ATOM   91   C C   . VAL A 1 11 ? 2.211   6.880   13.309  1.00 17.22  ? 11  VAL A C   1 
ATOM   92   O O   . VAL A 1 11 ? 2.367   7.627   12.329  1.00 18.76  ? 11  VAL A O   1 
ATOM   93   C CB  . VAL A 1 11 ? 2.221   4.220   12.717  1.00 21.62  ? 11  VAL A CB  1 
ATOM   94   C CG1 . VAL A 1 11 ? 3.591   4.492   12.210  1.00 19.43  ? 11  VAL A CG1 1 
ATOM   95   C CG2 . VAL A 1 11 ? 2.111   3.241   13.853  1.00 22.97  ? 11  VAL A CG2 1 
ATOM   96   N N   . THR A 1 12 ? 2.623   7.281   14.508  1.00 14.83  ? 12  THR A N   1 
ATOM   97   C CA  . THR A 1 12 ? 3.463   8.447   14.722  1.00 21.68  ? 12  THR A CA  1 
ATOM   98   C C   . THR A 1 12 ? 4.937   8.110   14.458  1.00 23.33  ? 12  THR A C   1 
ATOM   99   O O   . THR A 1 12 ? 5.483   7.089   14.894  1.00 23.53  ? 12  THR A O   1 
ATOM   100  C CB  . THR A 1 12 ? 3.332   8.969   16.173  1.00 21.70  ? 12  THR A CB  1 
ATOM   101  O OG1 . THR A 1 12 ? 1.961   9.342   16.347  1.00 26.05  ? 12  THR A OG1 1 
ATOM   102  C CG2 . THR A 1 12 ? 4.195   10.222  16.445  1.00 28.01  ? 12  THR A CG2 1 
ATOM   103  N N   . ILE A 1 13 ? 5.604   8.978   13.712  1.00 16.48  ? 13  ILE A N   1 
ATOM   104  C CA  . ILE A 1 13 ? 7.011   8.809   13.414  1.00 19.74  ? 13  ILE A CA  1 
ATOM   105  C C   . ILE A 1 13 ? 7.731   10.096  13.814  1.00 21.32  ? 13  ILE A C   1 
ATOM   106  O O   . ILE A 1 13 ? 7.108   11.168  13.884  1.00 19.04  ? 13  ILE A O   1 
ATOM   107  C CB  . ILE A 1 13 ? 7.297   8.543   11.904  1.00 18.10  ? 13  ILE A CB  1 
ATOM   108  C CG1 . ILE A 1 13 ? 6.872   9.707   11.019  1.00 18.66  ? 13  ILE A CG1 1 
ATOM   109  C CG2 . ILE A 1 13 ? 6.595   7.212   11.549  1.00 21.34  ? 13  ILE A CG2 1 
ATOM   110  C CD1 . ILE A 1 13 ? 7.276   9.678   9.551   1.00 17.83  ? 13  ILE A CD1 1 
ATOM   111  N N   . LYS A 1 14 ? 9.025   9.995   14.112  1.00 17.66  ? 14  LYS A N   1 
ATOM   112  C CA  . LYS A 1 14 ? 9.873   11.142  14.413  1.00 16.18  ? 14  LYS A CA  1 
ATOM   113  C C   . LYS A 1 14 ? 11.023  11.006  13.394  1.00 19.04  ? 14  LYS A C   1 
ATOM   114  O O   . LYS A 1 14 ? 11.551  9.913   13.176  1.00 16.39  ? 14  LYS A O   1 
ATOM   115  C CB  . LYS A 1 14 ? 10.340  11.049  15.891  1.00 17.88  ? 14  LYS A CB  1 
ATOM   116  C CG  . LYS A 1 14 ? 11.104  12.317  16.271  1.00 22.39  ? 14  LYS A CG  1 
ATOM   117  C CD  . LYS A 1 14 ? 11.455  12.341  17.746  1.00 28.37  ? 14  LYS A CD  1 
ATOM   118  C CE  . LYS A 1 14 ? 12.145  13.696  18.029  1.00 30.53  ? 14  LYS A CE  1 
ATOM   119  N NZ  . LYS A 1 14 ? 12.922  13.716  19.258  1.00 26.17  ? 14  LYS A NZ  1 
ATOM   120  N N   . ILE A 1 15 ? 11.273  12.055  12.603  1.00 18.04  ? 15  ILE A N   1 
ATOM   121  C CA  . ILE A 1 15 ? 12.295  12.025  11.549  1.00 21.48  ? 15  ILE A CA  1 
ATOM   122  C C   . ILE A 1 15 ? 12.860  13.439  11.567  1.00 20.24  ? 15  ILE A C   1 
ATOM   123  O O   . ILE A 1 15 ? 12.070  14.401  11.490  1.00 17.88  ? 15  ILE A O   1 
ATOM   124  C CB  . ILE A 1 15 ? 11.829  11.912  10.056  1.00 27.37  ? 15  ILE A CB  1 
ATOM   125  C CG1 . ILE A 1 15 ? 10.450  11.389  9.973   1.00 31.60  ? 15  ILE A CG1 1 
ATOM   126  C CG2 . ILE A 1 15 ? 12.824  11.110  9.245   1.00 30.98  ? 15  ILE A CG2 1 
ATOM   127  C CD1 . ILE A 1 15 ? 9.537   12.599  10.107  1.00 31.89  ? 15  ILE A CD1 1 
ATOM   128  N N   . GLY A 1 16 ? 14.168  13.606  11.609  1.00 23.11  ? 16  GLY A N   1 
ATOM   129  C CA  . GLY A 1 16 ? 14.807  14.923  11.561  1.00 29.23  ? 16  GLY A CA  1 
ATOM   130  C C   . GLY A 1 16 ? 14.285  15.948  12.557  1.00 22.18  ? 16  GLY A C   1 
ATOM   131  O O   . GLY A 1 16 ? 14.036  17.081  12.189  1.00 21.12  ? 16  GLY A O   1 
ATOM   132  N N   . GLY A 1 17 ? 13.985  15.512  13.763  1.00 20.65  ? 17  GLY A N   1 
ATOM   133  C CA  . GLY A 1 17 ? 13.469  16.350  14.836  1.00 20.96  ? 17  GLY A CA  1 
ATOM   134  C C   . GLY A 1 17 ? 11.995  16.688  14.746  1.00 20.13  ? 17  GLY A C   1 
ATOM   135  O O   . GLY A 1 17 ? 11.466  17.332  15.651  1.00 22.63  ? 17  GLY A O   1 
ATOM   136  N N   . GLN A 1 18 ? 11.285  16.263  13.696  1.00 18.26  ? 18  GLN A N   1 
ATOM   137  C CA  . GLN A 1 18 ? 9.888   16.598  13.465  1.00 14.73  ? 18  GLN A CA  1 
ATOM   138  C C   . GLN A 1 18 ? 8.968   15.403  13.662  1.00 16.64  ? 18  GLN A C   1 
ATOM   139  O O   . GLN A 1 18 ? 9.358   14.264  13.395  1.00 14.28  ? 18  GLN A O   1 
ATOM   140  C CB  . GLN A 1 18 ? 9.716   17.117  12.049  1.00 18.86  ? 18  GLN A CB  1 
ATOM   141  C CG  . GLN A 1 18 ? 10.497  18.374  11.821  1.00 20.19  ? 18  GLN A CG  1 
ATOM   142  C CD  . GLN A 1 18 ? 10.634  18.662  10.354  1.00 21.81  ? 18  GLN A CD  1 
ATOM   143  O OE1 . GLN A 1 18 ? 9.668   19.097  9.721   1.00 24.78  ? 18  GLN A OE1 1 
ATOM   144  N NE2 . GLN A 1 18 ? 11.826  18.426  9.817   1.00 25.34  ? 18  GLN A NE2 1 
ATOM   145  N N   . LEU A 1 19 ? 7.746   15.649  14.109  1.00 16.16  ? 19  LEU A N   1 
ATOM   146  C CA  . LEU A 1 19 ? 6.775   14.607  14.396  1.00 15.91  ? 19  LEU A CA  1 
ATOM   147  C C   . LEU A 1 19 ? 5.766   14.545  13.270  1.00 18.18  ? 19  LEU A C   1 
ATOM   148  O O   . LEU A 1 19 ? 5.205   15.558  12.899  1.00 20.45  ? 19  LEU A O   1 
ATOM   149  C CB  . LEU A 1 19 ? 6.094   14.933  15.701  1.00 18.73  ? 19  LEU A CB  1 
ATOM   150  C CG  . LEU A 1 19 ? 6.670   14.596  17.094  1.00 20.85  ? 19  LEU A CG  1 
ATOM   151  C CD1 . LEU A 1 19 ? 8.125   14.233  17.072  1.00 18.91  ? 19  LEU A CD1 1 
ATOM   152  C CD2 . LEU A 1 19 ? 6.325   15.769  17.974  1.00 24.24  ? 19  LEU A CD2 1 
ATOM   153  N N   . LYS A 1 20 ? 5.473   13.388  12.708  1.00 16.68  ? 20  LYS A N   1 
ATOM   154  C CA  . LYS A 1 20 ? 4.538   13.220  11.576  1.00 20.38  ? 20  LYS A CA  1 
ATOM   155  C C   . LYS A 1 20 ? 3.728   11.948  11.753  1.00 16.62  ? 20  LYS A C   1 
ATOM   156  O O   . LYS A 1 20 ? 4.035   11.118  12.607  1.00 21.27  ? 20  LYS A O   1 
ATOM   157  C CB  . LYS A 1 20 ? 5.321   13.120  10.260  1.00 22.47  ? 20  LYS A CB  1 
ATOM   158  C CG  . LYS A 1 20 ? 5.617   14.493  9.665   1.00 25.76  ? 20  LYS A CG  1 
ATOM   159  C CD  . LYS A 1 20 ? 6.944   14.501  8.948   1.00 29.76  ? 20  LYS A CD  1 
ATOM   160  C CE  . LYS A 1 20 ? 7.108   15.750  8.069   1.00 31.80  ? 20  LYS A CE  1 
ATOM   161  N NZ  . LYS A 1 20 ? 6.652   16.975  8.714   1.00 39.70  ? 20  LYS A NZ  1 
ATOM   162  N N   . GLU A 1 21 ? 2.629   11.761  11.040  1.00 21.49  ? 21  GLU A N   1 
ATOM   163  C CA  . GLU A 1 21 ? 1.885   10.505  11.063  1.00 16.55  ? 21  GLU A CA  1 
ATOM   164  C C   . GLU A 1 21 ? 2.110   9.927   9.675   1.00 18.57  ? 21  GLU A C   1 
ATOM   165  O O   . GLU A 1 21 ? 2.190   10.658  8.659   1.00 17.48  ? 21  GLU A O   1 
ATOM   166  C CB  . GLU A 1 21 ? 0.399   10.690  11.228  1.00 19.94  ? 21  GLU A CB  1 
ATOM   167  C CG  . GLU A 1 21 ? 0.027   11.125  12.624  1.00 31.89  ? 21  GLU A CG  1 
ATOM   168  C CD  . GLU A 1 21 ? -1.459  10.976  12.915  1.00 34.31  ? 21  GLU A CD  1 
ATOM   169  O OE1 . GLU A 1 21 ? -2.259  11.793  12.447  1.00 36.90  ? 21  GLU A OE1 1 
ATOM   170  O OE2 . GLU A 1 21 ? -1.800  10.023  13.610  1.00 36.34  ? 21  GLU A OE2 1 
ATOM   171  N N   . ALA A 1 22 ? 2.239   8.615   9.644   1.00 14.19  ? 22  ALA A N   1 
ATOM   172  C CA  . ALA A 1 22 ? 2.518   7.948   8.385   1.00 13.21  ? 22  ALA A CA  1 
ATOM   173  C C   . ALA A 1 22 ? 1.691   6.684   8.256   1.00 14.81  ? 22  ALA A C   1 
ATOM   174  O O   . ALA A 1 22 ? 1.290   6.103   9.260   1.00 14.34  ? 22  ALA A O   1 
ATOM   175  C CB  . ALA A 1 22 ? 4.006   7.643   8.354   1.00 10.71  ? 22  ALA A CB  1 
ATOM   176  N N   . LEU A 1 23 ? 1.388   6.254   7.042   1.00 16.14  ? 23  LEU A N   1 
ATOM   177  C CA  . LEU A 1 23 ? 0.624   5.034   6.748   1.00 15.55  ? 23  LEU A CA  1 
ATOM   178  C C   . LEU A 1 23 ? 1.539   3.828   6.768   1.00 14.08  ? 23  LEU A C   1 
ATOM   179  O O   . LEU A 1 23 ? 2.598   3.839   6.122   1.00 16.74  ? 23  LEU A O   1 
ATOM   180  C CB  . LEU A 1 23 ? 0.058   5.045   5.348   1.00 23.12  ? 23  LEU A CB  1 
ATOM   181  C CG  . LEU A 1 23 ? -1.381  5.008   4.906   1.00 29.53  ? 23  LEU A CG  1 
ATOM   182  C CD1 . LEU A 1 23 ? -1.322  4.825   3.405   1.00 22.15  ? 23  LEU A CD1 1 
ATOM   183  C CD2 . LEU A 1 23 ? -2.178  3.904   5.524   1.00 22.91  ? 23  LEU A CD2 1 
ATOM   184  N N   . LEU A 1 24 ? 1.202   2.752   7.446   1.00 12.70  ? 24  LEU A N   1 
ATOM   185  C CA  . LEU A 1 24 ? 2.013   1.547   7.310   1.00 19.10  ? 24  LEU A CA  1 
ATOM   186  C C   . LEU A 1 24 ? 1.524   0.883   6.030   1.00 18.78  ? 24  LEU A C   1 
ATOM   187  O O   . LEU A 1 24 ? 0.379   0.415   5.947   1.00 22.11  ? 24  LEU A O   1 
ATOM   188  C CB  . LEU A 1 24 ? 1.802   0.656   8.514   1.00 14.19  ? 24  LEU A CB  1 
ATOM   189  C CG  . LEU A 1 24 ? 2.828   0.597   9.646   1.00 24.98  ? 24  LEU A CG  1 
ATOM   190  C CD1 . LEU A 1 24 ? 3.752   1.818   9.719   1.00 19.04  ? 24  LEU A CD1 1 
ATOM   191  C CD2 . LEU A 1 24 ? 2.006   0.306   10.888  1.00 20.23  ? 24  LEU A CD2 1 
ATOM   192  N N   . ASP A 1 25 ? 2.368   0.829   5.017   1.00 15.39  ? 25  ASP A N   1 
ATOM   193  C CA  . ASP A 1 25 ? 1.950   0.374   3.723   1.00 13.22  ? 25  ASP A CA  1 
ATOM   194  C C   . ASP A 1 25 ? 2.686   -0.834  3.169   1.00 14.89  ? 25  ASP A C   1 
ATOM   195  O O   . ASP A 1 25 ? 3.740   -0.718  2.546   1.00 11.95  ? 25  ASP A O   1 
ATOM   196  C CB  . ASP A 1 25 ? 2.068   1.599   2.799   1.00 16.27  ? 25  ASP A CB  1 
ATOM   197  C CG  . ASP A 1 25 ? 1.408   1.484   1.441   1.00 17.08  ? 25  ASP A CG  1 
ATOM   198  O OD1 . ASP A 1 25 ? 1.131   0.402   0.941   1.00 16.58  ? 25  ASP A OD1 1 
ATOM   199  O OD2 . ASP A 1 25 ? 1.150   2.521   0.872   1.00 21.45  ? 25  ASP A OD2 1 
ATOM   200  N N   . THR A 1 26 ? 2.057   -2.016  3.212   1.00 16.59  ? 26  THR A N   1 
ATOM   201  C CA  . THR A 1 26 ? 2.691   -3.206  2.666   1.00 16.17  ? 26  THR A CA  1 
ATOM   202  C C   . THR A 1 26 ? 2.758   -3.198  1.147   1.00 16.18  ? 26  THR A C   1 
ATOM   203  O O   . THR A 1 26 ? 3.507   -3.992  0.614   1.00 13.90  ? 26  THR A O   1 
ATOM   204  C CB  . THR A 1 26 ? 1.959   -4.501  3.126   1.00 13.77  ? 26  THR A CB  1 
ATOM   205  O OG1 . THR A 1 26 ? 0.600   -4.451  2.743   1.00 12.67  ? 26  THR A OG1 1 
ATOM   206  C CG2 . THR A 1 26 ? 1.993   -4.631  4.634   1.00 15.92  ? 26  THR A CG2 1 
ATOM   207  N N   . GLY A 1 27 ? 1.992   -2.403  0.403   1.00 12.88  ? 27  GLY A N   1 
ATOM   208  C CA  . GLY A 1 27 ? 2.097   -2.423  -1.049  1.00 11.58  ? 27  GLY A CA  1 
ATOM   209  C C   . GLY A 1 27 ? 3.214   -1.532  -1.602  1.00 15.92  ? 27  GLY A C   1 
ATOM   210  O O   . GLY A 1 27 ? 3.396   -1.391  -2.809  1.00 19.86  ? 27  GLY A O   1 
ATOM   211  N N   . ALA A 1 28 ? 3.903   -0.792  -0.737  1.00 15.56  ? 28  ALA A N   1 
ATOM   212  C CA  . ALA A 1 28 ? 4.906   0.174   -1.109  1.00 16.54  ? 28  ALA A CA  1 
ATOM   213  C C   . ALA A 1 28 ? 6.276   -0.450  -0.903  1.00 13.81  ? 28  ALA A C   1 
ATOM   214  O O   . ALA A 1 28 ? 6.605   -0.892  0.192   1.00 13.28  ? 28  ALA A O   1 
ATOM   215  C CB  . ALA A 1 28 ? 4.756   1.422   -0.211  1.00 15.06  ? 28  ALA A CB  1 
ATOM   216  N N   . ASP A 1 29 ? 7.099   -0.520  -1.934  1.00 13.43  ? 29  ASP A N   1 
ATOM   217  C CA  . ASP A 1 29 ? 8.463   -0.999  -1.766  1.00 17.19  ? 29  ASP A CA  1 
ATOM   218  C C   . ASP A 1 29 ? 9.327   -0.058  -0.947  1.00 16.42  ? 29  ASP A C   1 
ATOM   219  O O   . ASP A 1 29 ? 10.137  -0.508  -0.151  1.00 18.98  ? 29  ASP A O   1 
ATOM   220  C CB  . ASP A 1 29 ? 9.116   -1.159  -3.099  1.00 14.41  ? 29  ASP A CB  1 
ATOM   221  C CG  . ASP A 1 29 ? 8.459   -2.176  -4.003  1.00 20.22  ? 29  ASP A CG  1 
ATOM   222  O OD1 . ASP A 1 29 ? 7.702   -3.050  -3.575  1.00 19.67  ? 29  ASP A OD1 1 
ATOM   223  O OD2 . ASP A 1 29 ? 8.736   -2.079  -5.177  1.00 23.99  ? 29  ASP A OD2 1 
ATOM   224  N N   . ASP A 1 30 ? 9.067   1.256   -1.068  1.00 17.50  ? 30  ASP A N   1 
ATOM   225  C CA  . ASP A 1 30 ? 9.873   2.313   -0.479  1.00 18.13  ? 30  ASP A CA  1 
ATOM   226  C C   . ASP A 1 30 ? 9.111   3.208   0.481   1.00 17.05  ? 30  ASP A C   1 
ATOM   227  O O   . ASP A 1 30 ? 7.896   3.105   0.574   1.00 21.53  ? 30  ASP A O   1 
ATOM   228  C CB  . ASP A 1 30 ? 10.416  3.185   -1.555  1.00 20.99  ? 30  ASP A CB  1 
ATOM   229  C CG  . ASP A 1 30 ? 11.394  2.473   -2.448  1.00 26.67  ? 30  ASP A CG  1 
ATOM   230  O OD1 . ASP A 1 30 ? 12.493  2.152   -1.994  1.00 35.62  ? 30  ASP A OD1 1 
ATOM   231  O OD2 . ASP A 1 30 ? 11.026  2.257   -3.592  1.00 29.93  ? 30  ASP A OD2 1 
ATOM   232  N N   . THR A 1 31 ? 9.809   4.013   1.271   1.00 19.09  ? 31  THR A N   1 
ATOM   233  C CA  . THR A 1 31 ? 9.222   4.954   2.187   1.00 16.18  ? 31  THR A CA  1 
ATOM   234  C C   . THR A 1 31 ? 9.233   6.286   1.427   1.00 15.00  ? 31  THR A C   1 
ATOM   235  O O   . THR A 1 31 ? 10.289  6.750   0.974   1.00 18.26  ? 31  THR A O   1 
ATOM   236  C CB  . THR A 1 31 ? 10.112  4.974   3.450   1.00 15.56  ? 31  THR A CB  1 
ATOM   237  O OG1 . THR A 1 31 ? 9.920   3.712   4.065   1.00 14.39  ? 31  THR A OG1 1 
ATOM   238  C CG2 . THR A 1 31 ? 9.812   6.112   4.400   1.00 11.05  ? 31  THR A CG2 1 
ATOM   239  N N   . VAL A 1 32 ? 8.114   6.986   1.327   1.00 16.18  ? 32  VAL A N   1 
ATOM   240  C CA  . VAL A 1 32 ? 8.074   8.252   0.629   1.00 16.41  ? 32  VAL A CA  1 
ATOM   241  C C   . VAL A 1 32 ? 7.296   9.220   1.517   1.00 23.18  ? 32  VAL A C   1 
ATOM   242  O O   . VAL A 1 32 ? 6.210   8.928   2.015   1.00 24.94  ? 32  VAL A O   1 
ATOM   243  C CB  . VAL A 1 32 ? 7.406   8.135   -0.792  1.00 21.07  ? 32  VAL A CB  1 
ATOM   244  C CG1 . VAL A 1 32 ? 6.031   7.552   -0.760  1.00 29.49  ? 32  VAL A CG1 1 
ATOM   245  C CG2 . VAL A 1 32 ? 7.275   9.513   -1.392  1.00 20.61  ? 32  VAL A CG2 1 
ATOM   246  N N   . LEU A 1 33 ? 7.880   10.388  1.777   1.00 18.94  ? 33  LEU A N   1 
ATOM   247  C CA  . LEU A 1 33 ? 7.316   11.338  2.677   1.00 21.01  ? 33  LEU A CA  1 
ATOM   248  C C   . LEU A 1 33 ? 7.132   12.605  1.895   1.00 21.94  ? 33  LEU A C   1 
ATOM   249  O O   . LEU A 1 33 ? 7.842   12.904  0.925   1.00 24.11  ? 33  LEU A O   1 
ATOM   250  C CB  . LEU A 1 33 ? 8.272   11.579  3.850   1.00 25.15  ? 33  LEU A CB  1 
ATOM   251  C CG  . LEU A 1 33 ? 8.754   10.356  4.665   1.00 28.65  ? 33  LEU A CG  1 
ATOM   252  C CD1 . LEU A 1 33 ? 9.750   10.792  5.720   1.00 32.00  ? 33  LEU A CD1 1 
ATOM   253  C CD2 . LEU A 1 33 ? 7.568   9.683   5.331   1.00 26.33  ? 33  LEU A CD2 1 
ATOM   254  N N   . GLU A 1 34 ? 6.138   13.342  2.339   1.00 24.67  ? 34  GLU A N   1 
ATOM   255  C CA  . GLU A 1 34 ? 5.848   14.642  1.774   1.00 26.22  ? 34  GLU A CA  1 
ATOM   256  C C   . GLU A 1 34 ? 7.063   15.546  1.982   1.00 29.31  ? 34  GLU A C   1 
ATOM   257  O O   . GLU A 1 34 ? 8.011   15.268  2.741   1.00 26.90  ? 34  GLU A O   1 
ATOM   258  C CB  . GLU A 1 34 ? 4.618   15.173  2.457   1.00 29.04  ? 34  GLU A CB  1 
ATOM   259  C CG  . GLU A 1 34 ? 4.876   15.455  3.930   1.00 41.45  ? 34  GLU A CG  1 
ATOM   260  C CD  . GLU A 1 34 ? 3.646   15.611  4.815   1.00 52.25  ? 34  GLU A CD  1 
ATOM   261  O OE1 . GLU A 1 34 ? 2.512   15.428  4.341   1.00 57.71  ? 34  GLU A OE1 1 
ATOM   262  O OE2 . GLU A 1 34 ? 3.847   15.900  6.000   1.00 51.61  ? 34  GLU A OE2 1 
ATOM   263  N N   . GLU A 1 35 ? 7.072   16.635  1.228   1.00 34.99  ? 35  GLU A N   1 
ATOM   264  C CA  . GLU A 1 35 ? 8.199   17.548  1.233   1.00 38.54  ? 35  GLU A CA  1 
ATOM   265  C C   . GLU A 1 35 ? 8.457   18.036  2.652   1.00 34.72  ? 35  GLU A C   1 
ATOM   266  O O   . GLU A 1 35 ? 7.555   18.441  3.391   1.00 31.58  ? 35  GLU A O   1 
ATOM   267  C CB  . GLU A 1 35 ? 7.891   18.722  0.298   1.00 48.35  ? 35  GLU A CB  1 
ATOM   268  C CG  . GLU A 1 35 ? 9.120   19.508  -0.154  1.00 57.28  ? 35  GLU A CG  1 
ATOM   269  C CD  . GLU A 1 35 ? 10.057  18.712  -1.060  1.00 63.51  ? 35  GLU A CD  1 
ATOM   270  O OE1 . GLU A 1 35 ? 9.606   18.255  -2.121  1.00 67.87  ? 35  GLU A OE1 1 
ATOM   271  O OE2 . GLU A 1 35 ? 11.232  18.561  -0.696  1.00 66.99  ? 35  GLU A OE2 1 
ATOM   272  N N   . MET A 1 36 ? 9.697   17.907  3.065   1.00 33.34  ? 36  MET A N   1 
ATOM   273  C CA  . MET A 1 36 ? 10.038  18.304  4.400   1.00 38.47  ? 36  MET A CA  1 
ATOM   274  C C   . MET A 1 36 ? 11.478  18.693  4.342   1.00 42.54  ? 36  MET A C   1 
ATOM   275  O O   . MET A 1 36 ? 12.199  18.374  3.389   1.00 44.78  ? 36  MET A O   1 
ATOM   276  C CB  . MET A 1 36 ? 9.864   17.163  5.402   1.00 37.54  ? 36  MET A CB  1 
ATOM   277  C CG  . MET A 1 36 ? 10.823  16.002  5.237   1.00 36.12  ? 36  MET A CG  1 
ATOM   278  S SD  . MET A 1 36 ? 10.423  14.875  6.566   1.00 37.37  ? 36  MET A SD  1 
ATOM   279  C CE  . MET A 1 36 ? 11.198  15.700  7.934   1.00 36.34  ? 36  MET A CE  1 
ATOM   280  N N   . ASN A 1 37 ? 11.814  19.431  5.399   1.00 51.01  ? 37  ASN A N   1 
ATOM   281  C CA  . ASN A 1 37 ? 13.162  19.901  5.655   1.00 59.10  ? 37  ASN A CA  1 
ATOM   282  C C   . ASN A 1 37 ? 13.906  18.617  6.011   1.00 57.70  ? 37  ASN A C   1 
ATOM   283  O O   . ASN A 1 37 ? 13.323  17.809  6.728   1.00 64.05  ? 37  ASN A O   1 
ATOM   284  C CB  . ASN A 1 37 ? 13.073  20.874  6.817   1.00 67.08  ? 37  ASN A CB  1 
ATOM   285  C CG  . ASN A 1 37 ? 14.338  21.639  7.199   1.00 77.02  ? 37  ASN A CG  1 
ATOM   286  O OD1 . ASN A 1 37 ? 14.303  22.376  8.176   1.00 82.76  ? 37  ASN A OD1 1 
ATOM   287  N ND2 . ASN A 1 37 ? 15.471  21.683  6.498   1.00 80.62  ? 37  ASN A ND2 1 
ATOM   288  N N   . LEU A 1 38 ? 15.040  18.280  5.408   1.00 50.61  ? 38  LEU A N   1 
ATOM   289  C CA  . LEU A 1 38 ? 15.747  17.081  5.807   1.00 46.73  ? 38  LEU A CA  1 
ATOM   290  C C   . LEU A 1 38 ? 17.192  17.419  5.511   1.00 54.23  ? 38  LEU A C   1 
ATOM   291  O O   . LEU A 1 38 ? 17.490  18.043  4.476   1.00 60.30  ? 38  LEU A O   1 
ATOM   292  C CB  . LEU A 1 38 ? 15.316  15.887  4.975   1.00 43.11  ? 38  LEU A CB  1 
ATOM   293  C CG  . LEU A 1 38 ? 15.380  14.501  5.571   1.00 35.12  ? 38  LEU A CG  1 
ATOM   294  C CD1 . LEU A 1 38 ? 14.528  14.449  6.797   1.00 35.76  ? 38  LEU A CD1 1 
ATOM   295  C CD2 . LEU A 1 38 ? 14.811  13.484  4.604   1.00 34.80  ? 38  LEU A CD2 1 
ATOM   296  N N   . PRO A 1 39 ? 18.111  17.115  6.409   1.00 54.89  ? 39  PRO A N   1 
ATOM   297  C CA  . PRO A 1 39 ? 19.505  17.438  6.234   1.00 56.70  ? 39  PRO A CA  1 
ATOM   298  C C   . PRO A 1 39 ? 20.261  16.495  5.310   1.00 55.72  ? 39  PRO A C   1 
ATOM   299  O O   . PRO A 1 39 ? 20.094  15.273  5.365   1.00 52.14  ? 39  PRO A O   1 
ATOM   300  C CB  . PRO A 1 39 ? 20.031  17.464  7.649   1.00 55.59  ? 39  PRO A CB  1 
ATOM   301  C CG  . PRO A 1 39 ? 19.230  16.348  8.296   1.00 60.13  ? 39  PRO A CG  1 
ATOM   302  C CD  . PRO A 1 39 ? 17.837  16.596  7.752   1.00 57.41  ? 39  PRO A CD  1 
ATOM   303  N N   . GLY A 1 40 ? 21.076  17.044  4.411   1.00 58.73  ? 40  GLY A N   1 
ATOM   304  C CA  . GLY A 1 40 ? 21.990  16.198  3.657   1.00 58.06  ? 40  GLY A CA  1 
ATOM   305  C C   . GLY A 1 40 ? 21.964  16.311  2.143   1.00 55.34  ? 40  GLY A C   1 
ATOM   306  O O   . GLY A 1 40 ? 21.478  17.267  1.529   1.00 51.87  ? 40  GLY A O   1 
ATOM   307  N N   . ARG A 1 41 ? 22.645  15.296  1.617   1.00 58.04  ? 41  ARG A N   1 
ATOM   308  C CA  . ARG A 1 41 ? 22.770  15.079  0.184   1.00 66.12  ? 41  ARG A CA  1 
ATOM   309  C C   . ARG A 1 41 ? 21.602  14.197  -0.216  1.00 62.73  ? 41  ARG A C   1 
ATOM   310  O O   . ARG A 1 41 ? 21.043  13.472  0.619   1.00 63.79  ? 41  ARG A O   1 
ATOM   311  C CB  . ARG A 1 41 ? 24.025  14.301  -0.232  1.00 74.01  ? 41  ARG A CB  1 
ATOM   312  C CG  . ARG A 1 41 ? 25.400  14.880  0.097   1.00 87.25  ? 41  ARG A CG  1 
ATOM   313  C CD  . ARG A 1 41 ? 26.026  14.259  1.356   1.00 95.97  ? 41  ARG A CD  1 
ATOM   314  N NE  . ARG A 1 41 ? 26.232  12.811  1.267   1.00 104.59 ? 41  ARG A NE  1 
ATOM   315  C CZ  . ARG A 1 41 ? 27.200  12.232  0.534   1.00 108.24 ? 41  ARG A CZ  1 
ATOM   316  N NH1 . ARG A 1 41 ? 28.064  12.945  -0.207  1.00 109.68 ? 41  ARG A NH1 1 
ATOM   317  N NH2 . ARG A 1 41 ? 27.293  10.898  0.534   1.00 109.40 ? 41  ARG A NH2 1 
ATOM   318  N N   . TRP A 1 42 ? 21.293  14.206  -1.506  1.00 58.09  ? 42  TRP A N   1 
ATOM   319  C CA  . TRP A 1 42 ? 20.218  13.399  -2.032  1.00 53.72  ? 42  TRP A CA  1 
ATOM   320  C C   . TRP A 1 42 ? 20.465  13.168  -3.500  1.00 52.75  ? 42  TRP A C   1 
ATOM   321  O O   . TRP A 1 42 ? 21.207  13.929  -4.124  1.00 56.49  ? 42  TRP A O   1 
ATOM   322  C CB  . TRP A 1 42 ? 18.882  14.108  -1.832  1.00 51.09  ? 42  TRP A CB  1 
ATOM   323  C CG  . TRP A 1 42 ? 18.811  15.531  -2.360  1.00 48.92  ? 42  TRP A CG  1 
ATOM   324  C CD1 . TRP A 1 42 ? 19.126  16.606  -1.572  1.00 47.24  ? 42  TRP A CD1 1 
ATOM   325  C CD2 . TRP A 1 42 ? 18.397  15.885  -3.609  1.00 47.55  ? 42  TRP A CD2 1 
ATOM   326  N NE1 . TRP A 1 42 ? 18.894  17.651  -2.317  1.00 45.76  ? 42  TRP A NE1 1 
ATOM   327  C CE2 . TRP A 1 42 ? 18.462  17.279  -3.533  1.00 47.53  ? 42  TRP A CE2 1 
ATOM   328  C CE3 . TRP A 1 42 ? 17.972  15.245  -4.774  1.00 46.06  ? 42  TRP A CE3 1 
ATOM   329  C CZ2 . TRP A 1 42 ? 18.090  18.055  -4.635  1.00 49.93  ? 42  TRP A CZ2 1 
ATOM   330  C CZ3 . TRP A 1 42 ? 17.601  16.025  -5.871  1.00 48.32  ? 42  TRP A CZ3 1 
ATOM   331  C CH2 . TRP A 1 42 ? 17.664  17.416  -5.806  1.00 46.78  ? 42  TRP A CH2 1 
ATOM   332  N N   . LYS A 1 43 ? 19.873  12.114  -4.041  1.00 53.69  ? 43  LYS A N   1 
ATOM   333  C CA  . LYS A 1 43 ? 19.943  11.792  -5.466  1.00 49.08  ? 43  LYS A CA  1 
ATOM   334  C C   . LYS A 1 43 ? 18.513  11.964  -5.989  1.00 44.47  ? 43  LYS A C   1 
ATOM   335  O O   . LYS A 1 43 ? 17.581  11.512  -5.317  1.00 35.15  ? 43  LYS A O   1 
ATOM   336  C CB  . LYS A 1 43 ? 20.359  10.337  -5.719  1.00 52.45  ? 43  LYS A CB  1 
ATOM   337  C CG  . LYS A 1 43 ? 21.758  9.859   -5.350  1.00 57.28  ? 43  LYS A CG  1 
ATOM   338  C CD  . LYS A 1 43 ? 22.072  9.930   -3.854  1.00 65.53  ? 43  LYS A CD  1 
ATOM   339  C CE  . LYS A 1 43 ? 21.116  9.108   -2.989  1.00 67.53  ? 43  LYS A CE  1 
ATOM   340  N NZ  . LYS A 1 43 ? 21.185  9.511   -1.594  1.00 68.10  ? 43  LYS A NZ  1 
ATOM   341  N N   . PRO A 1 44 ? 18.218  12.632  -7.102  1.00 47.51  ? 44  PRO A N   1 
ATOM   342  C CA  . PRO A 1 44 ? 16.894  12.573  -7.723  1.00 46.41  ? 44  PRO A CA  1 
ATOM   343  C C   . PRO A 1 44 ? 16.568  11.161  -8.207  1.00 45.56  ? 44  PRO A C   1 
ATOM   344  O O   . PRO A 1 44 ? 17.437  10.435  -8.703  1.00 45.46  ? 44  PRO A O   1 
ATOM   345  C CB  . PRO A 1 44 ? 16.979  13.612  -8.816  1.00 46.87  ? 44  PRO A CB  1 
ATOM   346  C CG  . PRO A 1 44 ? 18.440  13.612  -9.200  1.00 47.03  ? 44  PRO A CG  1 
ATOM   347  C CD  . PRO A 1 44 ? 19.137  13.487  -7.856  1.00 48.11  ? 44  PRO A CD  1 
ATOM   348  N N   . LYS A 1 45 ? 15.318  10.753  -8.034  1.00 40.19  ? 45  LYS A N   1 
ATOM   349  C CA  . LYS A 1 45 ? 14.870  9.437   -8.432  1.00 35.96  ? 45  LYS A CA  1 
ATOM   350  C C   . LYS A 1 45 ? 13.411  9.636   -8.826  1.00 34.49  ? 45  LYS A C   1 
ATOM   351  O O   . LYS A 1 45 ? 12.845  10.709  -8.602  1.00 31.61  ? 45  LYS A O   1 
ATOM   352  C CB  . LYS A 1 45 ? 15.003  8.487   -7.237  1.00 41.28  ? 45  LYS A CB  1 
ATOM   353  C CG  . LYS A 1 45 ? 14.813  7.012   -7.523  1.00 48.78  ? 45  LYS A CG  1 
ATOM   354  C CD  . LYS A 1 45 ? 14.567  6.232   -6.237  1.00 56.18  ? 45  LYS A CD  1 
ATOM   355  C CE  . LYS A 1 45 ? 14.494  4.722   -6.494  1.00 61.14  ? 45  LYS A CE  1 
ATOM   356  N NZ  . LYS A 1 45 ? 14.474  3.975   -5.245  1.00 64.33  ? 45  LYS A NZ  1 
ATOM   357  N N   . MET A 1 46 ? 12.757  8.666   -9.461  1.00 35.54  ? 46  MET A N   1 
ATOM   358  C CA  . MET A 1 46 ? 11.352  8.746   -9.808  1.00 35.79  ? 46  MET A CA  1 
ATOM   359  C C   . MET A 1 46 ? 10.709  7.467   -9.349  1.00 35.78  ? 46  MET A C   1 
ATOM   360  O O   . MET A 1 46 ? 11.357  6.423   -9.414  1.00 38.90  ? 46  MET A O   1 
ATOM   361  C CB  . MET A 1 46 ? 11.140  8.856   -11.298 1.00 42.47  ? 46  MET A CB  1 
ATOM   362  C CG  . MET A 1 46 ? 11.138  10.316  -11.646 1.00 46.98  ? 46  MET A CG  1 
ATOM   363  S SD  . MET A 1 46 ? 11.212  10.547  -13.428 1.00 54.75  ? 46  MET A SD  1 
ATOM   364  C CE  . MET A 1 46 ? 12.965  10.375  -13.633 1.00 51.61  ? 46  MET A CE  1 
ATOM   365  N N   . ILE A 1 47 ? 9.497   7.512   -8.804  1.00 30.49  ? 47  ILE A N   1 
ATOM   366  C CA  . ILE A 1 47 ? 8.802   6.297   -8.425  1.00 25.26  ? 47  ILE A CA  1 
ATOM   367  C C   . ILE A 1 47 ? 7.512   6.240   -9.205  1.00 18.41  ? 47  ILE A C   1 
ATOM   368  O O   . ILE A 1 47 ? 6.951   7.289   -9.526  1.00 22.84  ? 47  ILE A O   1 
ATOM   369  C CB  . ILE A 1 47 ? 8.468   6.230   -6.888  1.00 27.02  ? 47  ILE A CB  1 
ATOM   370  C CG1 . ILE A 1 47 ? 7.860   7.496   -6.355  1.00 33.12  ? 47  ILE A CG1 1 
ATOM   371  C CG2 . ILE A 1 47 ? 9.759   6.000   -6.122  1.00 34.53  ? 47  ILE A CG2 1 
ATOM   372  C CD1 . ILE A 1 47 ? 7.243   7.275   -4.965  1.00 39.44  ? 47  ILE A CD1 1 
ATOM   373  N N   . GLY A 1 48 ? 6.998   5.071   -9.510  1.00 18.82  ? 48  GLY A N   1 
ATOM   374  C CA  . GLY A 1 48 ? 5.735   4.914   -10.211 1.00 21.51  ? 48  GLY A CA  1 
ATOM   375  C C   . GLY A 1 48 ? 4.618   4.455   -9.267  1.00 20.82  ? 48  GLY A C   1 
ATOM   376  O O   . GLY A 1 48 ? 4.810   3.631   -8.377  1.00 24.96  ? 48  GLY A O   1 
ATOM   377  N N   . GLY A 1 49 ? 3.440   5.050   -9.390  1.00 19.94  ? 49  GLY A N   1 
ATOM   378  C CA  . GLY A 1 49 ? 2.333   4.739   -8.508  1.00 21.10  ? 49  GLY A CA  1 
ATOM   379  C C   . GLY A 1 49 ? 1.113   4.543   -9.349  1.00 22.62  ? 49  GLY A C   1 
ATOM   380  O O   . GLY A 1 49 ? 1.189   4.535   -10.577 1.00 23.47  ? 49  GLY A O   1 
ATOM   381  N N   . ILE A 1 50 ? -0.054  4.491   -8.730  1.00 20.01  ? 50  ILE A N   1 
ATOM   382  C CA  . ILE A 1 50 ? -1.249  4.261   -9.489  1.00 26.14  ? 50  ILE A CA  1 
ATOM   383  C C   . ILE A 1 50 ? -1.581  5.303   -10.557 1.00 32.16  ? 50  ILE A C   1 
ATOM   384  O O   . ILE A 1 50 ? -1.907  4.896   -11.681 1.00 41.38  ? 50  ILE A O   1 
ATOM   385  C CB  . ILE A 1 50 ? -2.362  4.063   -8.459  1.00 26.46  ? 50  ILE A CB  1 
ATOM   386  C CG1 . ILE A 1 50 ? -3.029  2.794   -8.959  1.00 27.96  ? 50  ILE A CG1 1 
ATOM   387  C CG2 . ILE A 1 50 ? -3.351  5.210   -8.295  1.00 31.53  ? 50  ILE A CG2 1 
ATOM   388  C CD1 . ILE A 1 50 ? -4.111  2.202   -8.051  1.00 33.32  ? 50  ILE A CD1 1 
ATOM   389  N N   . GLY A 1 51 ? -1.443  6.609   -10.317 1.00 29.43  ? 51  GLY A N   1 
ATOM   390  C CA  . GLY A 1 51 ? -1.785  7.557   -11.373 1.00 29.88  ? 51  GLY A CA  1 
ATOM   391  C C   . GLY A 1 51 ? -0.580  7.971   -12.226 1.00 34.24  ? 51  GLY A C   1 
ATOM   392  O O   . GLY A 1 51 ? -0.707  8.793   -13.136 1.00 37.75  ? 51  GLY A O   1 
ATOM   393  N N   . GLY A 1 52 ? 0.625   7.457   -11.994 1.00 30.34  ? 52  GLY A N   1 
ATOM   394  C CA  . GLY A 1 52 ? 1.776   7.846   -12.783 1.00 29.50  ? 52  GLY A CA  1 
ATOM   395  C C   . GLY A 1 52 ? 3.036   7.933   -11.965 1.00 26.14  ? 52  GLY A C   1 
ATOM   396  O O   . GLY A 1 52 ? 3.151   7.283   -10.926 1.00 25.89  ? 52  GLY A O   1 
ATOM   397  N N   . PHE A 1 53 ? 3.973   8.773   -12.392 1.00 27.04  ? 53  PHE A N   1 
ATOM   398  C CA  . PHE A 1 53 ? 5.294   8.809   -11.784 1.00 26.86  ? 53  PHE A CA  1 
ATOM   399  C C   . PHE A 1 53 ? 5.556   10.109  -11.051 1.00 28.71  ? 53  PHE A C   1 
ATOM   400  O O   . PHE A 1 53 ? 5.042   11.152  -11.459 1.00 29.69  ? 53  PHE A O   1 
ATOM   401  C CB  . PHE A 1 53 ? 6.393   8.631   -12.854 1.00 24.48  ? 53  PHE A CB  1 
ATOM   402  C CG  . PHE A 1 53 ? 6.760   7.195   -13.243 1.00 31.01  ? 53  PHE A CG  1 
ATOM   403  C CD1 . PHE A 1 53 ? 5.825   6.357   -13.879 1.00 35.09  ? 53  PHE A CD1 1 
ATOM   404  C CD2 . PHE A 1 53 ? 8.033   6.680   -12.904 1.00 34.27  ? 53  PHE A CD2 1 
ATOM   405  C CE1 . PHE A 1 53 ? 6.149   5.022   -14.153 1.00 31.92  ? 53  PHE A CE1 1 
ATOM   406  C CE2 . PHE A 1 53 ? 8.339   5.345   -13.183 1.00 30.40  ? 53  PHE A CE2 1 
ATOM   407  C CZ  . PHE A 1 53 ? 7.401   4.521   -13.800 1.00 24.41  ? 53  PHE A CZ  1 
ATOM   408  N N   . ILE A 1 54 ? 6.326   10.139  -9.969  1.00 27.82  ? 54  ILE A N   1 
ATOM   409  C CA  . ILE A 1 54 ? 6.683   11.420  -9.359  1.00 28.67  ? 54  ILE A CA  1 
ATOM   410  C C   . ILE A 1 54 ? 8.193   11.425  -9.167  1.00 28.06  ? 54  ILE A C   1 
ATOM   411  O O   . ILE A 1 54 ? 8.813   10.363  -9.000  1.00 24.05  ? 54  ILE A O   1 
ATOM   412  C CB  . ILE A 1 54 ? 6.022   11.726  -7.936  1.00 21.41  ? 54  ILE A CB  1 
ATOM   413  C CG1 . ILE A 1 54 ? 6.156   10.619  -6.917  1.00 23.63  ? 54  ILE A CG1 1 
ATOM   414  C CG2 . ILE A 1 54 ? 4.582   12.088  -8.225  1.00 24.75  ? 54  ILE A CG2 1 
ATOM   415  C CD1 . ILE A 1 54 ? 5.906   11.158  -5.477  1.00 23.01  ? 54  ILE A CD1 1 
ATOM   416  N N   . LYS A 1 55 ? 8.777   12.626  -9.202  1.00 28.03  ? 55  LYS A N   1 
ATOM   417  C CA  . LYS A 1 55 ? 10.211  12.754  -8.978  1.00 31.17  ? 55  LYS A CA  1 
ATOM   418  C C   . LYS A 1 55 ? 10.391  12.996  -7.487  1.00 23.72  ? 55  LYS A C   1 
ATOM   419  O O   . LYS A 1 55 ? 9.692   13.842  -6.907  1.00 25.89  ? 55  LYS A O   1 
ATOM   420  C CB  . LYS A 1 55 ? 10.806  13.948  -9.728  1.00 37.01  ? 55  LYS A CB  1 
ATOM   421  C CG  . LYS A 1 55 ? 10.522  14.061  -11.221 1.00 46.81  ? 55  LYS A CG  1 
ATOM   422  C CD  . LYS A 1 55 ? 11.126  15.394  -11.680 1.00 57.78  ? 55  LYS A CD  1 
ATOM   423  C CE  . LYS A 1 55 ? 10.747  15.764  -13.118 1.00 65.30  ? 55  LYS A CE  1 
ATOM   424  N NZ  . LYS A 1 55 ? 11.361  17.020  -13.540 1.00 65.54  ? 55  LYS A NZ  1 
ATOM   425  N N   . VAL A 1 56 ? 11.315  12.287  -6.870  1.00 21.96  ? 56  VAL A N   1 
ATOM   426  C CA  . VAL A 1 56 ? 11.530  12.422  -5.435  1.00 26.00  ? 56  VAL A CA  1 
ATOM   427  C C   . VAL A 1 56 ? 13.027  12.627  -5.218  1.00 25.37  ? 56  VAL A C   1 
ATOM   428  O O   . VAL A 1 56 ? 13.835  12.433  -6.131  1.00 30.78  ? 56  VAL A O   1 
ATOM   429  C CB  . VAL A 1 56 ? 11.053  11.137  -4.650  1.00 24.57  ? 56  VAL A CB  1 
ATOM   430  C CG1 . VAL A 1 56 ? 9.524   11.029  -4.643  1.00 26.27  ? 56  VAL A CG1 1 
ATOM   431  C CG2 . VAL A 1 56 ? 11.620  9.887   -5.293  1.00 19.02  ? 56  VAL A CG2 1 
ATOM   432  N N   . ARG A 1 57 ? 13.422  12.997  -4.009  1.00 25.64  ? 57  ARG A N   1 
ATOM   433  C CA  . ARG A 1 57 ? 14.809  13.106  -3.620  1.00 27.86  ? 57  ARG A CA  1 
ATOM   434  C C   . ARG A 1 57 ? 15.042  11.901  -2.721  1.00 25.45  ? 57  ARG A C   1 
ATOM   435  O O   . ARG A 1 57 ? 14.285  11.651  -1.773  1.00 24.80  ? 57  ARG A O   1 
ATOM   436  C CB  . ARG A 1 57 ? 15.063  14.335  -2.796  1.00 32.00  ? 57  ARG A CB  1 
ATOM   437  C CG  . ARG A 1 57 ? 14.662  15.645  -3.382  1.00 36.84  ? 57  ARG A CG  1 
ATOM   438  C CD  . ARG A 1 57 ? 14.721  16.621  -2.226  1.00 49.63  ? 57  ARG A CD  1 
ATOM   439  N NE  . ARG A 1 57 ? 15.058  17.928  -2.756  1.00 62.67  ? 57  ARG A NE  1 
ATOM   440  C CZ  . ARG A 1 57 ? 15.229  19.018  -1.995  1.00 68.30  ? 57  ARG A CZ  1 
ATOM   441  N NH1 . ARG A 1 57 ? 15.063  18.995  -0.662  1.00 72.64  ? 57  ARG A NH1 1 
ATOM   442  N NH2 . ARG A 1 57 ? 15.545  20.165  -2.603  1.00 65.15  ? 57  ARG A NH2 1 
ATOM   443  N N   . GLN A 1 58 ? 16.083  11.146  -2.991  1.00 19.93  ? 58  GLN A N   1 
ATOM   444  C CA  . GLN A 1 58 ? 16.440  9.985   -2.234  1.00 24.29  ? 58  GLN A CA  1 
ATOM   445  C C   . GLN A 1 58 ? 17.492  10.389  -1.206  1.00 31.73  ? 58  GLN A C   1 
ATOM   446  O O   . GLN A 1 58 ? 18.521  10.962  -1.592  1.00 31.91  ? 58  GLN A O   1 
ATOM   447  C CB  . GLN A 1 58 ? 16.981  8.973   -3.176  1.00 26.82  ? 58  GLN A CB  1 
ATOM   448  C CG  . GLN A 1 58 ? 17.374  7.743   -2.413  1.00 35.61  ? 58  GLN A CG  1 
ATOM   449  C CD  . GLN A 1 58 ? 17.937  6.610   -3.248  1.00 39.13  ? 58  GLN A CD  1 
ATOM   450  O OE1 . GLN A 1 58 ? 18.995  6.075   -2.948  1.00 43.85  ? 58  GLN A OE1 1 
ATOM   451  N NE2 . GLN A 1 58 ? 17.287  6.153   -4.302  1.00 39.33  ? 58  GLN A NE2 1 
ATOM   452  N N   . TYR A 1 59 ? 17.256  10.094  0.080   1.00 27.69  ? 59  TYR A N   1 
ATOM   453  C CA  . TYR A 1 59 ? 18.172  10.385  1.169   1.00 24.28  ? 59  TYR A CA  1 
ATOM   454  C C   . TYR A 1 59 ? 18.530  9.045   1.750   1.00 26.69  ? 59  TYR A C   1 
ATOM   455  O O   . TYR A 1 59 ? 17.633  8.237   2.033   1.00 23.36  ? 59  TYR A O   1 
ATOM   456  C CB  . TYR A 1 59 ? 17.490  11.206  2.229   1.00 25.33  ? 59  TYR A CB  1 
ATOM   457  C CG  . TYR A 1 59 ? 17.325  12.663  1.889   1.00 28.15  ? 59  TYR A CG  1 
ATOM   458  C CD1 . TYR A 1 59 ? 16.211  13.137  1.180   1.00 31.83  ? 59  TYR A CD1 1 
ATOM   459  C CD2 . TYR A 1 59 ? 18.321  13.543  2.305   1.00 35.73  ? 59  TYR A CD2 1 
ATOM   460  C CE1 . TYR A 1 59 ? 16.095  14.499  0.893   1.00 32.12  ? 59  TYR A CE1 1 
ATOM   461  C CE2 . TYR A 1 59 ? 18.206  14.906  2.022   1.00 35.43  ? 59  TYR A CE2 1 
ATOM   462  C CZ  . TYR A 1 59 ? 17.100  15.374  1.325   1.00 35.03  ? 59  TYR A CZ  1 
ATOM   463  O OH  . TYR A 1 59 ? 16.983  16.734  1.115   1.00 42.76  ? 59  TYR A OH  1 
ATOM   464  N N   . ASP A 1 60 ? 19.815  8.749   1.909   1.00 22.58  ? 60  ASP A N   1 
ATOM   465  C CA  . ASP A 1 60 ? 20.219  7.463   2.456   1.00 24.37  ? 60  ASP A CA  1 
ATOM   466  C C   . ASP A 1 60 ? 20.610  7.604   3.909   1.00 24.71  ? 60  ASP A C   1 
ATOM   467  O O   . ASP A 1 60 ? 20.954  8.700   4.358   1.00 29.07  ? 60  ASP A O   1 
ATOM   468  C CB  . ASP A 1 60 ? 21.410  6.894   1.721   1.00 33.64  ? 60  ASP A CB  1 
ATOM   469  C CG  . ASP A 1 60 ? 21.194  6.573   0.248   1.00 37.91  ? 60  ASP A CG  1 
ATOM   470  O OD1 . ASP A 1 60 ? 20.080  6.670   -0.266  1.00 39.29  ? 60  ASP A OD1 1 
ATOM   471  O OD2 . ASP A 1 60 ? 22.173  6.220   -0.398  1.00 47.72  ? 60  ASP A OD2 1 
ATOM   472  N N   . GLN A 1 61 ? 20.518  6.472   4.614   1.00 23.18  ? 61  GLN A N   1 
ATOM   473  C CA  . GLN A 1 61 ? 20.913  6.342   5.998   1.00 24.50  ? 61  GLN A CA  1 
ATOM   474  C C   . GLN A 1 61 ? 20.295  7.361   6.936   1.00 26.99  ? 61  GLN A C   1 
ATOM   475  O O   . GLN A 1 61 ? 20.991  7.921   7.772   1.00 25.22  ? 61  GLN A O   1 
ATOM   476  C CB  . GLN A 1 61 ? 22.473  6.384   6.068   1.00 30.68  ? 61  GLN A CB  1 
ATOM   477  C CG  . GLN A 1 61 ? 23.222  5.044   6.288   1.00 43.25  ? 61  GLN A CG  1 
ATOM   478  C CD  . GLN A 1 61 ? 23.590  4.707   7.747   1.00 49.93  ? 61  GLN A CD  1 
ATOM   479  O OE1 . GLN A 1 61 ? 23.563  3.556   8.219   1.00 52.84  ? 61  GLN A OE1 1 
ATOM   480  N NE2 . GLN A 1 61 ? 23.907  5.692   8.565   1.00 53.57  ? 61  GLN A NE2 1 
ATOM   481  N N   . ILE A 1 62 ? 18.976  7.547   6.788   1.00 25.49  ? 62  ILE A N   1 
ATOM   482  C CA  . ILE A 1 62 ? 18.189  8.493   7.580   1.00 21.65  ? 62  ILE A CA  1 
ATOM   483  C C   . ILE A 1 62 ? 17.590  7.723   8.761   1.00 20.08  ? 62  ILE A C   1 
ATOM   484  O O   . ILE A 1 62 ? 17.053  6.619   8.555   1.00 21.25  ? 62  ILE A O   1 
ATOM   485  C CB  . ILE A 1 62 ? 17.067  9.084   6.697   1.00 19.26  ? 62  ILE A CB  1 
ATOM   486  C CG1 . ILE A 1 62 ? 17.669  9.827   5.536   1.00 25.40  ? 62  ILE A CG1 1 
ATOM   487  C CG2 . ILE A 1 62 ? 16.157  9.974   7.530   1.00 22.08  ? 62  ILE A CG2 1 
ATOM   488  C CD1 . ILE A 1 62 ? 18.418  11.118  5.950   1.00 32.26  ? 62  ILE A CD1 1 
ATOM   489  N N   . LEU A 1 63 ? 17.683  8.259   9.964   1.00 18.16  ? 63  LEU A N   1 
ATOM   490  C CA  . LEU A 1 63 ? 17.087  7.685   11.147  1.00 19.21  ? 63  LEU A CA  1 
ATOM   491  C C   . LEU A 1 63 ? 15.620  8.092   11.252  1.00 19.30  ? 63  LEU A C   1 
ATOM   492  O O   . LEU A 1 63 ? 15.229  9.253   11.139  1.00 22.01  ? 63  LEU A O   1 
ATOM   493  C CB  . LEU A 1 63 ? 17.785  8.164   12.417  1.00 21.73  ? 63  LEU A CB  1 
ATOM   494  C CG  . LEU A 1 63 ? 17.241  7.717   13.785  1.00 20.97  ? 63  LEU A CG  1 
ATOM   495  C CD1 . LEU A 1 63 ? 17.413  6.215   13.929  1.00 25.67  ? 63  LEU A CD1 1 
ATOM   496  C CD2 . LEU A 1 63 ? 17.956  8.492   14.884  1.00 21.85  ? 63  LEU A CD2 1 
ATOM   497  N N   . ILE A 1 64 ? 14.793  7.094   11.517  1.00 18.38  ? 64  ILE A N   1 
ATOM   498  C CA  . ILE A 1 64 ? 13.380  7.333   11.672  1.00 16.51  ? 64  ILE A CA  1 
ATOM   499  C C   . ILE A 1 64 ? 12.933  6.524   12.861  1.00 14.04  ? 64  ILE A C   1 
ATOM   500  O O   . ILE A 1 64 ? 13.333  5.377   13.062  1.00 17.56  ? 64  ILE A O   1 
ATOM   501  C CB  . ILE A 1 64 ? 12.747  6.953   10.288  1.00 23.50  ? 64  ILE A CB  1 
ATOM   502  C CG1 . ILE A 1 64 ? 11.283  7.277   10.246  1.00 22.32  ? 64  ILE A CG1 1 
ATOM   503  C CG2 . ILE A 1 64 ? 13.033  5.487   9.993   1.00 27.20  ? 64  ILE A CG2 1 
ATOM   504  C CD1 . ILE A 1 64 ? 10.903  7.464   8.758   1.00 25.98  ? 64  ILE A CD1 1 
ATOM   505  N N   . GLU A 1 65 ? 12.164  7.131   13.738  1.00 11.98  ? 65  GLU A N   1 
ATOM   506  C CA  . GLU A 1 65 ? 11.630  6.427   14.871  1.00 20.44  ? 65  GLU A CA  1 
ATOM   507  C C   . GLU A 1 65 ? 10.167  6.148   14.510  1.00 24.63  ? 65  GLU A C   1 
ATOM   508  O O   . GLU A 1 65 ? 9.420   7.106   14.261  1.00 26.94  ? 65  GLU A O   1 
ATOM   509  C CB  . GLU A 1 65 ? 11.826  7.364   16.005  1.00 22.10  ? 65  GLU A CB  1 
ATOM   510  C CG  . GLU A 1 65 ? 11.771  6.693   17.339  1.00 37.36  ? 65  GLU A CG  1 
ATOM   511  C CD  . GLU A 1 65 ? 12.519  7.470   18.416  1.00 47.34  ? 65  GLU A CD  1 
ATOM   512  O OE1 . GLU A 1 65 ? 13.354  8.330   18.096  1.00 48.88  ? 65  GLU A OE1 1 
ATOM   513  O OE2 . GLU A 1 65 ? 12.274  7.174   19.588  1.00 54.74  ? 65  GLU A OE2 1 
ATOM   514  N N   . ILE A 1 66 ? 9.675   4.902   14.469  1.00 21.78  ? 66  ILE A N   1 
ATOM   515  C CA  . ILE A 1 66 ? 8.331   4.579   13.963  1.00 24.07  ? 66  ILE A CA  1 
ATOM   516  C C   . ILE A 1 66 ? 7.653   3.917   15.135  1.00 24.78  ? 66  ILE A C   1 
ATOM   517  O O   . ILE A 1 66 ? 8.073   2.825   15.509  1.00 26.08  ? 66  ILE A O   1 
ATOM   518  C CB  . ILE A 1 66 ? 8.403   3.573   12.795  1.00 25.49  ? 66  ILE A CB  1 
ATOM   519  C CG1 . ILE A 1 66 ? 9.312   4.078   11.679  1.00 29.88  ? 66  ILE A CG1 1 
ATOM   520  C CG2 . ILE A 1 66 ? 6.989   3.302   12.299  1.00 26.70  ? 66  ILE A CG2 1 
ATOM   521  C CD1 . ILE A 1 66 ? 9.624   2.982   10.649  1.00 31.89  ? 66  ILE A CD1 1 
ATOM   522  N N   . CYS A 1 67 ? 6.658   4.541   15.741  1.00 32.15  ? 67  CYS A N   1 
ATOM   523  C CA  . CYS A 1 67 ? 5.994   4.044   16.948  1.00 39.40  ? 67  CYS A CA  1 
ATOM   524  C C   . CYS A 1 67 ? 7.049   3.633   18.002  1.00 38.16  ? 67  CYS A C   1 
ATOM   525  O O   . CYS A 1 67 ? 7.038   2.523   18.528  1.00 36.51  ? 67  CYS A O   1 
ATOM   526  C CB  . CYS A 1 67 ? 5.046   2.858   16.524  1.00 46.67  ? 67  CYS A CB  1 
ATOM   527  S SG  . CYS A 1 67 ? 3.661   2.377   17.615  1.00 50.89  ? 67  CYS A SG  1 
ATOM   528  N N   . GLY A 1 68 ? 8.059   4.482   18.298  1.00 36.24  ? 68  GLY A N   1 
ATOM   529  C CA  . GLY A 1 68 ? 9.066   4.167   19.325  1.00 37.77  ? 68  GLY A CA  1 
ATOM   530  C C   . GLY A 1 68 ? 10.044  3.048   18.947  1.00 43.65  ? 68  GLY A C   1 
ATOM   531  O O   . GLY A 1 68 ? 10.739  2.502   19.808  1.00 52.49  ? 68  GLY A O   1 
ATOM   532  N N   . HIS A 1 69 ? 10.152  2.665   17.667  1.00 41.09  ? 69  HIS A N   1 
ATOM   533  C CA  . HIS A 1 69 ? 11.136  1.690   17.202  1.00 34.17  ? 69  HIS A CA  1 
ATOM   534  C C   . HIS A 1 69 ? 12.060  2.465   16.269  1.00 28.20  ? 69  HIS A C   1 
ATOM   535  O O   . HIS A 1 69 ? 11.551  3.123   15.351  1.00 27.07  ? 69  HIS A O   1 
ATOM   536  C CB  . HIS A 1 69 ? 10.487  0.579   16.400  1.00 35.13  ? 69  HIS A CB  1 
ATOM   537  C CG  . HIS A 1 69 ? 9.422   -0.175  17.168  1.00 44.01  ? 69  HIS A CG  1 
ATOM   538  N ND1 . HIS A 1 69 ? 8.170   0.197   17.404  1.00 46.14  ? 69  HIS A ND1 1 
ATOM   539  C CD2 . HIS A 1 69 ? 9.627   -1.389  17.775  1.00 44.74  ? 69  HIS A CD2 1 
ATOM   540  C CE1 . HIS A 1 69 ? 7.602   -0.732  18.133  1.00 49.36  ? 69  HIS A CE1 1 
ATOM   541  N NE2 . HIS A 1 69 ? 8.487   -1.679  18.344  1.00 48.71  ? 69  HIS A NE2 1 
ATOM   542  N N   . LYS A 1 70 ? 13.379  2.428   16.439  1.00 21.16  ? 70  LYS A N   1 
ATOM   543  C CA  . LYS A 1 70 ? 14.294  3.142   15.572  1.00 24.97  ? 70  LYS A CA  1 
ATOM   544  C C   . LYS A 1 70 ? 14.695  2.261   14.388  1.00 25.27  ? 70  LYS A C   1 
ATOM   545  O O   . LYS A 1 70 ? 14.845  1.038   14.505  1.00 28.78  ? 70  LYS A O   1 
ATOM   546  C CB  . LYS A 1 70 ? 15.538  3.533   16.321  1.00 27.51  ? 70  LYS A CB  1 
ATOM   547  C CG  . LYS A 1 70 ? 15.331  4.450   17.490  1.00 31.85  ? 70  LYS A CG  1 
ATOM   548  C CD  . LYS A 1 70 ? 16.623  4.382   18.293  1.00 36.67  ? 70  LYS A CD  1 
ATOM   549  C CE  . LYS A 1 70 ? 16.528  5.155   19.600  1.00 42.57  ? 70  LYS A CE  1 
ATOM   550  N NZ  . LYS A 1 70 ? 16.334  6.572   19.343  1.00 48.88  ? 70  LYS A NZ  1 
ATOM   551  N N   . ALA A 1 71 ? 14.848  2.890   13.240  1.00 19.75  ? 71  ALA A N   1 
ATOM   552  C CA  . ALA A 1 71 ? 15.237  2.232   12.011  1.00 22.44  ? 71  ALA A CA  1 
ATOM   553  C C   . ALA A 1 71 ? 16.097  3.220   11.237  1.00 20.96  ? 71  ALA A C   1 
ATOM   554  O O   . ALA A 1 71 ? 16.017  4.439   11.451  1.00 21.46  ? 71  ALA A O   1 
ATOM   555  C CB  . ALA A 1 71 ? 14.007  1.893   11.165  1.00 22.59  ? 71  ALA A CB  1 
ATOM   556  N N   . ILE A 1 72 ? 16.955  2.746   10.345  1.00 18.78  ? 72  ILE A N   1 
ATOM   557  C CA  . ILE A 1 72 ? 17.760  3.647   9.526   1.00 23.11  ? 72  ILE A CA  1 
ATOM   558  C C   . ILE A 1 72 ? 17.638  3.065   8.130   1.00 22.23  ? 72  ILE A C   1 
ATOM   559  O O   . ILE A 1 72 ? 17.793  1.853   7.971   1.00 18.18  ? 72  ILE A O   1 
ATOM   560  C CB  . ILE A 1 72 ? 19.295  3.711   9.959   1.00 25.12  ? 72  ILE A CB  1 
ATOM   561  C CG1 . ILE A 1 72 ? 19.441  4.490   11.248  1.00 26.25  ? 72  ILE A CG1 1 
ATOM   562  C CG2 . ILE A 1 72 ? 20.119  4.476   8.902   1.00 22.06  ? 72  ILE A CG2 1 
ATOM   563  C CD1 . ILE A 1 72 ? 20.857  4.850   11.703  1.00 34.00  ? 72  ILE A CD1 1 
ATOM   564  N N   . GLY A 1 73 ? 17.331  3.910   7.156   1.00 21.54  ? 73  GLY A N   1 
ATOM   565  C CA  . GLY A 1 73 ? 17.190  3.463   5.798   1.00 22.22  ? 73  GLY A CA  1 
ATOM   566  C C   . GLY A 1 73 ? 17.023  4.641   4.875   1.00 23.33  ? 73  GLY A C   1 
ATOM   567  O O   . GLY A 1 73 ? 17.275  5.812   5.228   1.00 20.08  ? 73  GLY A O   1 
ATOM   568  N N   . THR A 1 74 ? 16.689  4.245   3.648   1.00 25.75  ? 74  THR A N   1 
ATOM   569  C CA  . THR A 1 74 ? 16.428  5.182   2.569   1.00 22.33  ? 74  THR A CA  1 
ATOM   570  C C   . THR A 1 74 ? 15.034  5.743   2.695   1.00 17.97  ? 74  THR A C   1 
ATOM   571  O O   . THR A 1 74 ? 14.100  5.023   3.019   1.00 19.20  ? 74  THR A O   1 
ATOM   572  C CB  . THR A 1 74 ? 16.573  4.489   1.202   1.00 18.71  ? 74  THR A CB  1 
ATOM   573  O OG1 . THR A 1 74 ? 17.802  3.767   1.254   1.00 27.52  ? 74  THR A OG1 1 
ATOM   574  C CG2 . THR A 1 74 ? 16.483  5.488   0.034   1.00 18.68  ? 74  THR A CG2 1 
ATOM   575  N N   . VAL A 1 75 ? 14.972  7.059   2.573   1.00 20.61  ? 75  VAL A N   1 
ATOM   576  C CA  . VAL A 1 75 ? 13.728  7.813   2.613   1.00 21.16  ? 75  VAL A CA  1 
ATOM   577  C C   . VAL A 1 75 ? 13.708  8.626   1.341   1.00 20.65  ? 75  VAL A C   1 
ATOM   578  O O   . VAL A 1 75 ? 14.727  9.202   0.943   1.00 18.93  ? 75  VAL A O   1 
ATOM   579  C CB  . VAL A 1 75 ? 13.669  8.774   3.834   1.00 21.51  ? 75  VAL A CB  1 
ATOM   580  C CG1 . VAL A 1 75 ? 12.444  9.655   3.735   1.00 23.64  ? 75  VAL A CG1 1 
ATOM   581  C CG2 . VAL A 1 75 ? 13.594  7.957   5.131   1.00 21.85  ? 75  VAL A CG2 1 
ATOM   582  N N   . LEU A 1 76 ? 12.560  8.618   0.672   1.00 23.18  ? 76  LEU A N   1 
ATOM   583  C CA  . LEU A 1 76 ? 12.327  9.406   -0.520  1.00 20.34  ? 76  LEU A CA  1 
ATOM   584  C C   . LEU A 1 76 ? 11.422  10.540  -0.077  1.00 24.64  ? 76  LEU A C   1 
ATOM   585  O O   . LEU A 1 76 ? 10.472  10.348  0.689   1.00 25.84  ? 76  LEU A O   1 
ATOM   586  C CB  . LEU A 1 76 ? 11.647  8.555   -1.621  1.00 19.52  ? 76  LEU A CB  1 
ATOM   587  C CG  . LEU A 1 76 ? 12.292  7.230   -1.997  1.00 17.67  ? 76  LEU A CG  1 
ATOM   588  C CD1 . LEU A 1 76 ? 11.515  6.595   -3.130  1.00 19.88  ? 76  LEU A CD1 1 
ATOM   589  C CD2 . LEU A 1 76 ? 13.710  7.446   -2.464  1.00 24.93  ? 76  LEU A CD2 1 
ATOM   590  N N   . VAL A 1 77 ? 11.711  11.772  -0.472  1.00 19.57  ? 77  VAL A N   1 
ATOM   591  C CA  . VAL A 1 77 ? 10.909  12.911  -0.110  1.00 18.63  ? 77  VAL A CA  1 
ATOM   592  C C   . VAL A 1 77 ? 10.399  13.510  -1.406  1.00 27.23  ? 77  VAL A C   1 
ATOM   593  O O   . VAL A 1 77 ? 11.162  13.632  -2.367  1.00 29.97  ? 77  VAL A O   1 
ATOM   594  C CB  . VAL A 1 77 ? 11.755  13.936  0.654   1.00 20.20  ? 77  VAL A CB  1 
ATOM   595  C CG1 . VAL A 1 77 ? 10.920  15.149  0.974   1.00 21.25  ? 77  VAL A CG1 1 
ATOM   596  C CG2 . VAL A 1 77 ? 12.218  13.340  1.988   1.00 23.87  ? 77  VAL A CG2 1 
ATOM   597  N N   . GLY A 1 78 ? 9.122   13.875  -1.482  1.00 26.89  ? 78  GLY A N   1 
ATOM   598  C CA  . GLY A 1 78 ? 8.592   14.451  -2.693  1.00 23.64  ? 78  GLY A CA  1 
ATOM   599  C C   . GLY A 1 78 ? 7.104   14.693  -2.579  1.00 25.79  ? 78  GLY A C   1 
ATOM   600  O O   . GLY A 1 78 ? 6.525   14.706  -1.483  1.00 27.48  ? 78  GLY A O   1 
ATOM   601  N N   . PRO A 1 79 ? 6.420   14.906  -3.699  1.00 25.20  ? 79  PRO A N   1 
ATOM   602  C CA  . PRO A 1 79 ? 5.008   15.239  -3.708  1.00 27.16  ? 79  PRO A CA  1 
ATOM   603  C C   . PRO A 1 79 ? 4.059   14.047  -3.580  1.00 27.85  ? 79  PRO A C   1 
ATOM   604  O O   . PRO A 1 79 ? 3.247   13.773  -4.476  1.00 31.80  ? 79  PRO A O   1 
ATOM   605  C CB  . PRO A 1 79 ? 4.866   16.039  -5.003  1.00 24.93  ? 79  PRO A CB  1 
ATOM   606  C CG  . PRO A 1 79 ? 5.820   15.306  -5.909  1.00 24.38  ? 79  PRO A CG  1 
ATOM   607  C CD  . PRO A 1 79 ? 7.027   15.102  -5.013  1.00 21.56  ? 79  PRO A CD  1 
ATOM   608  N N   . THR A 1 80 ? 4.183   13.268  -2.501  1.00 27.82  ? 80  THR A N   1 
ATOM   609  C CA  . THR A 1 80 ? 3.193   12.239  -2.235  1.00 24.58  ? 80  THR A CA  1 
ATOM   610  C C   . THR A 1 80 ? 2.048   12.964  -1.515  1.00 25.27  ? 80  THR A C   1 
ATOM   611  O O   . THR A 1 80 ? 2.303   13.926  -0.800  1.00 24.32  ? 80  THR A O   1 
ATOM   612  C CB  . THR A 1 80 ? 3.775   11.133  -1.343  1.00 19.31  ? 80  THR A CB  1 
ATOM   613  O OG1 . THR A 1 80 ? 2.670   10.339  -0.920  1.00 18.34  ? 80  THR A OG1 1 
ATOM   614  C CG2 . THR A 1 80 ? 4.525   11.660  -0.160  1.00 18.97  ? 80  THR A CG2 1 
ATOM   615  N N   . PRO A 1 81 ? 0.775   12.573  -1.634  1.00 27.53  ? 81  PRO A N   1 
ATOM   616  C CA  . PRO A 1 81 ? -0.301  13.087  -0.794  1.00 30.33  ? 81  PRO A CA  1 
ATOM   617  C C   . PRO A 1 81 ? -0.330  12.621  0.687   1.00 31.27  ? 81  PRO A C   1 
ATOM   618  O O   . PRO A 1 81 ? -1.013  13.231  1.524   1.00 25.88  ? 81  PRO A O   1 
ATOM   619  C CB  . PRO A 1 81 ? -1.519  12.684  -1.600  1.00 31.07  ? 81  PRO A CB  1 
ATOM   620  C CG  . PRO A 1 81 ? -1.125  11.338  -2.178  1.00 26.22  ? 81  PRO A CG  1 
ATOM   621  C CD  . PRO A 1 81 ? 0.268   11.627  -2.649  1.00 25.88  ? 81  PRO A CD  1 
ATOM   622  N N   . VAL A 1 82 ? 0.340   11.489  0.991   1.00 26.46  ? 82  VAL A N   1 
ATOM   623  C CA  . VAL A 1 82 ? 0.390   10.869  2.312   1.00 24.48  ? 82  VAL A CA  1 
ATOM   624  C C   . VAL A 1 82 ? 1.815   10.402  2.570   1.00 19.48  ? 82  VAL A C   1 
ATOM   625  O O   . VAL A 1 82 ? 2.536   10.043  1.641   1.00 18.88  ? 82  VAL A O   1 
ATOM   626  C CB  . VAL A 1 82 ? -0.504  9.595   2.476   1.00 26.68  ? 82  VAL A CB  1 
ATOM   627  C CG1 . VAL A 1 82 ? -1.950  9.964   2.615   1.00 33.93  ? 82  VAL A CG1 1 
ATOM   628  C CG2 . VAL A 1 82 ? -0.390  8.724   1.245   1.00 27.92  ? 82  VAL A CG2 1 
ATOM   629  N N   . ASN A 1 83 ? 2.227   10.408  3.841   1.00 16.83  ? 83  ASN A N   1 
ATOM   630  C CA  . ASN A 1 83 ? 3.530   9.897   4.257   1.00 19.62  ? 83  ASN A CA  1 
ATOM   631  C C   . ASN A 1 83 ? 3.366   8.381   4.261   1.00 16.30  ? 83  ASN A C   1 
ATOM   632  O O   . ASN A 1 83 ? 2.399   7.881   4.852   1.00 17.76  ? 83  ASN A O   1 
ATOM   633  C CB  . ASN A 1 83 ? 3.863   10.420  5.658   1.00 21.06  ? 83  ASN A CB  1 
ATOM   634  C CG  . ASN A 1 83 ? 4.151   11.916  5.679   1.00 24.58  ? 83  ASN A CG  1 
ATOM   635  O OD1 . ASN A 1 83 ? 4.752   12.456  4.752   1.00 20.92  ? 83  ASN A OD1 1 
ATOM   636  N ND2 . ASN A 1 83 ? 3.728   12.645  6.711   1.00 21.46  ? 83  ASN A ND2 1 
ATOM   637  N N   . ILE A 1 84 ? 4.253   7.642   3.608   1.00 15.73  ? 84  ILE A N   1 
ATOM   638  C CA  . ILE A 1 84 ? 4.150   6.200   3.405   1.00 15.83  ? 84  ILE A CA  1 
ATOM   639  C C   . ILE A 1 84 ? 5.358   5.527   4.013   1.00 15.16  ? 84  ILE A C   1 
ATOM   640  O O   . ILE A 1 84 ? 6.485   5.897   3.665   1.00 16.74  ? 84  ILE A O   1 
ATOM   641  C CB  . ILE A 1 84 ? 4.076   5.893   1.862   1.00 13.35  ? 84  ILE A CB  1 
ATOM   642  C CG1 . ILE A 1 84 ? 2.715   6.367   1.347   1.00 18.27  ? 84  ILE A CG1 1 
ATOM   643  C CG2 . ILE A 1 84 ? 4.301   4.407   1.582   1.00 17.14  ? 84  ILE A CG2 1 
ATOM   644  C CD1 . ILE A 1 84 ? 2.610   6.419   -0.159  1.00 22.30  ? 84  ILE A CD1 1 
ATOM   645  N N   . ILE A 1 85 ? 5.149   4.541   4.888   1.00 12.03  ? 85  ILE A N   1 
ATOM   646  C CA  . ILE A 1 85 ? 6.258   3.746   5.386   1.00 13.83  ? 85  ILE A CA  1 
ATOM   647  C C   . ILE A 1 85 ? 6.175   2.438   4.594   1.00 16.28  ? 85  ILE A C   1 
ATOM   648  O O   . ILE A 1 85 ? 5.232   1.669   4.800   1.00 15.55  ? 85  ILE A O   1 
ATOM   649  C CB  . ILE A 1 85 ? 6.113   3.449   6.883   1.00 14.22  ? 85  ILE A CB  1 
ATOM   650  C CG1 . ILE A 1 85 ? 5.996   4.712   7.749   1.00 16.30  ? 85  ILE A CG1 1 
ATOM   651  C CG2 . ILE A 1 85 ? 7.325   2.614   7.254   1.00 13.79  ? 85  ILE A CG2 1 
ATOM   652  C CD1 . ILE A 1 85 ? 7.129   5.740   7.725   1.00 20.46  ? 85  ILE A CD1 1 
ATOM   653  N N   . GLY A 1 86 ? 7.128   2.165   3.709   1.00 13.64  ? 86  GLY A N   1 
ATOM   654  C CA  . GLY A 1 86 ? 7.060   0.978   2.886   1.00 12.52  ? 86  GLY A CA  1 
ATOM   655  C C   . GLY A 1 86 ? 7.908   -0.148  3.417   1.00 10.88  ? 86  GLY A C   1 
ATOM   656  O O   . GLY A 1 86 ? 8.493   -0.097  4.516   1.00 12.89  ? 86  GLY A O   1 
ATOM   657  N N   . ARG A 1 87 ? 8.064   -1.201  2.613   1.00 13.51  ? 87  ARG A N   1 
ATOM   658  C CA  . ARG A 1 87 ? 8.682   -2.423  3.085   1.00 12.98  ? 87  ARG A CA  1 
ATOM   659  C C   . ARG A 1 87 ? 10.150  -2.345  3.446   1.00 13.25  ? 87  ARG A C   1 
ATOM   660  O O   . ARG A 1 87 ? 10.526  -3.036  4.414   1.00 17.31  ? 87  ARG A O   1 
ATOM   661  C CB  . ARG A 1 87 ? 8.491   -3.530  2.073   1.00 14.07  ? 87  ARG A CB  1 
ATOM   662  C CG  . ARG A 1 87 ? 7.032   -4.023  1.879   1.00 15.59  ? 87  ARG A CG  1 
ATOM   663  C CD  . ARG A 1 87 ? 6.974   -5.223  0.902   1.00 14.29  ? 87  ARG A CD  1 
ATOM   664  N NE  . ARG A 1 87 ? 7.565   -4.936  -0.429  1.00 17.32  ? 87  ARG A NE  1 
ATOM   665  C CZ  . ARG A 1 87 ? 8.766   -5.357  -0.872  1.00 18.07  ? 87  ARG A CZ  1 
ATOM   666  N NH1 . ARG A 1 87 ? 9.634   -6.067  -0.161  1.00 16.67  ? 87  ARG A NH1 1 
ATOM   667  N NH2 . ARG A 1 87 ? 9.138   -5.016  -2.087  1.00 16.34  ? 87  ARG A NH2 1 
ATOM   668  N N   . ASN A 1 88 ? 10.957  -1.491  2.831   1.00 13.24  ? 88  ASN A N   1 
ATOM   669  C CA  . ASN A 1 88 ? 12.319  -1.253  3.288   1.00 16.99  ? 88  ASN A CA  1 
ATOM   670  C C   . ASN A 1 88 ? 12.441  -0.927  4.773   1.00 17.24  ? 88  ASN A C   1 
ATOM   671  O O   . ASN A 1 88 ? 13.381  -1.369  5.420   1.00 19.62  ? 88  ASN A O   1 
ATOM   672  C CB  . ASN A 1 88 ? 12.945  -0.120  2.475   1.00 16.06  ? 88  ASN A CB  1 
ATOM   673  C CG  . ASN A 1 88 ? 12.516  1.295   2.790   1.00 16.46  ? 88  ASN A CG  1 
ATOM   674  O OD1 . ASN A 1 88 ? 11.331  1.591   2.904   1.00 19.95  ? 88  ASN A OD1 1 
ATOM   675  N ND2 . ASN A 1 88 ? 13.443  2.192   3.014   1.00 16.05  ? 88  ASN A ND2 1 
ATOM   676  N N   . LEU A 1 89 ? 11.495  -0.229  5.421   1.00 18.29  ? 89  LEU A N   1 
ATOM   677  C CA  . LEU A 1 89 ? 11.577  0.001   6.845   1.00 12.47  ? 89  LEU A CA  1 
ATOM   678  C C   . LEU A 1 89 ? 10.651  -0.943  7.555   1.00 17.95  ? 89  LEU A C   1 
ATOM   679  O O   . LEU A 1 89 ? 10.936  -1.292  8.708   1.00 18.55  ? 89  LEU A O   1 
ATOM   680  C CB  . LEU A 1 89 ? 11.213  1.459   7.186   1.00 14.76  ? 89  LEU A CB  1 
ATOM   681  C CG  . LEU A 1 89 ? 12.216  2.529   6.640   1.00 20.40  ? 89  LEU A CG  1 
ATOM   682  C CD1 . LEU A 1 89 ? 11.775  3.919   7.051   1.00 21.35  ? 89  LEU A CD1 1 
ATOM   683  C CD2 . LEU A 1 89 ? 13.622  2.252   7.176   1.00 20.81  ? 89  LEU A CD2 1 
ATOM   684  N N   . LEU A 1 90 ? 9.558   -1.435  6.946   1.00 13.64  ? 90  LEU A N   1 
ATOM   685  C CA  . LEU A 1 90 ? 8.670   -2.332  7.686   1.00 15.35  ? 90  LEU A CA  1 
ATOM   686  C C   . LEU A 1 90 ? 9.375   -3.609  8.111   1.00 15.46  ? 90  LEU A C   1 
ATOM   687  O O   . LEU A 1 90 ? 9.143   -4.072  9.224   1.00 16.20  ? 90  LEU A O   1 
ATOM   688  C CB  . LEU A 1 90 ? 7.447   -2.668  6.839   1.00 15.86  ? 90  LEU A CB  1 
ATOM   689  C CG  . LEU A 1 90 ? 6.456   -1.538  6.533   1.00 15.26  ? 90  LEU A CG  1 
ATOM   690  C CD1 . LEU A 1 90 ? 5.408   -2.050  5.563   1.00 13.31  ? 90  LEU A CD1 1 
ATOM   691  C CD2 . LEU A 1 90 ? 5.830   -1.033  7.817   1.00 15.08  ? 90  LEU A CD2 1 
ATOM   692  N N   . THR A 1 91 ? 10.296  -4.140  7.329   1.00 16.95  ? 91  THR A N   1 
ATOM   693  C CA  . THR A 1 91 ? 11.050  -5.324  7.718   1.00 18.48  ? 91  THR A CA  1 
ATOM   694  C C   . THR A 1 91 ? 11.997  -5.046  8.875   1.00 20.10  ? 91  THR A C   1 
ATOM   695  O O   . THR A 1 91 ? 12.336  -5.939  9.657   1.00 26.49  ? 91  THR A O   1 
ATOM   696  C CB  . THR A 1 91 ? 11.861  -5.823  6.547   1.00 18.71  ? 91  THR A CB  1 
ATOM   697  O OG1 . THR A 1 91 ? 12.700  -4.762  6.089   1.00 20.61  ? 91  THR A OG1 1 
ATOM   698  C CG2 . THR A 1 91 ? 10.943  -6.334  5.486   1.00 17.04  ? 91  THR A CG2 1 
ATOM   699  N N   . GLN A 1 92 ? 12.428  -3.783  9.024   1.00 23.81  ? 92  GLN A N   1 
ATOM   700  C CA  . GLN A 1 92 ? 13.316  -3.398  10.107  1.00 24.57  ? 92  GLN A CA  1 
ATOM   701  C C   . GLN A 1 92 ? 12.655  -3.324  11.459  1.00 25.11  ? 92  GLN A C   1 
ATOM   702  O O   . GLN A 1 92 ? 13.276  -3.603  12.490  1.00 23.71  ? 92  GLN A O   1 
ATOM   703  C CB  . GLN A 1 92 ? 13.956  -2.070  9.824   1.00 23.71  ? 92  GLN A CB  1 
ATOM   704  C CG  . GLN A 1 92 ? 15.001  -2.274  8.776   1.00 30.66  ? 92  GLN A CG  1 
ATOM   705  C CD  . GLN A 1 92 ? 16.027  -1.156  8.792   1.00 40.92  ? 92  GLN A CD  1 
ATOM   706  O OE1 . GLN A 1 92 ? 16.263  -0.550  7.754   1.00 47.46  ? 92  GLN A OE1 1 
ATOM   707  N NE2 . GLN A 1 92 ? 16.667  -0.791  9.916   1.00 37.29  ? 92  GLN A NE2 1 
ATOM   708  N N   . ILE A 1 93 ? 11.382  -2.985  11.506  1.00 20.66  ? 93  ILE A N   1 
ATOM   709  C CA  . ILE A 1 93 ? 10.729  -2.988  12.786  1.00 20.44  ? 93  ILE A CA  1 
ATOM   710  C C   . ILE A 1 93 ? 10.061  -4.345  13.013  1.00 19.31  ? 93  ILE A C   1 
ATOM   711  O O   . ILE A 1 93 ? 9.346   -4.497  13.999  1.00 23.81  ? 93  ILE A O   1 
ATOM   712  C CB  . ILE A 1 93 ? 9.723   -1.773  12.858  1.00 21.27  ? 93  ILE A CB  1 
ATOM   713  C CG1 . ILE A 1 93 ? 8.533   -1.868  11.892  1.00 22.34  ? 93  ILE A CG1 1 
ATOM   714  C CG2 . ILE A 1 93 ? 10.587  -0.539  12.630  1.00 18.19  ? 93  ILE A CG2 1 
ATOM   715  C CD1 . ILE A 1 93 ? 7.540   -0.701  11.999  1.00 26.22  ? 93  ILE A CD1 1 
ATOM   716  N N   . GLY A 1 94 ? 10.281  -5.343  12.136  1.00 21.18  ? 94  GLY A N   1 
ATOM   717  C CA  . GLY A 1 94 ? 9.742   -6.679  12.272  1.00 17.31  ? 94  GLY A CA  1 
ATOM   718  C C   . GLY A 1 94 ? 8.239   -6.771  12.035  1.00 17.03  ? 94  GLY A C   1 
ATOM   719  O O   . GLY A 1 94 ? 7.541   -7.551  12.676  1.00 21.35  ? 94  GLY A O   1 
ATOM   720  N N   . CYS A 1 95 ? 7.692   -6.029  11.103  1.00 18.85  ? 95  CYS A N   1 
ATOM   721  C CA  . CYS A 1 95 ? 6.274   -6.049  10.900  1.00 17.95  ? 95  CYS A CA  1 
ATOM   722  C C   . CYS A 1 95 ? 5.868   -7.215  10.002  1.00 21.03  ? 95  CYS A C   1 
ATOM   723  O O   . CYS A 1 95 ? 6.506   -7.451  8.979   1.00 24.39  ? 95  CYS A O   1 
ATOM   724  C CB  . CYS A 1 95 ? 5.936   -4.665  10.332  1.00 22.10  ? 95  CYS A CB  1 
ATOM   725  S SG  . CYS A 1 95 ? 4.208   -4.441  9.861   1.00 27.54  ? 95  CYS A SG  1 
ATOM   726  N N   . THR A 1 96 ? 4.793   -7.951  10.309  1.00 18.20  ? 96  THR A N   1 
ATOM   727  C CA  . THR A 1 96 ? 4.318   -9.052  9.491   1.00 20.44  ? 96  THR A CA  1 
ATOM   728  C C   . THR A 1 96 ? 2.822   -8.873  9.205   1.00 21.06  ? 96  THR A C   1 
ATOM   729  O O   . THR A 1 96 ? 2.062   -8.182  9.918   1.00 21.37  ? 96  THR A O   1 
ATOM   730  C CB  . THR A 1 96 ? 4.509   -10.424 10.199  1.00 19.08  ? 96  THR A CB  1 
ATOM   731  O OG1 . THR A 1 96 ? 3.869   -10.323 11.458  1.00 19.60  ? 96  THR A OG1 1 
ATOM   732  C CG2 . THR A 1 96 ? 5.950   -10.808 10.382  1.00 21.27  ? 96  THR A CG2 1 
ATOM   733  N N   . LEU A 1 97 ? 2.374   -9.541  8.165   1.00 18.84  ? 97  LEU A N   1 
ATOM   734  C CA  . LEU A 1 97 ? 0.980   -9.479  7.788   1.00 22.18  ? 97  LEU A CA  1 
ATOM   735  C C   . LEU A 1 97 ? 0.467   -10.844 8.211   1.00 22.29  ? 97  LEU A C   1 
ATOM   736  O O   . LEU A 1 97 ? 1.160   -11.854 8.052   1.00 23.32  ? 97  LEU A O   1 
ATOM   737  C CB  . LEU A 1 97 ? 0.979   -9.205  6.300   1.00 23.13  ? 97  LEU A CB  1 
ATOM   738  C CG  . LEU A 1 97 ? -0.166  -8.570  5.560   1.00 29.96  ? 97  LEU A CG  1 
ATOM   739  C CD1 . LEU A 1 97 ? -0.762  -7.404  6.331   1.00 29.59  ? 97  LEU A CD1 1 
ATOM   740  C CD2 . LEU A 1 97 ? 0.379   -8.179  4.185   1.00 27.68  ? 97  LEU A CD2 1 
ATOM   741  N N   . ASN A 1 98 ? -0.704  -10.940 8.828   1.00 22.53  ? 98  ASN A N   1 
ATOM   742  C CA  . ASN A 1 98 ? -1.178  -12.204 9.357   1.00 22.34  ? 98  ASN A CA  1 
ATOM   743  C C   . ASN A 1 98 ? -2.650  -12.326 9.051   1.00 20.60  ? 98  ASN A C   1 
ATOM   744  O O   . ASN A 1 98 ? -3.355  -11.318 9.076   1.00 23.02  ? 98  ASN A O   1 
ATOM   745  C CB  . ASN A 1 98 ? -0.989  -12.246 10.874  1.00 29.36  ? 98  ASN A CB  1 
ATOM   746  C CG  . ASN A 1 98 ? 0.436   -12.024 11.351  1.00 37.41  ? 98  ASN A CG  1 
ATOM   747  O OD1 . ASN A 1 98 ? 1.109   -12.950 11.783  1.00 44.49  ? 98  ASN A OD1 1 
ATOM   748  N ND2 . ASN A 1 98 ? 1.037   -10.840 11.284  1.00 38.60  ? 98  ASN A ND2 1 
ATOM   749  N N   . PHE A 1 99 ? -3.070  -13.525 8.667   1.00 23.55  ? 99  PHE A N   1 
ATOM   750  C CA  . PHE A 1 99 ? -4.463  -13.895 8.434   1.00 22.29  ? 99  PHE A CA  1 
ATOM   751  C C   . PHE A 1 99 ? -4.537  -15.436 8.451   1.00 28.07  ? 99  PHE A C   1 
ATOM   752  O O   . PHE A 1 99 ? -5.604  -16.028 8.302   1.00 27.79  ? 99  PHE A O   1 
ATOM   753  C CB  . PHE A 1 99 ? -4.989  -13.346 7.070   1.00 22.31  ? 99  PHE A CB  1 
ATOM   754  C CG  . PHE A 1 99 ? -4.517  -13.952 5.760   1.00 26.58  ? 99  PHE A CG  1 
ATOM   755  C CD1 . PHE A 1 99 ? -3.372  -13.465 5.128   1.00 27.02  ? 99  PHE A CD1 1 
ATOM   756  C CD2 . PHE A 1 99 ? -5.260  -14.975 5.151   1.00 29.94  ? 99  PHE A CD2 1 
ATOM   757  C CE1 . PHE A 1 99 ? -2.985  -14.000 3.896   1.00 28.53  ? 99  PHE A CE1 1 
ATOM   758  C CE2 . PHE A 1 99 ? -4.860  -15.502 3.923   1.00 26.65  ? 99  PHE A CE2 1 
ATOM   759  C CZ  . PHE A 1 99 ? -3.724  -15.015 3.292   1.00 27.67  ? 99  PHE A CZ  1 
ATOM   760  O OXT . PHE A 1 99 ? -3.500  -16.081 8.586   1.00 30.13  ? 99  PHE A OXT 1 
ATOM   761  N N   . PRO B 1 1  ? -1.915  -17.250 7.037   1.00 42.48  ? 1   PRO B N   1 
ATOM   762  C CA  . PRO B 1 1  ? -0.526  -17.564 7.315   1.00 38.58  ? 1   PRO B CA  1 
ATOM   763  C C   . PRO B 1 1  ? 0.142   -16.278 7.792   1.00 35.98  ? 1   PRO B C   1 
ATOM   764  O O   . PRO B 1 1  ? -0.543  -15.252 7.874   1.00 30.45  ? 1   PRO B O   1 
ATOM   765  C CB  . PRO B 1 1  ? 0.078   -18.058 6.023   1.00 41.46  ? 1   PRO B CB  1 
ATOM   766  C CG  . PRO B 1 1  ? -0.758  -17.327 5.007   1.00 38.08  ? 1   PRO B CG  1 
ATOM   767  C CD  . PRO B 1 1  ? -2.139  -17.462 5.617   1.00 43.38  ? 1   PRO B CD  1 
ATOM   768  N N   . GLN B 1 2  ? 1.432   -16.330 8.134   1.00 33.01  ? 2   GLN B N   1 
ATOM   769  C CA  . GLN B 1 2  ? 2.158   -15.136 8.507   1.00 33.84  ? 2   GLN B CA  1 
ATOM   770  C C   . GLN B 1 2  ? 3.057   -14.797 7.322   1.00 33.64  ? 2   GLN B C   1 
ATOM   771  O O   . GLN B 1 2  ? 3.707   -15.696 6.763   1.00 33.21  ? 2   GLN B O   1 
ATOM   772  C CB  . GLN B 1 2  ? 2.969   -15.415 9.732   1.00 33.20  ? 2   GLN B CB  1 
ATOM   773  C CG  . GLN B 1 2  ? 3.562   -14.126 10.247  1.00 35.85  ? 2   GLN B CG  1 
ATOM   774  C CD  . GLN B 1 2  ? 4.308   -14.332 11.545  1.00 35.79  ? 2   GLN B CD  1 
ATOM   775  O OE1 . GLN B 1 2  ? 5.342   -14.986 11.583  1.00 39.83  ? 2   GLN B OE1 1 
ATOM   776  N NE2 . GLN B 1 2  ? 3.824   -13.780 12.636  1.00 33.97  ? 2   GLN B NE2 1 
ATOM   777  N N   . ILE B 1 3  ? 3.037   -13.535 6.893   1.00 25.14  ? 3   ILE B N   1 
ATOM   778  C CA  . ILE B 1 3  ? 3.786   -13.089 5.731   1.00 26.81  ? 3   ILE B CA  1 
ATOM   779  C C   . ILE B 1 3  ? 4.805   -12.052 6.223   1.00 23.45  ? 3   ILE B C   1 
ATOM   780  O O   . ILE B 1 3  ? 4.405   -11.063 6.859   1.00 20.67  ? 3   ILE B O   1 
ATOM   781  C CB  . ILE B 1 3  ? 2.768   -12.482 4.678   1.00 23.68  ? 3   ILE B CB  1 
ATOM   782  C CG1 . ILE B 1 3  ? 1.730   -13.521 4.293   1.00 26.94  ? 3   ILE B CG1 1 
ATOM   783  C CG2 . ILE B 1 3  ? 3.471   -12.094 3.379   1.00 21.73  ? 3   ILE B CG2 1 
ATOM   784  C CD1 . ILE B 1 3  ? 0.676   -13.015 3.288   1.00 31.02  ? 3   ILE B CD1 1 
ATOM   785  N N   . THR B 1 4  ? 6.109   -12.274 6.027   1.00 22.38  ? 4   THR B N   1 
ATOM   786  C CA  . THR B 1 4  ? 7.104   -11.254 6.345   1.00 21.78  ? 4   THR B CA  1 
ATOM   787  C C   . THR B 1 4  ? 7.244   -10.425 5.072   1.00 23.06  ? 4   THR B C   1 
ATOM   788  O O   . THR B 1 4  ? 6.755   -10.789 3.997   1.00 21.86  ? 4   THR B O   1 
ATOM   789  C CB  . THR B 1 4  ? 8.446   -11.907 6.757   1.00 26.33  ? 4   THR B CB  1 
ATOM   790  O OG1 . THR B 1 4  ? 8.839   -12.877 5.819   1.00 21.79  ? 4   THR B OG1 1 
ATOM   791  C CG2 . THR B 1 4  ? 8.270   -12.643 8.068   1.00 23.06  ? 4   THR B CG2 1 
ATOM   792  N N   . LEU B 1 5  ? 7.878   -9.281  5.162   1.00 18.96  ? 5   LEU B N   1 
ATOM   793  C CA  . LEU B 1 5  ? 7.787   -8.350  4.075   1.00 18.52  ? 5   LEU B CA  1 
ATOM   794  C C   . LEU B 1 5  ? 9.081   -8.128  3.326   1.00 19.06  ? 5   LEU B C   1 
ATOM   795  O O   . LEU B 1 5  ? 9.291   -7.080  2.686   1.00 15.87  ? 5   LEU B O   1 
ATOM   796  C CB  . LEU B 1 5  ? 7.212   -7.068  4.705   1.00 21.53  ? 5   LEU B CB  1 
ATOM   797  C CG  . LEU B 1 5  ? 5.770   -7.173  5.243   1.00 22.91  ? 5   LEU B CG  1 
ATOM   798  C CD1 . LEU B 1 5  ? 5.380   -5.934  5.999   1.00 19.29  ? 5   LEU B CD1 1 
ATOM   799  C CD2 . LEU B 1 5  ? 4.820   -7.351  4.070   1.00 24.10  ? 5   LEU B CD2 1 
ATOM   800  N N   . TRP B 1 6  ? 9.958   -9.133  3.374   1.00 20.24  ? 6   TRP B N   1 
ATOM   801  C CA  . TRP B 1 6  ? 11.211  -9.075  2.634   1.00 18.05  ? 6   TRP B CA  1 
ATOM   802  C C   . TRP B 1 6  ? 10.939  -9.146  1.136   1.00 17.96  ? 6   TRP B C   1 
ATOM   803  O O   . TRP B 1 6  ? 11.716  -8.657  0.316   1.00 22.48  ? 6   TRP B O   1 
ATOM   804  C CB  . TRP B 1 6  ? 12.114  -10.220 3.086   1.00 17.60  ? 6   TRP B CB  1 
ATOM   805  C CG  . TRP B 1 6  ? 12.424  -10.093 4.569   1.00 17.14  ? 6   TRP B CG  1 
ATOM   806  C CD1 . TRP B 1 6  ? 11.706  -10.797 5.488   1.00 22.33  ? 6   TRP B CD1 1 
ATOM   807  C CD2 . TRP B 1 6  ? 13.376  -9.308  5.141   1.00 17.51  ? 6   TRP B CD2 1 
ATOM   808  N NE1 . TRP B 1 6  ? 12.181  -10.455 6.647   1.00 24.40  ? 6   TRP B NE1 1 
ATOM   809  C CE2 . TRP B 1 6  ? 13.174  -9.574  6.494   1.00 23.10  ? 6   TRP B CE2 1 
ATOM   810  C CE3 . TRP B 1 6  ? 14.352  -8.423  4.715   1.00 22.50  ? 6   TRP B CE3 1 
ATOM   811  C CZ2 . TRP B 1 6  ? 13.944  -8.955  7.472   1.00 24.12  ? 6   TRP B CZ2 1 
ATOM   812  C CZ3 . TRP B 1 6  ? 15.131  -7.797  5.691   1.00 29.44  ? 6   TRP B CZ3 1 
ATOM   813  C CH2 . TRP B 1 6  ? 14.936  -8.059  7.057   1.00 24.13  ? 6   TRP B CH2 1 
ATOM   814  N N   . GLN B 1 7  ? 9.866   -9.735  0.678   1.00 20.27  ? 7   GLN B N   1 
ATOM   815  C CA  . GLN B 1 7  ? 9.500   -9.619  -0.710  1.00 20.98  ? 7   GLN B CA  1 
ATOM   816  C C   . GLN B 1 7  ? 8.091   -9.054  -0.771  1.00 17.99  ? 7   GLN B C   1 
ATOM   817  O O   . GLN B 1 7  ? 7.436   -8.885  0.256   1.00 15.75  ? 7   GLN B O   1 
ATOM   818  C CB  . GLN B 1 7  ? 9.595   -11.007 -1.342  1.00 30.37  ? 7   GLN B CB  1 
ATOM   819  C CG  . GLN B 1 7  ? 11.050  -11.389 -1.665  1.00 43.45  ? 7   GLN B CG  1 
ATOM   820  C CD  . GLN B 1 7  ? 11.630  -10.700 -2.909  1.00 54.07  ? 7   GLN B CD  1 
ATOM   821  O OE1 . GLN B 1 7  ? 11.932  -11.355 -3.923  1.00 59.72  ? 7   GLN B OE1 1 
ATOM   822  N NE2 . GLN B 1 7  ? 11.879  -9.393  -2.871  1.00 58.04  ? 7   GLN B NE2 1 
ATOM   823  N N   . ARG B 1 8  ? 7.622   -8.639  -1.939  1.00 18.03  ? 8   ARG B N   1 
ATOM   824  C CA  . ARG B 1 8  ? 6.237   -8.185  -2.076  1.00 23.33  ? 8   ARG B CA  1 
ATOM   825  C C   . ARG B 1 8  ? 5.215   -9.218  -1.595  1.00 18.57  ? 8   ARG B C   1 
ATOM   826  O O   . ARG B 1 8  ? 5.320   -10.366 -2.062  1.00 17.25  ? 8   ARG B O   1 
ATOM   827  C CB  . ARG B 1 8  ? 5.910   -7.866  -3.533  1.00 21.54  ? 8   ARG B CB  1 
ATOM   828  C CG  . ARG B 1 8  ? 6.504   -6.554  -4.002  1.00 27.03  ? 8   ARG B CG  1 
ATOM   829  C CD  . ARG B 1 8  ? 6.014   -6.269  -5.418  1.00 33.77  ? 8   ARG B CD  1 
ATOM   830  N NE  . ARG B 1 8  ? 6.410   -4.924  -5.825  1.00 42.31  ? 8   ARG B NE  1 
ATOM   831  C CZ  . ARG B 1 8  ? 5.937   -4.316  -6.927  1.00 45.31  ? 8   ARG B CZ  1 
ATOM   832  N NH1 . ARG B 1 8  ? 5.064   -4.899  -7.756  1.00 44.69  ? 8   ARG B NH1 1 
ATOM   833  N NH2 . ARG B 1 8  ? 6.361   -3.082  -7.215  1.00 46.29  ? 8   ARG B NH2 1 
ATOM   834  N N   . PRO B 1 9  ? 4.184   -8.862  -0.805  1.00 13.92  ? 9   PRO B N   1 
ATOM   835  C CA  . PRO B 1 9  ? 3.166   -9.796  -0.279  1.00 13.60  ? 9   PRO B CA  1 
ATOM   836  C C   . PRO B 1 9  ? 2.163   -10.153 -1.371  1.00 15.58  ? 9   PRO B C   1 
ATOM   837  O O   . PRO B 1 9  ? 1.096   -9.526  -1.502  1.00 17.25  ? 9   PRO B O   1 
ATOM   838  C CB  . PRO B 1 9  ? 2.587   -9.036  0.899   1.00 14.56  ? 9   PRO B CB  1 
ATOM   839  C CG  . PRO B 1 9  ? 2.645   -7.610  0.366   1.00 11.19  ? 9   PRO B CG  1 
ATOM   840  C CD  . PRO B 1 9  ? 4.033   -7.544  -0.211  1.00 12.06  ? 9   PRO B CD  1 
ATOM   841  N N   . LEU B 1 10 ? 2.506   -11.094 -2.246  1.00 18.04  ? 10  LEU B N   1 
ATOM   842  C CA  . LEU B 1 10 ? 1.635   -11.460 -3.367  1.00 16.43  ? 10  LEU B CA  1 
ATOM   843  C C   . LEU B 1 10 ? 0.870   -12.721 -3.061  1.00 16.88  ? 10  LEU B C   1 
ATOM   844  O O   . LEU B 1 10 ? 1.409   -13.679 -2.527  1.00 18.89  ? 10  LEU B O   1 
ATOM   845  C CB  . LEU B 1 10 ? 2.398   -11.736 -4.633  1.00 19.45  ? 10  LEU B CB  1 
ATOM   846  C CG  . LEU B 1 10 ? 3.165   -10.602 -5.211  1.00 22.07  ? 10  LEU B CG  1 
ATOM   847  C CD1 . LEU B 1 10 ? 4.119   -11.161 -6.234  1.00 29.56  ? 10  LEU B CD1 1 
ATOM   848  C CD2 . LEU B 1 10 ? 2.215   -9.597  -5.819  1.00 26.56  ? 10  LEU B CD2 1 
ATOM   849  N N   . VAL B 1 11 ? -0.395  -12.789 -3.462  1.00 15.63  ? 11  VAL B N   1 
ATOM   850  C CA  . VAL B 1 11 ? -1.221  -13.941 -3.183  1.00 16.25  ? 11  VAL B CA  1 
ATOM   851  C C   . VAL B 1 11 ? -1.994  -14.294 -4.475  1.00 15.42  ? 11  VAL B C   1 
ATOM   852  O O   . VAL B 1 11 ? -2.196  -13.457 -5.361  1.00 19.11  ? 11  VAL B O   1 
ATOM   853  C CB  . VAL B 1 11 ? -1.981  -13.392 -1.934  1.00 17.88  ? 11  VAL B CB  1 
ATOM   854  C CG1 . VAL B 1 11 ? -3.291  -12.791 -2.331  1.00 16.64  ? 11  VAL B CG1 1 
ATOM   855  C CG2 . VAL B 1 11 ? -1.993  -14.465 -0.885  1.00 27.71  ? 11  VAL B CG2 1 
ATOM   856  N N   . THR B 1 12 ? -2.402  -15.534 -4.674  1.00 17.99  ? 12  THR B N   1 
ATOM   857  C CA  . THR B 1 12 ? -3.239  -15.901 -5.809  1.00 22.31  ? 12  THR B CA  1 
ATOM   858  C C   . THR B 1 12 ? -4.718  -15.632 -5.443  1.00 23.56  ? 12  THR B C   1 
ATOM   859  O O   . THR B 1 12 ? -5.162  -15.955 -4.309  1.00 21.63  ? 12  THR B O   1 
ATOM   860  C CB  . THR B 1 12 ? -3.028  -17.416 -6.153  1.00 24.12  ? 12  THR B CB  1 
ATOM   861  O OG1 . THR B 1 12 ? -3.263  -18.112 -4.937  1.00 34.55  ? 12  THR B OG1 1 
ATOM   862  C CG2 . THR B 1 12 ? -1.642  -17.772 -6.661  1.00 20.76  ? 12  THR B CG2 1 
ATOM   863  N N   . ILE B 1 13 ? -5.460  -15.063 -6.386  1.00 16.59  ? 13  ILE B N   1 
ATOM   864  C CA  . ILE B 1 13 ? -6.875  -14.794 -6.229  1.00 19.53  ? 13  ILE B CA  1 
ATOM   865  C C   . ILE B 1 13 ? -7.615  -15.455 -7.421  1.00 20.57  ? 13  ILE B C   1 
ATOM   866  O O   . ILE B 1 13 ? -7.052  -15.686 -8.502  1.00 15.93  ? 13  ILE B O   1 
ATOM   867  C CB  . ILE B 1 13 ? -7.216  -13.226 -6.198  1.00 19.12  ? 13  ILE B CB  1 
ATOM   868  C CG1 . ILE B 1 13 ? -6.845  -12.573 -7.495  1.00 21.66  ? 13  ILE B CG1 1 
ATOM   869  C CG2 . ILE B 1 13 ? -6.451  -12.534 -5.059  1.00 22.19  ? 13  ILE B CG2 1 
ATOM   870  C CD1 . ILE B 1 13 ? -7.383  -11.185 -7.788  1.00 19.13  ? 13  ILE B CD1 1 
ATOM   871  N N   . LYS B 1 14 ? -8.878  -15.802 -7.233  1.00 17.57  ? 14  LYS B N   1 
ATOM   872  C CA  . LYS B 1 14 ? -9.737  -16.297 -8.290  1.00 15.66  ? 14  LYS B CA  1 
ATOM   873  C C   . LYS B 1 14 ? -10.913 -15.321 -8.261  1.00 16.62  ? 14  LYS B C   1 
ATOM   874  O O   . LYS B 1 14 ? -11.426 -14.992 -7.188  1.00 17.10  ? 14  LYS B O   1 
ATOM   875  C CB  . LYS B 1 14 ? -10.132 -17.731 -7.951  1.00 18.57  ? 14  LYS B CB  1 
ATOM   876  C CG  . LYS B 1 14 ? -11.038 -18.301 -9.055  1.00 23.32  ? 14  LYS B CG  1 
ATOM   877  C CD  . LYS B 1 14 ? -11.380 -19.735 -8.683  1.00 32.33  ? 14  LYS B CD  1 
ATOM   878  C CE  . LYS B 1 14 ? -12.356 -20.248 -9.735  1.00 37.25  ? 14  LYS B CE  1 
ATOM   879  N NZ  . LYS B 1 14 ? -12.898 -21.545 -9.360  1.00 42.16  ? 14  LYS B NZ  1 
ATOM   880  N N   . ILE B 1 15 ? -11.162 -14.689 -9.414  1.00 17.07  ? 15  ILE B N   1 
ATOM   881  C CA  . ILE B 1 15 ? -12.214 -13.679 -9.573  1.00 21.17  ? 15  ILE B CA  1 
ATOM   882  C C   . ILE B 1 15 ? -12.763 -13.929 -10.966 1.00 22.01  ? 15  ILE B C   1 
ATOM   883  O O   . ILE B 1 15 ? -11.959 -14.037 -11.908 1.00 23.28  ? 15  ILE B O   1 
ATOM   884  C CB  . ILE B 1 15 ? -11.842 -12.150 -9.719  1.00 28.36  ? 15  ILE B CB  1 
ATOM   885  C CG1 . ILE B 1 15 ? -10.483 -11.954 -9.243  1.00 30.17  ? 15  ILE B CG1 1 
ATOM   886  C CG2 . ILE B 1 15 ? -12.851 -11.220 -9.047  1.00 28.54  ? 15  ILE B CG2 1 
ATOM   887  C CD1 . ILE B 1 15 ? -9.692  -12.108 -10.525 1.00 28.48  ? 15  ILE B CD1 1 
ATOM   888  N N   . GLY B 1 16 ? -14.058 -14.035 -11.146 1.00 21.42  ? 16  GLY B N   1 
ATOM   889  C CA  . GLY B 1 16 ? -14.710 -14.139 -12.441 1.00 27.01  ? 16  GLY B CA  1 
ATOM   890  C C   . GLY B 1 16 ? -14.252 -15.323 -13.260 1.00 23.15  ? 16  GLY B C   1 
ATOM   891  O O   . GLY B 1 16 ? -14.040 -15.177 -14.459 1.00 23.89  ? 16  GLY B O   1 
ATOM   892  N N   . GLY B 1 17 ? -13.972 -16.432 -12.580 1.00 24.09  ? 17  GLY B N   1 
ATOM   893  C CA  . GLY B 1 17 ? -13.486 -17.668 -13.174 1.00 20.15  ? 17  GLY B CA  1 
ATOM   894  C C   . GLY B 1 17 ? -12.025 -17.632 -13.596 1.00 21.96  ? 17  GLY B C   1 
ATOM   895  O O   . GLY B 1 17 ? -11.539 -18.639 -14.110 1.00 25.00  ? 17  GLY B O   1 
ATOM   896  N N   . GLN B 1 18 ? -11.287 -16.529 -13.341 1.00 18.47  ? 18  GLN B N   1 
ATOM   897  C CA  . GLN B 1 18 ? -9.911  -16.317 -13.782 1.00 14.27  ? 18  GLN B CA  1 
ATOM   898  C C   . GLN B 1 18 ? -8.954  -16.296 -12.605 1.00 16.22  ? 18  GLN B C   1 
ATOM   899  O O   . GLN B 1 18 ? -9.323  -15.820 -11.530 1.00 14.66  ? 18  GLN B O   1 
ATOM   900  C CB  . GLN B 1 18 ? -9.786  -14.987 -14.498 1.00 18.79  ? 18  GLN B CB  1 
ATOM   901  C CG  . GLN B 1 18 ? -10.615 -14.977 -15.753 1.00 23.14  ? 18  GLN B CG  1 
ATOM   902  C CD  . GLN B 1 18 ? -11.030 -13.597 -16.171 1.00 21.32  ? 18  GLN B CD  1 
ATOM   903  O OE1 . GLN B 1 18 ? -10.238 -12.830 -16.704 1.00 29.75  ? 18  GLN B OE1 1 
ATOM   904  N NE2 . GLN B 1 18 ? -12.284 -13.237 -15.944 1.00 27.27  ? 18  GLN B NE2 1 
ATOM   905  N N   . LEU B 1 19 ? -7.740  -16.796 -12.778 1.00 15.20  ? 19  LEU B N   1 
ATOM   906  C CA  . LEU B 1 19 ? -6.719  -16.838 -11.728 1.00 17.62  ? 19  LEU B CA  1 
ATOM   907  C C   . LEU B 1 19 ? -5.729  -15.685 -11.936 1.00 17.89  ? 19  LEU B C   1 
ATOM   908  O O   . LEU B 1 19 ? -5.228  -15.489 -13.044 1.00 16.98  ? 19  LEU B O   1 
ATOM   909  C CB  . LEU B 1 19 ? -5.973  -18.160 -11.791 1.00 18.70  ? 19  LEU B CB  1 
ATOM   910  C CG  . LEU B 1 19 ? -6.440  -19.448 -11.066 1.00 27.86  ? 19  LEU B CG  1 
ATOM   911  C CD1 . LEU B 1 19 ? -7.933  -19.491 -10.829 1.00 19.66  ? 19  LEU B CD1 1 
ATOM   912  C CD2 . LEU B 1 19 ? -5.933  -20.621 -11.889 1.00 21.82  ? 19  LEU B CD2 1 
ATOM   913  N N   . LYS B 1 20 ? -5.439  -14.923 -10.875 1.00 18.26  ? 20  LYS B N   1 
ATOM   914  C CA  . LYS B 1 20 ? -4.565  -13.746 -10.914 1.00 20.41  ? 20  LYS B CA  1 
ATOM   915  C C   . LYS B 1 20 ? -3.693  -13.698 -9.677  1.00 16.54  ? 20  LYS B C   1 
ATOM   916  O O   . LYS B 1 20 ? -3.960  -14.447 -8.727  1.00 17.84  ? 20  LYS B O   1 
ATOM   917  C CB  . LYS B 1 20 ? -5.413  -12.480 -10.972 1.00 21.79  ? 20  LYS B CB  1 
ATOM   918  C CG  . LYS B 1 20 ? -6.096  -12.357 -12.343 1.00 25.51  ? 20  LYS B CG  1 
ATOM   919  C CD  . LYS B 1 20 ? -6.894  -11.084 -12.477 1.00 35.59  ? 20  LYS B CD  1 
ATOM   920  C CE  . LYS B 1 20 ? -7.593  -10.983 -13.842 1.00 37.10  ? 20  LYS B CE  1 
ATOM   921  N NZ  . LYS B 1 20 ? -6.620  -10.954 -14.914 1.00 43.42  ? 20  LYS B NZ  1 
ATOM   922  N N   . GLU B 1 21 ? -2.606  -12.928 -9.668  1.00 18.60  ? 21  GLU B N   1 
ATOM   923  C CA  . GLU B 1 21 ? -1.801  -12.694 -8.473  1.00 17.77  ? 21  GLU B CA  1 
ATOM   924  C C   . GLU B 1 21 ? -2.085  -11.236 -8.119  1.00 19.12  ? 21  GLU B C   1 
ATOM   925  O O   . GLU B 1 21 ? -2.342  -10.422 -8.996  1.00 16.39  ? 21  GLU B O   1 
ATOM   926  C CB  . GLU B 1 21 ? -0.311  -12.832 -8.721  1.00 18.76  ? 21  GLU B CB  1 
ATOM   927  C CG  . GLU B 1 21 ? 0.063   -14.275 -8.793  1.00 29.48  ? 21  GLU B CG  1 
ATOM   928  C CD  . GLU B 1 21 ? 1.564   -14.457 -8.847  1.00 34.01  ? 21  GLU B CD  1 
ATOM   929  O OE1 . GLU B 1 21 ? 2.156   -14.186 -9.891  1.00 41.63  ? 21  GLU B OE1 1 
ATOM   930  O OE2 . GLU B 1 21 ? 2.124   -14.881 -7.841  1.00 35.79  ? 21  GLU B OE2 1 
ATOM   931  N N   . ALA B 1 22 ? -2.155  -10.928 -6.822  1.00 14.73  ? 22  ALA B N   1 
ATOM   932  C CA  . ALA B 1 22 ? -2.470  -9.611  -6.364  1.00 11.44  ? 22  ALA B CA  1 
ATOM   933  C C   . ALA B 1 22 ? -1.674  -9.302  -5.108  1.00 11.47  ? 22  ALA B C   1 
ATOM   934  O O   . ALA B 1 22 ? -1.291  -10.198 -4.370  1.00 11.96  ? 22  ALA B O   1 
ATOM   935  C CB  . ALA B 1 22 ? -3.978  -9.557  -6.111  1.00 12.31  ? 22  ALA B CB  1 
ATOM   936  N N   . LEU B 1 23 ? -1.353  -8.030  -4.900  1.00 16.55  ? 23  LEU B N   1 
ATOM   937  C CA  . LEU B 1 23 ? -0.656  -7.504  -3.726  1.00 16.90  ? 23  LEU B CA  1 
ATOM   938  C C   . LEU B 1 23 ? -1.564  -7.295  -2.524  1.00 18.30  ? 23  LEU B C   1 
ATOM   939  O O   . LEU B 1 23 ? -2.620  -6.642  -2.608  1.00 16.73  ? 23  LEU B O   1 
ATOM   940  C CB  . LEU B 1 23 ? -0.053  -6.110  -3.926  1.00 21.31  ? 23  LEU B CB  1 
ATOM   941  C CG  . LEU B 1 23 ? 1.352   -5.723  -4.280  1.00 25.64  ? 23  LEU B CG  1 
ATOM   942  C CD1 . LEU B 1 23 ? 1.384   -4.199  -4.309  1.00 17.28  ? 23  LEU B CD1 1 
ATOM   943  C CD2 . LEU B 1 23 ? 2.355   -6.274  -3.301  1.00 20.13  ? 23  LEU B CD2 1 
ATOM   944  N N   . LEU B 1 24 ? -1.158  -7.784  -1.365  1.00 12.97  ? 24  LEU B N   1 
ATOM   945  C CA  . LEU B 1 24 ? -1.879  -7.459  -0.151  1.00 19.94  ? 24  LEU B CA  1 
ATOM   946  C C   . LEU B 1 24 ? -1.344  -6.076  0.241   1.00 18.61  ? 24  LEU B C   1 
ATOM   947  O O   . LEU B 1 24 ? -0.170  -5.897  0.595   1.00 15.44  ? 24  LEU B O   1 
ATOM   948  C CB  . LEU B 1 24 ? -1.569  -8.522  0.868   1.00 19.22  ? 24  LEU B CB  1 
ATOM   949  C CG  . LEU B 1 24 ? -2.491  -9.733  1.044   1.00 26.17  ? 24  LEU B CG  1 
ATOM   950  C CD1 . LEU B 1 24 ? -3.556  -9.871  -0.052  1.00 19.48  ? 24  LEU B CD1 1 
ATOM   951  C CD2 . LEU B 1 24 ? -1.552  -10.890 1.211   1.00 20.77  ? 24  LEU B CD2 1 
ATOM   952  N N   . ASP B 1 25 ? -2.233  -5.091  0.170   1.00 15.09  ? 25  ASP B N   1 
ATOM   953  C CA  . ASP B 1 25 ? -1.840  -3.715  0.305   1.00 13.36  ? 25  ASP B CA  1 
ATOM   954  C C   . ASP B 1 25 ? -2.565  -2.996  1.442   1.00 13.65  ? 25  ASP B C   1 
ATOM   955  O O   . ASP B 1 25 ? -3.647  -2.450  1.263   1.00 12.58  ? 25  ASP B O   1 
ATOM   956  C CB  . ASP B 1 25 ? -2.092  -3.035  -1.075  1.00 14.48  ? 25  ASP B CB  1 
ATOM   957  C CG  . ASP B 1 25 ? -1.471  -1.646  -1.239  1.00 15.65  ? 25  ASP B CG  1 
ATOM   958  O OD1 . ASP B 1 25 ? -1.092  -1.012  -0.262  1.00 19.18  ? 25  ASP B OD1 1 
ATOM   959  O OD2 . ASP B 1 25 ? -1.351  -1.187  -2.358  1.00 20.32  ? 25  ASP B OD2 1 
ATOM   960  N N   . THR B 1 26 ? -1.923  -2.848  2.596   1.00 11.93  ? 26  THR B N   1 
ATOM   961  C CA  . THR B 1 26 ? -2.553  -2.106  3.696   1.00 11.58  ? 26  THR B CA  1 
ATOM   962  C C   . THR B 1 26 ? -2.695  -0.610  3.461   1.00 14.18  ? 26  THR B C   1 
ATOM   963  O O   . THR B 1 26 ? -3.452  0.046   4.160   1.00 15.18  ? 26  THR B O   1 
ATOM   964  C CB  . THR B 1 26 ? -1.780  -2.343  5.003   1.00 13.64  ? 26  THR B CB  1 
ATOM   965  O OG1 . THR B 1 26 ? -0.426  -1.932  4.823   1.00 14.02  ? 26  THR B OG1 1 
ATOM   966  C CG2 . THR B 1 26 ? -1.788  -3.813  5.396   1.00 15.07  ? 26  THR B CG2 1 
ATOM   967  N N   . GLY B 1 27 ? -1.949  -0.035  2.524   1.00 15.17  ? 27  GLY B N   1 
ATOM   968  C CA  . GLY B 1 27 ? -2.061  1.370   2.221   1.00 10.38  ? 27  GLY B CA  1 
ATOM   969  C C   . GLY B 1 27 ? -3.226  1.698   1.317   1.00 14.15  ? 27  GLY B C   1 
ATOM   970  O O   . GLY B 1 27 ? -3.555  2.865   1.120   1.00 20.53  ? 27  GLY B O   1 
ATOM   971  N N   . ALA B 1 28 ? -3.898  0.689   0.741   1.00 14.88  ? 28  ALA B N   1 
ATOM   972  C CA  . ALA B 1 28 ? -4.914  0.911   -0.266  1.00 15.79  ? 28  ALA B CA  1 
ATOM   973  C C   . ALA B 1 28 ? -6.261  0.816   0.435   1.00 14.31  ? 28  ALA B C   1 
ATOM   974  O O   . ALA B 1 28 ? -6.578  -0.169  1.081   1.00 15.02  ? 28  ALA B O   1 
ATOM   975  C CB  . ALA B 1 28 ? -4.829  -0.175  -1.337  1.00 11.19  ? 28  ALA B CB  1 
ATOM   976  N N   . ASP B 1 29 ? -7.112  1.817   0.355   1.00 13.64  ? 29  ASP B N   1 
ATOM   977  C CA  . ASP B 1 29 ? -8.445  1.686   0.918   1.00 14.35  ? 29  ASP B CA  1 
ATOM   978  C C   . ASP B 1 29 ? -9.316  0.715   0.155   1.00 15.89  ? 29  ASP B C   1 
ATOM   979  O O   . ASP B 1 29 ? -10.110 0.005   0.758   1.00 14.64  ? 29  ASP B O   1 
ATOM   980  C CB  . ASP B 1 29 ? -9.160  3.018   0.916   1.00 13.60  ? 29  ASP B CB  1 
ATOM   981  C CG  . ASP B 1 29 ? -8.536  4.081   1.790   1.00 21.69  ? 29  ASP B CG  1 
ATOM   982  O OD1 . ASP B 1 29 ? -7.741  3.802   2.703   1.00 21.26  ? 29  ASP B OD1 1 
ATOM   983  O OD2 . ASP B 1 29 ? -8.863  5.224   1.514   1.00 24.87  ? 29  ASP B OD2 1 
ATOM   984  N N   . ASP B 1 30 ? -9.132  0.721   -1.168  1.00 18.63  ? 30  ASP B N   1 
ATOM   985  C CA  . ASP B 1 30 ? -9.940  -0.019  -2.124  1.00 20.00  ? 30  ASP B CA  1 
ATOM   986  C C   . ASP B 1 30 ? -9.191  -1.175  -2.778  1.00 20.65  ? 30  ASP B C   1 
ATOM   987  O O   . ASP B 1 30 ? -7.961  -1.214  -2.739  1.00 20.72  ? 30  ASP B O   1 
ATOM   988  C CB  . ASP B 1 30 ? -10.397 0.914   -3.223  1.00 20.83  ? 30  ASP B CB  1 
ATOM   989  C CG  . ASP B 1 30 ? -10.938 2.254   -2.754  1.00 27.78  ? 30  ASP B CG  1 
ATOM   990  O OD1 . ASP B 1 30 ? -11.982 2.251   -2.107  1.00 24.64  ? 30  ASP B OD1 1 
ATOM   991  O OD2 . ASP B 1 30 ? -10.295 3.280   -3.019  1.00 36.87  ? 30  ASP B OD2 1 
ATOM   992  N N   . THR B 1 31 ? -9.878  -2.099  -3.425  1.00 20.23  ? 31  THR B N   1 
ATOM   993  C CA  . THR B 1 31 ? -9.277  -3.180  -4.178  1.00 16.91  ? 31  THR B CA  1 
ATOM   994  C C   . THR B 1 31 ? -9.324  -2.716  -5.629  1.00 14.64  ? 31  THR B C   1 
ATOM   995  O O   . THR B 1 31 ? -10.395 -2.359  -6.130  1.00 20.46  ? 31  THR B O   1 
ATOM   996  C CB  . THR B 1 31 ? -10.111 -4.476  -3.960  1.00 16.40  ? 31  THR B CB  1 
ATOM   997  O OG1 . THR B 1 31 ? -9.863  -4.802  -2.591  1.00 16.85  ? 31  THR B OG1 1 
ATOM   998  C CG2 . THR B 1 31 ? -9.790  -5.645  -4.916  1.00 11.17  ? 31  THR B CG2 1 
ATOM   999  N N   . VAL B 1 32 ? -8.234  -2.737  -6.385  1.00 18.11  ? 32  VAL B N   1 
ATOM   1000 C CA  . VAL B 1 32 ? -8.257  -2.304  -7.776  1.00 18.07  ? 32  VAL B CA  1 
ATOM   1001 C C   . VAL B 1 32 ? -7.425  -3.259  -8.606  1.00 20.73  ? 32  VAL B C   1 
ATOM   1002 O O   . VAL B 1 32 ? -6.304  -3.621  -8.266  1.00 19.53  ? 32  VAL B O   1 
ATOM   1003 C CB  . VAL B 1 32 ? -7.778  -0.794  -7.915  1.00 22.93  ? 32  VAL B CB  1 
ATOM   1004 C CG1 . VAL B 1 32 ? -6.608  -0.456  -7.099  1.00 29.48  ? 32  VAL B CG1 1 
ATOM   1005 C CG2 . VAL B 1 32 ? -7.455  -0.522  -9.367  1.00 22.40  ? 32  VAL B CG2 1 
ATOM   1006 N N   . LEU B 1 33 ? -8.040  -3.722  -9.693  1.00 17.03  ? 33  LEU B N   1 
ATOM   1007 C CA  . LEU B 1 33 ? -7.493  -4.763  -10.506 1.00 18.71  ? 33  LEU B CA  1 
ATOM   1008 C C   . LEU B 1 33 ? -7.319  -4.212  -11.880 1.00 19.03  ? 33  LEU B C   1 
ATOM   1009 O O   . LEU B 1 33 ? -8.051  -3.314  -12.302 1.00 20.47  ? 33  LEU B O   1 
ATOM   1010 C CB  . LEU B 1 33 ? -8.453  -5.947  -10.543 1.00 20.22  ? 33  LEU B CB  1 
ATOM   1011 C CG  . LEU B 1 33 ? -8.815  -6.639  -9.221  1.00 23.54  ? 33  LEU B CG  1 
ATOM   1012 C CD1 . LEU B 1 33 ? -9.605  -7.909  -9.515  1.00 26.31  ? 33  LEU B CD1 1 
ATOM   1013 C CD2 . LEU B 1 33 ? -7.562  -7.036  -8.453  1.00 22.14  ? 33  LEU B CD2 1 
ATOM   1014 N N   . GLU B 1 34 ? -6.349  -4.778  -12.570 1.00 26.35  ? 34  GLU B N   1 
ATOM   1015 C CA  . GLU B 1 34 ? -6.142  -4.378  -13.937 1.00 30.28  ? 34  GLU B CA  1 
ATOM   1016 C C   . GLU B 1 34 ? -7.301  -4.865  -14.777 1.00 32.22  ? 34  GLU B C   1 
ATOM   1017 O O   . GLU B 1 34 ? -8.209  -5.595  -14.344 1.00 30.40  ? 34  GLU B O   1 
ATOM   1018 C CB  . GLU B 1 34 ? -4.799  -4.899  -14.462 1.00 36.11  ? 34  GLU B CB  1 
ATOM   1019 C CG  . GLU B 1 34 ? -4.156  -6.243  -14.179 1.00 47.66  ? 34  GLU B CG  1 
ATOM   1020 C CD  . GLU B 1 34 ? -2.616  -6.179  -14.270 1.00 54.56  ? 34  GLU B CD  1 
ATOM   1021 O OE1 . GLU B 1 34 ? -2.062  -5.847  -15.334 1.00 52.84  ? 34  GLU B OE1 1 
ATOM   1022 O OE2 . GLU B 1 34 ? -1.964  -6.448  -13.253 1.00 57.36  ? 34  GLU B OE2 1 
ATOM   1023 N N   . GLU B 1 35 ? -7.325  -4.324  -15.972 1.00 34.48  ? 35  GLU B N   1 
ATOM   1024 C CA  . GLU B 1 35 ? -8.441  -4.513  -16.872 1.00 36.47  ? 35  GLU B CA  1 
ATOM   1025 C C   . GLU B 1 35 ? -8.762  -5.977  -17.098 1.00 31.24  ? 35  GLU B C   1 
ATOM   1026 O O   . GLU B 1 35 ? -7.877  -6.780  -17.406 1.00 34.38  ? 35  GLU B O   1 
ATOM   1027 C CB  . GLU B 1 35 ? -8.097  -3.810  -18.183 1.00 42.56  ? 35  GLU B CB  1 
ATOM   1028 C CG  . GLU B 1 35 ? -9.302  -3.483  -19.026 1.00 44.97  ? 35  GLU B CG  1 
ATOM   1029 C CD  . GLU B 1 35 ? -10.233 -2.533  -18.306 1.00 47.36  ? 35  GLU B CD  1 
ATOM   1030 O OE1 . GLU B 1 35 ? -9.777  -1.488  -17.834 1.00 53.40  ? 35  GLU B OE1 1 
ATOM   1031 O OE2 . GLU B 1 35 ? -11.414 -2.854  -18.217 1.00 52.24  ? 35  GLU B OE2 1 
ATOM   1032 N N   . MET B 1 36 ? -10.020 -6.331  -16.920 1.00 29.36  ? 36  MET B N   1 
ATOM   1033 C CA  . MET B 1 36 ? -10.405 -7.714  -17.090 1.00 39.70  ? 36  MET B CA  1 
ATOM   1034 C C   . MET B 1 36 ? -11.878 -7.826  -17.404 1.00 42.32  ? 36  MET B C   1 
ATOM   1035 O O   . MET B 1 36 ? -12.663 -6.909  -17.115 1.00 40.61  ? 36  MET B O   1 
ATOM   1036 C CB  . MET B 1 36 ? -10.126 -8.525  -15.824 1.00 41.49  ? 36  MET B CB  1 
ATOM   1037 C CG  . MET B 1 36 ? -10.961 -8.112  -14.605 1.00 44.33  ? 36  MET B CG  1 
ATOM   1038 S SD  . MET B 1 36 ? -10.504 -9.162  -13.220 1.00 39.11  ? 36  MET B SD  1 
ATOM   1039 C CE  . MET B 1 36 ? -11.326 -10.640 -13.758 1.00 42.18  ? 36  MET B CE  1 
ATOM   1040 N N   . ASN B 1 37 ? -12.158 -9.016  -17.979 1.00 47.46  ? 37  ASN B N   1 
ATOM   1041 C CA  . ASN B 1 37 ? -13.490 -9.454  -18.393 1.00 51.94  ? 37  ASN B CA  1 
ATOM   1042 C C   . ASN B 1 37 ? -14.305 -9.770  -17.127 1.00 49.41  ? 37  ASN B C   1 
ATOM   1043 O O   . ASN B 1 37 ? -14.123 -10.815 -16.479 1.00 43.62  ? 37  ASN B O   1 
ATOM   1044 C CB  . ASN B 1 37 ? -13.351 -10.712 -19.305 1.00 59.33  ? 37  ASN B CB  1 
ATOM   1045 C CG  . ASN B 1 37 ? -14.649 -11.247 -19.931 1.00 67.14  ? 37  ASN B CG  1 
ATOM   1046 O OD1 . ASN B 1 37 ? -15.703 -10.631 -19.787 1.00 69.77  ? 37  ASN B OD1 1 
ATOM   1047 N ND2 . ASN B 1 37 ? -14.661 -12.350 -20.686 1.00 70.22  ? 37  ASN B ND2 1 
ATOM   1048 N N   . LEU B 1 38 ? -15.164 -8.834  -16.726 1.00 45.63  ? 38  LEU B N   1 
ATOM   1049 C CA  . LEU B 1 38 ? -15.944 -9.024  -15.530 1.00 46.29  ? 38  LEU B CA  1 
ATOM   1050 C C   . LEU B 1 38 ? -17.398 -8.663  -15.836 1.00 51.65  ? 38  LEU B C   1 
ATOM   1051 O O   . LEU B 1 38 ? -17.666 -7.633  -16.467 1.00 55.74  ? 38  LEU B O   1 
ATOM   1052 C CB  . LEU B 1 38 ? -15.335 -8.143  -14.440 1.00 47.88  ? 38  LEU B CB  1 
ATOM   1053 C CG  . LEU B 1 38 ? -15.520 -8.465  -12.961 1.00 44.12  ? 38  LEU B CG  1 
ATOM   1054 C CD1 . LEU B 1 38 ? -15.054 -9.874  -12.644 1.00 37.56  ? 38  LEU B CD1 1 
ATOM   1055 C CD2 . LEU B 1 38 ? -14.698 -7.494  -12.153 1.00 42.26  ? 38  LEU B CD2 1 
ATOM   1056 N N   . PRO B 1 39 ? -18.361 -9.504  -15.440 1.00 50.83  ? 39  PRO B N   1 
ATOM   1057 C CA  . PRO B 1 39 ? -19.745 -9.402  -15.844 1.00 54.02  ? 39  PRO B CA  1 
ATOM   1058 C C   . PRO B 1 39 ? -20.639 -8.435  -15.081 1.00 57.72  ? 39  PRO B C   1 
ATOM   1059 O O   . PRO B 1 39 ? -20.636 -8.359  -13.843 1.00 54.22  ? 39  PRO B O   1 
ATOM   1060 C CB  . PRO B 1 39 ? -20.230 -10.813 -15.759 1.00 51.62  ? 39  PRO B CB  1 
ATOM   1061 C CG  . PRO B 1 39 ? -19.547 -11.303 -14.504 1.00 52.37  ? 39  PRO B CG  1 
ATOM   1062 C CD  . PRO B 1 39 ? -18.150 -10.741 -14.683 1.00 51.21  ? 39  PRO B CD  1 
ATOM   1063 N N   . GLY B 1 40 ? -21.449 -7.743  -15.882 1.00 62.59  ? 40  GLY B N   1 
ATOM   1064 C CA  . GLY B 1 40 ? -22.480 -6.872  -15.362 1.00 61.82  ? 40  GLY B CA  1 
ATOM   1065 C C   . GLY B 1 40 ? -22.153 -5.393  -15.405 1.00 59.33  ? 40  GLY B C   1 
ATOM   1066 O O   . GLY B 1 40 ? -21.212 -4.884  -16.026 1.00 58.85  ? 40  GLY B O   1 
ATOM   1067 N N   . ARG B 1 41 ? -22.987 -4.760  -14.590 1.00 58.52  ? 41  ARG B N   1 
ATOM   1068 C CA  . ARG B 1 41 ? -22.968 -3.328  -14.436 1.00 62.68  ? 41  ARG B CA  1 
ATOM   1069 C C   . ARG B 1 41 ? -21.878 -2.827  -13.508 1.00 58.97  ? 41  ARG B C   1 
ATOM   1070 O O   . ARG B 1 41 ? -21.424 -3.491  -12.574 1.00 60.56  ? 41  ARG B O   1 
ATOM   1071 C CB  . ARG B 1 41 ? -24.335 -2.854  -13.928 1.00 67.52  ? 41  ARG B CB  1 
ATOM   1072 C CG  . ARG B 1 41 ? -25.387 -2.806  -15.037 1.00 74.50  ? 41  ARG B CG  1 
ATOM   1073 C CD  . ARG B 1 41 ? -25.063 -1.668  -16.001 1.00 78.66  ? 41  ARG B CD  1 
ATOM   1074 N NE  . ARG B 1 41 ? -25.801 -1.799  -17.241 1.00 81.28  ? 41  ARG B NE  1 
ATOM   1075 C CZ  . ARG B 1 41 ? -25.213 -1.641  -18.433 1.00 83.53  ? 41  ARG B CZ  1 
ATOM   1076 N NH1 . ARG B 1 41 ? -23.913 -1.347  -18.563 1.00 83.23  ? 41  ARG B NH1 1 
ATOM   1077 N NH2 . ARG B 1 41 ? -25.957 -1.782  -19.528 1.00 85.82  ? 41  ARG B NH2 1 
ATOM   1078 N N   . TRP B 1 42 ? -21.526 -1.583  -13.767 1.00 53.12  ? 42  TRP B N   1 
ATOM   1079 C CA  . TRP B 1 42 ? -20.478 -0.911  -13.055 1.00 50.81  ? 42  TRP B CA  1 
ATOM   1080 C C   . TRP B 1 42 ? -20.787 0.570   -13.092 1.00 51.61  ? 42  TRP B C   1 
ATOM   1081 O O   . TRP B 1 42 ? -21.512 1.007   -13.996 1.00 54.67  ? 42  TRP B O   1 
ATOM   1082 C CB  . TRP B 1 42 ? -19.162 -1.212  -13.744 1.00 48.53  ? 42  TRP B CB  1 
ATOM   1083 C CG  . TRP B 1 42 ? -19.157 -0.915  -15.241 1.00 50.81  ? 42  TRP B CG  1 
ATOM   1084 C CD1 . TRP B 1 42 ? -19.433 -1.893  -16.164 1.00 49.45  ? 42  TRP B CD1 1 
ATOM   1085 C CD2 . TRP B 1 42 ? -18.866 0.295   -15.813 1.00 48.05  ? 42  TRP B CD2 1 
ATOM   1086 N NE1 . TRP B 1 42 ? -19.306 -1.315  -17.326 1.00 50.44  ? 42  TRP B NE1 1 
ATOM   1087 C CE2 . TRP B 1 42 ? -18.970 -0.017  -17.177 1.00 51.13  ? 42  TRP B CE2 1 
ATOM   1088 C CE3 . TRP B 1 42 ? -18.531 1.580   -15.385 1.00 44.78  ? 42  TRP B CE3 1 
ATOM   1089 C CZ2 . TRP B 1 42 ? -18.739 0.976   -18.137 1.00 51.44  ? 42  TRP B CZ2 1 
ATOM   1090 C CZ3 . TRP B 1 42 ? -18.297 2.563   -16.348 1.00 49.15  ? 42  TRP B CZ3 1 
ATOM   1091 C CH2 . TRP B 1 42 ? -18.402 2.268   -17.710 1.00 48.89  ? 42  TRP B CH2 1 
ATOM   1092 N N   . LYS B 1 43 ? -20.269 1.338   -12.130 1.00 54.10  ? 43  LYS B N   1 
ATOM   1093 C CA  . LYS B 1 43 ? -20.390 2.796   -12.089 1.00 48.49  ? 43  LYS B CA  1 
ATOM   1094 C C   . LYS B 1 43 ? -18.998 3.413   -12.334 1.00 49.37  ? 43  LYS B C   1 
ATOM   1095 O O   . LYS B 1 43 ? -17.995 2.779   -11.980 1.00 44.20  ? 43  LYS B O   1 
ATOM   1096 C CB  . LYS B 1 43 ? -20.907 3.230   -10.736 1.00 51.73  ? 43  LYS B CB  1 
ATOM   1097 C CG  . LYS B 1 43 ? -22.292 2.694   -10.385 1.00 58.08  ? 43  LYS B CG  1 
ATOM   1098 C CD  . LYS B 1 43 ? -22.747 3.220   -9.022  1.00 63.26  ? 43  LYS B CD  1 
ATOM   1099 C CE  . LYS B 1 43 ? -23.009 4.740   -9.031  1.00 67.54  ? 43  LYS B CE  1 
ATOM   1100 N NZ  . LYS B 1 43 ? -23.183 5.266   -7.683  1.00 68.16  ? 43  LYS B NZ  1 
ATOM   1101 N N   . PRO B 1 44 ? -18.812 4.569   -12.989 1.00 50.10  ? 44  PRO B N   1 
ATOM   1102 C CA  . PRO B 1 44 ? -17.529 5.273   -13.066 1.00 47.47  ? 44  PRO B CA  1 
ATOM   1103 C C   . PRO B 1 44 ? -17.117 5.836   -11.709 1.00 44.70  ? 44  PRO B C   1 
ATOM   1104 O O   . PRO B 1 44 ? -17.967 6.284   -10.931 1.00 47.35  ? 44  PRO B O   1 
ATOM   1105 C CB  . PRO B 1 44 ? -17.750 6.347   -14.113 1.00 46.05  ? 44  PRO B CB  1 
ATOM   1106 C CG  . PRO B 1 44 ? -18.858 5.791   -14.969 1.00 47.71  ? 44  PRO B CG  1 
ATOM   1107 C CD  . PRO B 1 44 ? -19.770 5.191   -13.904 1.00 50.18  ? 44  PRO B CD  1 
ATOM   1108 N N   . LYS B 1 45 ? -15.827 5.817   -11.404 1.00 38.35  ? 45  LYS B N   1 
ATOM   1109 C CA  . LYS B 1 45 ? -15.318 6.363   -10.165 1.00 34.94  ? 45  LYS B CA  1 
ATOM   1110 C C   . LYS B 1 45 ? -13.901 6.775   -10.533 1.00 34.67  ? 45  LYS B C   1 
ATOM   1111 O O   . LYS B 1 45 ? -13.391 6.404   -11.595 1.00 35.33  ? 45  LYS B O   1 
ATOM   1112 C CB  . LYS B 1 45 ? -15.323 5.281   -9.091  1.00 38.46  ? 45  LYS B CB  1 
ATOM   1113 C CG  . LYS B 1 45 ? -15.041 5.657   -7.642  1.00 45.60  ? 45  LYS B CG  1 
ATOM   1114 C CD  . LYS B 1 45 ? -14.724 4.357   -6.901  1.00 52.40  ? 45  LYS B CD  1 
ATOM   1115 C CE  . LYS B 1 45 ? -14.955 4.363   -5.378  1.00 58.77  ? 45  LYS B CE  1 
ATOM   1116 N NZ  . LYS B 1 45 ? -13.935 5.097   -4.664  1.00 65.30  ? 45  LYS B NZ  1 
ATOM   1117 N N   . MET B 1 46 ? -13.214 7.507   -9.665  1.00 37.01  ? 46  MET B N   1 
ATOM   1118 C CA  . MET B 1 46 ? -11.891 8.055   -9.933  1.00 35.94  ? 46  MET B CA  1 
ATOM   1119 C C   . MET B 1 46 ? -11.117 7.709   -8.680  1.00 34.02  ? 46  MET B C   1 
ATOM   1120 O O   . MET B 1 46 ? -11.717 7.839   -7.623  1.00 37.62  ? 46  MET B O   1 
ATOM   1121 C CB  . MET B 1 46 ? -11.975 9.556   -10.039 1.00 39.01  ? 46  MET B CB  1 
ATOM   1122 C CG  . MET B 1 46 ? -10.907 10.315  -10.770 1.00 47.57  ? 46  MET B CG  1 
ATOM   1123 S SD  . MET B 1 46 ? -11.451 10.750  -12.442 1.00 55.94  ? 46  MET B SD  1 
ATOM   1124 C CE  . MET B 1 46 ? -13.061 11.396  -12.102 1.00 46.61  ? 46  MET B CE  1 
ATOM   1125 N N   . ILE B 1 47 ? -9.872  7.249   -8.680  1.00 31.20  ? 47  ILE B N   1 
ATOM   1126 C CA  . ILE B 1 47 ? -9.156  7.112   -7.427  1.00 24.83  ? 47  ILE B CA  1 
ATOM   1127 C C   . ILE B 1 47 ? -7.849  7.856   -7.618  1.00 18.46  ? 47  ILE B C   1 
ATOM   1128 O O   . ILE B 1 47 ? -7.345  7.991   -8.750  1.00 22.57  ? 47  ILE B O   1 
ATOM   1129 C CB  . ILE B 1 47 ? -8.859  5.596   -6.991  1.00 23.63  ? 47  ILE B CB  1 
ATOM   1130 C CG1 . ILE B 1 47 ? -7.853  4.839   -7.767  1.00 29.89  ? 47  ILE B CG1 1 
ATOM   1131 C CG2 . ILE B 1 47 ? -10.167 4.837   -7.195  1.00 35.45  ? 47  ILE B CG2 1 
ATOM   1132 C CD1 . ILE B 1 47 ? -7.546  3.558   -6.938  1.00 30.91  ? 47  ILE B CD1 1 
ATOM   1133 N N   . GLY B 1 48 ? -7.272  8.388   -6.558  1.00 19.65  ? 48  GLY B N   1 
ATOM   1134 C CA  . GLY B 1 48 ? -6.007  9.112   -6.662  1.00 22.90  ? 48  GLY B CA  1 
ATOM   1135 C C   . GLY B 1 48 ? -4.884  8.333   -5.997  1.00 17.19  ? 48  GLY B C   1 
ATOM   1136 O O   . GLY B 1 48 ? -5.090  7.751   -4.941  1.00 22.71  ? 48  GLY B O   1 
ATOM   1137 N N   . GLY B 1 49 ? -3.688  8.296   -6.531  1.00 21.83  ? 49  GLY B N   1 
ATOM   1138 C CA  . GLY B 1 49 ? -2.640  7.543   -5.880  1.00 21.87  ? 49  GLY B CA  1 
ATOM   1139 C C   . GLY B 1 49 ? -1.392  8.361   -5.924  1.00 22.48  ? 49  GLY B C   1 
ATOM   1140 O O   . GLY B 1 49 ? -1.434  9.580   -5.919  1.00 21.84  ? 49  GLY B O   1 
ATOM   1141 N N   . ILE B 1 50 ? -0.228  7.736   -5.947  1.00 21.52  ? 50  ILE B N   1 
ATOM   1142 C CA  . ILE B 1 50 ? 0.957   8.499   -6.196  1.00 23.28  ? 50  ILE B CA  1 
ATOM   1143 C C   . ILE B 1 50 ? 0.936   8.777   -7.698  1.00 26.07  ? 50  ILE B C   1 
ATOM   1144 O O   . ILE B 1 50 ? 0.506   7.954   -8.532  1.00 27.20  ? 50  ILE B O   1 
ATOM   1145 C CB  . ILE B 1 50 ? 2.121   7.643   -5.693  1.00 26.73  ? 50  ILE B CB  1 
ATOM   1146 C CG1 . ILE B 1 50 ? 2.420   8.306   -4.357  1.00 29.23  ? 50  ILE B CG1 1 
ATOM   1147 C CG2 . ILE B 1 50 ? 3.363   7.567   -6.566  1.00 31.64  ? 50  ILE B CG2 1 
ATOM   1148 C CD1 . ILE B 1 50 ? 3.549   7.703   -3.534  1.00 33.93  ? 50  ILE B CD1 1 
ATOM   1149 N N   . GLY B 1 51 ? 1.283   10.000  -8.021  1.00 26.06  ? 51  GLY B N   1 
ATOM   1150 C CA  . GLY B 1 51 ? 1.403   10.324  -9.410  1.00 27.48  ? 51  GLY B CA  1 
ATOM   1151 C C   . GLY B 1 51 ? 0.108   10.811  -10.023 1.00 32.34  ? 51  GLY B C   1 
ATOM   1152 O O   . GLY B 1 51 ? 0.197   11.282  -11.150 1.00 39.77  ? 51  GLY B O   1 
ATOM   1153 N N   . GLY B 1 52 ? -1.062  10.772  -9.404  1.00 30.49  ? 52  GLY B N   1 
ATOM   1154 C CA  . GLY B 1 52 ? -2.249  11.261  -10.077 1.00 32.73  ? 52  GLY B CA  1 
ATOM   1155 C C   . GLY B 1 52 ? -3.435  10.339  -9.891  1.00 35.89  ? 52  GLY B C   1 
ATOM   1156 O O   . GLY B 1 52 ? -3.419  9.347   -9.126  1.00 31.99  ? 52  GLY B O   1 
ATOM   1157 N N   . PHE B 1 53 ? -4.416  10.602  -10.748 1.00 31.23  ? 53  PHE B N   1 
ATOM   1158 C CA  . PHE B 1 53 ? -5.671  9.914   -10.627 1.00 31.68  ? 53  PHE B CA  1 
ATOM   1159 C C   . PHE B 1 53 ? -5.945  9.002   -11.782 1.00 30.85  ? 53  PHE B C   1 
ATOM   1160 O O   . PHE B 1 53 ? -5.444  9.180   -12.891 1.00 28.78  ? 53  PHE B O   1 
ATOM   1161 C CB  . PHE B 1 53 ? -6.833  10.911  -10.507 1.00 35.50  ? 53  PHE B CB  1 
ATOM   1162 C CG  . PHE B 1 53 ? -7.034  11.912  -11.638 1.00 45.27  ? 53  PHE B CG  1 
ATOM   1163 C CD1 . PHE B 1 53 ? -6.280  13.099  -11.683 1.00 52.40  ? 53  PHE B CD1 1 
ATOM   1164 C CD2 . PHE B 1 53 ? -8.010  11.679  -12.612 1.00 51.92  ? 53  PHE B CD2 1 
ATOM   1165 C CE1 . PHE B 1 53 ? -6.505  14.048  -12.689 1.00 51.65  ? 53  PHE B CE1 1 
ATOM   1166 C CE2 . PHE B 1 53 ? -8.225  12.635  -13.615 1.00 53.63  ? 53  PHE B CE2 1 
ATOM   1167 C CZ  . PHE B 1 53 ? -7.478  13.814  -13.652 1.00 51.79  ? 53  PHE B CZ  1 
ATOM   1168 N N   . ILE B 1 54 ? -6.759  7.979   -11.547 1.00 27.36  ? 54  ILE B N   1 
ATOM   1169 C CA  . ILE B 1 54 ? -7.170  7.120   -12.645 1.00 30.74  ? 54  ILE B CA  1 
ATOM   1170 C C   . ILE B 1 54 ? -8.679  6.915   -12.536 1.00 25.81  ? 54  ILE B C   1 
ATOM   1171 O O   . ILE B 1 54 ? -9.245  6.947   -11.436 1.00 23.57  ? 54  ILE B O   1 
ATOM   1172 C CB  . ILE B 1 54 ? -6.461  5.683   -12.675 1.00 22.74  ? 54  ILE B CB  1 
ATOM   1173 C CG1 . ILE B 1 54 ? -6.708  4.832   -11.451 1.00 25.63  ? 54  ILE B CG1 1 
ATOM   1174 C CG2 . ILE B 1 54 ? -4.993  5.943   -12.902 1.00 23.66  ? 54  ILE B CG2 1 
ATOM   1175 C CD1 . ILE B 1 54 ? -6.367  3.365   -11.766 1.00 27.67  ? 54  ILE B CD1 1 
ATOM   1176 N N   . LYS B 1 55 ? -9.285  6.735   -13.712 1.00 24.94  ? 55  LYS B N   1 
ATOM   1177 C CA  . LYS B 1 55 ? -10.711 6.460   -13.836 1.00 31.03  ? 55  LYS B CA  1 
ATOM   1178 C C   . LYS B 1 55 ? -10.863 4.931   -13.801 1.00 21.06  ? 55  LYS B C   1 
ATOM   1179 O O   . LYS B 1 55 ? -10.156 4.229   -14.523 1.00 22.94  ? 55  LYS B O   1 
ATOM   1180 C CB  . LYS B 1 55 ? -11.216 7.024   -15.166 1.00 35.48  ? 55  LYS B CB  1 
ATOM   1181 C CG  . LYS B 1 55 ? -12.728 7.006   -15.266 1.00 46.02  ? 55  LYS B CG  1 
ATOM   1182 C CD  . LYS B 1 55 ? -13.234 8.404   -14.938 1.00 53.06  ? 55  LYS B CD  1 
ATOM   1183 C CE  . LYS B 1 55 ? -14.745 8.380   -14.829 1.00 53.89  ? 55  LYS B CE  1 
ATOM   1184 N NZ  . LYS B 1 55 ? -15.269 9.731   -14.785 1.00 57.70  ? 55  LYS B NZ  1 
ATOM   1185 N N   . VAL B 1 56 ? -11.732 4.401   -12.967 1.00 25.56  ? 56  VAL B N   1 
ATOM   1186 C CA  . VAL B 1 56 ? -11.913 2.958   -12.787 1.00 25.68  ? 56  VAL B CA  1 
ATOM   1187 C C   . VAL B 1 56 ? -13.396 2.645   -12.988 1.00 25.82  ? 56  VAL B C   1 
ATOM   1188 O O   . VAL B 1 56 ? -14.245 3.547   -12.916 1.00 26.18  ? 56  VAL B O   1 
ATOM   1189 C CB  . VAL B 1 56 ? -11.484 2.484   -11.336 1.00 20.83  ? 56  VAL B CB  1 
ATOM   1190 C CG1 . VAL B 1 56 ? -9.978  2.633   -11.131 1.00 26.16  ? 56  VAL B CG1 1 
ATOM   1191 C CG2 . VAL B 1 56 ? -12.186 3.309   -10.274 1.00 20.32  ? 56  VAL B CG2 1 
ATOM   1192 N N   . ARG B 1 57 ? -13.738 1.380   -13.198 1.00 25.33  ? 57  ARG B N   1 
ATOM   1193 C CA  . ARG B 1 57 ? -15.120 0.968   -13.285 1.00 30.54  ? 57  ARG B CA  1 
ATOM   1194 C C   . ARG B 1 57 ? -15.311 0.251   -11.965 1.00 28.35  ? 57  ARG B C   1 
ATOM   1195 O O   . ARG B 1 57 ? -14.529 -0.621  -11.565 1.00 30.08  ? 57  ARG B O   1 
ATOM   1196 C CB  . ARG B 1 57 ? -15.379 -0.037  -14.401 1.00 34.89  ? 57  ARG B CB  1 
ATOM   1197 C CG  . ARG B 1 57 ? -14.980 0.317   -15.824 1.00 40.41  ? 57  ARG B CG  1 
ATOM   1198 C CD  . ARG B 1 57 ? -15.242 -0.869  -16.767 1.00 48.52  ? 57  ARG B CD  1 
ATOM   1199 N NE  . ARG B 1 57 ? -14.551 -2.101  -16.361 1.00 58.89  ? 57  ARG B NE  1 
ATOM   1200 C CZ  . ARG B 1 57 ? -14.396 -3.158  -17.177 1.00 62.11  ? 57  ARG B CZ  1 
ATOM   1201 N NH1 . ARG B 1 57 ? -14.854 -3.137  -18.431 1.00 67.36  ? 57  ARG B NH1 1 
ATOM   1202 N NH2 . ARG B 1 57 ? -13.761 -4.260  -16.752 1.00 59.09  ? 57  ARG B NH2 1 
ATOM   1203 N N   . GLN B 1 58 ? -16.371 0.584   -11.276 1.00 24.46  ? 58  GLN B N   1 
ATOM   1204 C CA  . GLN B 1 58 ? -16.655 0.039   -9.982  1.00 24.69  ? 58  GLN B CA  1 
ATOM   1205 C C   . GLN B 1 58 ? -17.766 -1.002  -10.029 1.00 29.57  ? 58  GLN B C   1 
ATOM   1206 O O   . GLN B 1 58 ? -18.907 -0.686  -10.400 1.00 27.39  ? 58  GLN B O   1 
ATOM   1207 C CB  . GLN B 1 58 ? -17.036 1.186   -9.096  1.00 25.61  ? 58  GLN B CB  1 
ATOM   1208 C CG  . GLN B 1 58 ? -17.439 0.677   -7.714  1.00 31.19  ? 58  GLN B CG  1 
ATOM   1209 C CD  . GLN B 1 58 ? -18.169 1.657   -6.824  1.00 30.63  ? 58  GLN B CD  1 
ATOM   1210 O OE1 . GLN B 1 58 ? -19.167 1.258   -6.253  1.00 37.06  ? 58  GLN B OE1 1 
ATOM   1211 N NE2 . GLN B 1 58 ? -17.806 2.915   -6.635  1.00 34.18  ? 58  GLN B NE2 1 
ATOM   1212 N N   . TYR B 1 59 ? -17.441 -2.226  -9.621  1.00 26.56  ? 59  TYR B N   1 
ATOM   1213 C CA  . TYR B 1 59 ? -18.395 -3.320  -9.563  1.00 22.19  ? 59  TYR B CA  1 
ATOM   1214 C C   . TYR B 1 59 ? -18.676 -3.643  -8.116  1.00 25.13  ? 59  TYR B C   1 
ATOM   1215 O O   . TYR B 1 59 ? -17.744 -3.771  -7.309  1.00 26.78  ? 59  TYR B O   1 
ATOM   1216 C CB  . TYR B 1 59 ? -17.820 -4.546  -10.195 1.00 26.19  ? 59  TYR B CB  1 
ATOM   1217 C CG  . TYR B 1 59 ? -17.586 -4.501  -11.683 1.00 27.68  ? 59  TYR B CG  1 
ATOM   1218 C CD1 . TYR B 1 59 ? -16.469 -3.854  -12.237 1.00 29.04  ? 59  TYR B CD1 1 
ATOM   1219 C CD2 . TYR B 1 59 ? -18.518 -5.136  -12.502 1.00 32.36  ? 59  TYR B CD2 1 
ATOM   1220 C CE1 . TYR B 1 59 ? -16.289 -3.846  -13.614 1.00 29.12  ? 59  TYR B CE1 1 
ATOM   1221 C CE2 . TYR B 1 59 ? -18.344 -5.136  -13.883 1.00 30.21  ? 59  TYR B CE2 1 
ATOM   1222 C CZ  . TYR B 1 59 ? -17.244 -4.491  -14.419 1.00 34.72  ? 59  TYR B CZ  1 
ATOM   1223 O OH  . TYR B 1 59 ? -17.105 -4.509  -15.782 1.00 38.25  ? 59  TYR B OH  1 
ATOM   1224 N N   . ASP B 1 60 ? -19.941 -3.808  -7.750  1.00 19.98  ? 60  ASP B N   1 
ATOM   1225 C CA  . ASP B 1 60 ? -20.280 -4.169  -6.394  1.00 26.38  ? 60  ASP B CA  1 
ATOM   1226 C C   . ASP B 1 60 ? -20.667 -5.631  -6.309  1.00 24.31  ? 60  ASP B C   1 
ATOM   1227 O O   . ASP B 1 60 ? -20.947 -6.269  -7.322  1.00 22.82  ? 60  ASP B O   1 
ATOM   1228 C CB  . ASP B 1 60 ? -21.437 -3.307  -5.884  1.00 33.64  ? 60  ASP B CB  1 
ATOM   1229 C CG  . ASP B 1 60 ? -21.117 -1.810  -5.917  1.00 42.64  ? 60  ASP B CG  1 
ATOM   1230 O OD1 . ASP B 1 60 ? -20.039 -1.399  -5.486  1.00 43.70  ? 60  ASP B OD1 1 
ATOM   1231 O OD2 . ASP B 1 60 ? -21.960 -1.047  -6.387  1.00 49.80  ? 60  ASP B OD2 1 
ATOM   1232 N N   . GLN B 1 61 ? -20.622 -6.144  -5.074  1.00 26.37  ? 61  GLN B N   1 
ATOM   1233 C CA  . GLN B 1 61 ? -20.988 -7.506  -4.725  1.00 28.47  ? 61  GLN B CA  1 
ATOM   1234 C C   . GLN B 1 61 ? -20.288 -8.557  -5.573  1.00 27.67  ? 61  GLN B C   1 
ATOM   1235 O O   . GLN B 1 61 ? -20.925 -9.489  -6.043  1.00 25.18  ? 61  GLN B O   1 
ATOM   1236 C CB  . GLN B 1 61 ? -22.516 -7.652  -4.836  1.00 31.88  ? 61  GLN B CB  1 
ATOM   1237 C CG  . GLN B 1 61 ? -23.306 -6.753  -3.896  1.00 44.44  ? 61  GLN B CG  1 
ATOM   1238 C CD  . GLN B 1 61 ? -24.733 -6.440  -4.377  1.00 54.44  ? 61  GLN B CD  1 
ATOM   1239 O OE1 . GLN B 1 61 ? -24.963 -5.709  -5.352  1.00 53.88  ? 61  GLN B OE1 1 
ATOM   1240 N NE2 . GLN B 1 61 ? -25.754 -6.951  -3.696  1.00 58.16  ? 61  GLN B NE2 1 
ATOM   1241 N N   . ILE B 1 62 ? -18.960 -8.426  -5.728  1.00 25.16  ? 62  ILE B N   1 
ATOM   1242 C CA  . ILE B 1 62 ? -18.191 -9.350  -6.548  1.00 21.78  ? 62  ILE B CA  1 
ATOM   1243 C C   . ILE B 1 62 ? -17.512 -10.383 -5.653  1.00 19.89  ? 62  ILE B C   1 
ATOM   1244 O O   . ILE B 1 62 ? -16.904 -10.023 -4.641  1.00 21.08  ? 62  ILE B O   1 
ATOM   1245 C CB  . ILE B 1 62 ? -17.165 -8.521  -7.363  1.00 18.53  ? 62  ILE B CB  1 
ATOM   1246 C CG1 . ILE B 1 62 ? -17.924 -7.594  -8.294  1.00 29.44  ? 62  ILE B CG1 1 
ATOM   1247 C CG2 . ILE B 1 62 ? -16.214 -9.444  -8.138  1.00 22.33  ? 62  ILE B CG2 1 
ATOM   1248 C CD1 . ILE B 1 62 ? -18.723 -8.300  -9.436  1.00 31.36  ? 62  ILE B CD1 1 
ATOM   1249 N N   . LEU B 1 63 ? -17.619 -11.656 -5.971  1.00 18.10  ? 63  LEU B N   1 
ATOM   1250 C CA  . LEU B 1 63 ? -16.975 -12.691 -5.213  1.00 19.75  ? 63  LEU B CA  1 
ATOM   1251 C C   . LEU B 1 63 ? -15.504 -12.788 -5.622  1.00 19.33  ? 63  LEU B C   1 
ATOM   1252 O O   . LEU B 1 63 ? -15.159 -12.790 -6.791  1.00 23.04  ? 63  LEU B O   1 
ATOM   1253 C CB  . LEU B 1 63 ? -17.686 -14.039 -5.463  1.00 18.39  ? 63  LEU B CB  1 
ATOM   1254 C CG  . LEU B 1 63 ? -17.086 -15.304 -4.837  1.00 20.02  ? 63  LEU B CG  1 
ATOM   1255 C CD1 . LEU B 1 63 ? -17.189 -15.301 -3.318  1.00 20.90  ? 63  LEU B CD1 1 
ATOM   1256 C CD2 . LEU B 1 63 ? -17.807 -16.483 -5.436  1.00 19.39  ? 63  LEU B CD2 1 
ATOM   1257 N N   . ILE B 1 64 ? -14.620 -12.798 -4.639  1.00 14.57  ? 64  ILE B N   1 
ATOM   1258 C CA  . ILE B 1 64 ? -13.202 -13.012 -4.839  1.00 19.90  ? 64  ILE B CA  1 
ATOM   1259 C C   . ILE B 1 64 ? -12.753 -14.102 -3.882  1.00 16.70  ? 64  ILE B C   1 
ATOM   1260 O O   . ILE B 1 64 ? -13.165 -14.112 -2.718  1.00 17.46  ? 64  ILE B O   1 
ATOM   1261 C CB  . ILE B 1 64 ? -12.354 -11.710 -4.546  1.00 26.56  ? 64  ILE B CB  1 
ATOM   1262 C CG1 . ILE B 1 64 ? -12.832 -10.556 -5.417  1.00 36.80  ? 64  ILE B CG1 1 
ATOM   1263 C CG2 . ILE B 1 64 ? -10.879 -11.956 -4.835  1.00 24.61  ? 64  ILE B CG2 1 
ATOM   1264 C CD1 . ILE B 1 64 ? -11.806 -9.403  -5.596  1.00 44.78  ? 64  ILE B CD1 1 
ATOM   1265 N N   . GLU B 1 65 ? -11.951 -15.076 -4.309  1.00 14.30  ? 65  GLU B N   1 
ATOM   1266 C CA  . GLU B 1 65 ? -11.311 -15.980 -3.382  1.00 22.81  ? 65  GLU B CA  1 
ATOM   1267 C C   . GLU B 1 65 ? -9.835  -15.574 -3.306  1.00 26.96  ? 65  GLU B C   1 
ATOM   1268 O O   . GLU B 1 65 ? -9.082  -15.704 -4.287  1.00 25.45  ? 65  GLU B O   1 
ATOM   1269 C CB  . GLU B 1 65 ? -11.414 -17.400 -3.859  1.00 24.18  ? 65  GLU B CB  1 
ATOM   1270 C CG  . GLU B 1 65 ? -12.860 -17.809 -3.874  1.00 31.78  ? 65  GLU B CG  1 
ATOM   1271 C CD  . GLU B 1 65 ? -13.108 -19.026 -4.733  1.00 41.54  ? 65  GLU B CD  1 
ATOM   1272 O OE1 . GLU B 1 65 ? -12.416 -20.019 -4.500  1.00 45.06  ? 65  GLU B OE1 1 
ATOM   1273 O OE2 . GLU B 1 65 ? -13.965 -18.962 -5.630  1.00 39.02  ? 65  GLU B OE2 1 
ATOM   1274 N N   . ILE B 1 66 ? -9.410  -15.085 -2.138  1.00 24.91  ? 66  ILE B N   1 
ATOM   1275 C CA  . ILE B 1 66 ? -8.054  -14.563 -1.876  1.00 27.15  ? 66  ILE B CA  1 
ATOM   1276 C C   . ILE B 1 66 ? -7.360  -15.625 -1.035  1.00 27.72  ? 66  ILE B C   1 
ATOM   1277 O O   . ILE B 1 66 ? -7.771  -15.862 0.096   1.00 23.39  ? 66  ILE B O   1 
ATOM   1278 C CB  . ILE B 1 66 ? -8.109  -13.237 -1.058  1.00 22.53  ? 66  ILE B CB  1 
ATOM   1279 C CG1 . ILE B 1 66 ? -9.018  -12.221 -1.731  1.00 28.23  ? 66  ILE B CG1 1 
ATOM   1280 C CG2 . ILE B 1 66 ? -6.685  -12.704 -0.882  1.00 25.32  ? 66  ILE B CG2 1 
ATOM   1281 C CD1 . ILE B 1 66 ? -9.453  -11.024 -0.852  1.00 25.57  ? 66  ILE B CD1 1 
ATOM   1282 N N   . CYS B 1 67 ? -6.337  -16.286 -1.566  1.00 33.09  ? 67  CYS B N   1 
ATOM   1283 C CA  . CYS B 1 67 ? -5.625  -17.383 -0.916  1.00 40.86  ? 67  CYS B CA  1 
ATOM   1284 C C   . CYS B 1 67 ? -6.620  -18.424 -0.348  1.00 44.07  ? 67  CYS B C   1 
ATOM   1285 O O   . CYS B 1 67 ? -6.513  -18.853 0.801   1.00 46.20  ? 67  CYS B O   1 
ATOM   1286 C CB  . CYS B 1 67 ? -4.685  -16.794 0.203   1.00 43.93  ? 67  CYS B CB  1 
ATOM   1287 S SG  . CYS B 1 67 ? -3.250  -17.842 0.632   1.00 49.40  ? 67  CYS B SG  1 
ATOM   1288 N N   . GLY B 1 68 ? -7.653  -18.854 -1.103  1.00 42.92  ? 68  GLY B N   1 
ATOM   1289 C CA  . GLY B 1 68 ? -8.610  -19.838 -0.594  1.00 46.66  ? 68  GLY B CA  1 
ATOM   1290 C C   . GLY B 1 68 ? -9.775  -19.228 0.197   1.00 48.47  ? 68  GLY B C   1 
ATOM   1291 O O   . GLY B 1 68 ? -10.836 -19.856 0.330   1.00 54.88  ? 68  GLY B O   1 
ATOM   1292 N N   . HIS B 1 69 ? -9.687  -17.997 0.716   1.00 41.78  ? 69  HIS B N   1 
ATOM   1293 C CA  . HIS B 1 69 ? -10.770 -17.410 1.502   1.00 33.73  ? 69  HIS B CA  1 
ATOM   1294 C C   . HIS B 1 69 ? -11.722 -16.623 0.606   1.00 25.36  ? 69  HIS B C   1 
ATOM   1295 O O   . HIS B 1 69 ? -11.293 -15.752 -0.153  1.00 27.12  ? 69  HIS B O   1 
ATOM   1296 C CB  . HIS B 1 69 ? -10.230 -16.463 2.545   1.00 36.30  ? 69  HIS B CB  1 
ATOM   1297 C CG  . HIS B 1 69 ? -9.130  -17.064 3.386   1.00 40.31  ? 69  HIS B CG  1 
ATOM   1298 N ND1 . HIS B 1 69 ? -7.992  -17.578 2.959   1.00 42.10  ? 69  HIS B ND1 1 
ATOM   1299 C CD2 . HIS B 1 69 ? -9.162  -17.193 4.746   1.00 45.07  ? 69  HIS B CD2 1 
ATOM   1300 C CE1 . HIS B 1 69 ? -7.325  -18.023 3.988   1.00 47.16  ? 69  HIS B CE1 1 
ATOM   1301 N NE2 . HIS B 1 69 ? -8.039  -17.785 5.057   1.00 48.05  ? 69  HIS B NE2 1 
ATOM   1302 N N   . LYS B 1 70 ? -13.002 -16.944 0.661   1.00 22.85  ? 70  LYS B N   1 
ATOM   1303 C CA  . LYS B 1 70 ? -14.025 -16.236 -0.081  1.00 23.80  ? 70  LYS B CA  1 
ATOM   1304 C C   . LYS B 1 70 ? -14.324 -14.896 0.579   1.00 27.45  ? 70  LYS B C   1 
ATOM   1305 O O   . LYS B 1 70 ? -14.227 -14.775 1.800   1.00 31.29  ? 70  LYS B O   1 
ATOM   1306 C CB  . LYS B 1 70 ? -15.285 -17.049 -0.116  1.00 24.78  ? 70  LYS B CB  1 
ATOM   1307 C CG  . LYS B 1 70 ? -15.123 -18.222 -1.030  1.00 29.55  ? 70  LYS B CG  1 
ATOM   1308 C CD  . LYS B 1 70 ? -16.230 -19.216 -0.794  1.00 33.61  ? 70  LYS B CD  1 
ATOM   1309 C CE  . LYS B 1 70 ? -16.261 -20.225 -1.930  1.00 37.74  ? 70  LYS B CE  1 
ATOM   1310 N NZ  . LYS B 1 70 ? -15.001 -20.925 -2.087  1.00 45.86  ? 70  LYS B NZ  1 
ATOM   1311 N N   . ALA B 1 71 ? -14.645 -13.885 -0.209  1.00 21.74  ? 71  ALA B N   1 
ATOM   1312 C CA  . ALA B 1 71 ? -15.028 -12.599 0.291   1.00 19.01  ? 71  ALA B CA  1 
ATOM   1313 C C   . ALA B 1 71 ? -15.890 -12.008 -0.811  1.00 20.70  ? 71  ALA B C   1 
ATOM   1314 O O   . ALA B 1 71 ? -15.802 -12.424 -1.981  1.00 22.37  ? 71  ALA B O   1 
ATOM   1315 C CB  . ALA B 1 71 ? -13.779 -11.745 0.501   1.00 23.65  ? 71  ALA B CB  1 
ATOM   1316 N N   . ILE B 1 72 ? -16.750 -11.039 -0.528  1.00 16.88  ? 72  ILE B N   1 
ATOM   1317 C CA  . ILE B 1 72 ? -17.576 -10.399 -1.552  1.00 22.73  ? 72  ILE B CA  1 
ATOM   1318 C C   . ILE B 1 72 ? -17.494 -8.925  -1.198  1.00 19.49  ? 72  ILE B C   1 
ATOM   1319 O O   . ILE B 1 72 ? -17.655 -8.581  -0.025  1.00 17.50  ? 72  ILE B O   1 
ATOM   1320 C CB  . ILE B 1 72 ? -19.102 -10.865 -1.541  1.00 25.44  ? 72  ILE B CB  1 
ATOM   1321 C CG1 . ILE B 1 72 ? -19.234 -12.237 -2.192  1.00 29.09  ? 72  ILE B CG1 1 
ATOM   1322 C CG2 . ILE B 1 72 ? -19.964 -9.939  -2.400  1.00 22.32  ? 72  ILE B CG2 1 
ATOM   1323 C CD1 . ILE B 1 72 ? -20.639 -12.844 -2.384  1.00 35.96  ? 72  ILE B CD1 1 
ATOM   1324 N N   . GLY B 1 73 ? -17.255 -8.092  -2.188  1.00 18.11  ? 73  GLY B N   1 
ATOM   1325 C CA  . GLY B 1 73 ? -17.146 -6.676  -1.942  1.00 21.49  ? 73  GLY B CA  1 
ATOM   1326 C C   . GLY B 1 73 ? -17.012 -5.954  -3.256  1.00 21.64  ? 73  GLY B C   1 
ATOM   1327 O O   . GLY B 1 73 ? -17.232 -6.536  -4.326  1.00 22.07  ? 73  GLY B O   1 
ATOM   1328 N N   . THR B 1 74 ? -16.711 -4.671  -3.146  1.00 24.14  ? 74  THR B N   1 
ATOM   1329 C CA  . THR B 1 74 ? -16.487 -3.791  -4.271  1.00 22.07  ? 74  THR B CA  1 
ATOM   1330 C C   . THR B 1 74 ? -15.079 -3.969  -4.813  1.00 18.56  ? 74  THR B C   1 
ATOM   1331 O O   . THR B 1 74 ? -14.109 -4.120  -4.074  1.00 18.07  ? 74  THR B O   1 
ATOM   1332 C CB  . THR B 1 74 ? -16.764 -2.332  -3.793  1.00 19.08  ? 74  THR B CB  1 
ATOM   1333 O OG1 . THR B 1 74 ? -18.137 -2.354  -3.384  1.00 26.06  ? 74  THR B OG1 1 
ATOM   1334 C CG2 . THR B 1 74 ? -16.542 -1.246  -4.855  1.00 22.11  ? 74  THR B CG2 1 
ATOM   1335 N N   . VAL B 1 75 ? -15.049 -4.058  -6.139  1.00 19.17  ? 75  VAL B N   1 
ATOM   1336 C CA  . VAL B 1 75 ? -13.828 -4.201  -6.900  1.00 19.56  ? 75  VAL B CA  1 
ATOM   1337 C C   . VAL B 1 75 ? -13.838 -3.074  -7.926  1.00 22.13  ? 75  VAL B C   1 
ATOM   1338 O O   . VAL B 1 75 ? -14.832 -2.835  -8.632  1.00 21.49  ? 75  VAL B O   1 
ATOM   1339 C CB  . VAL B 1 75 ? -13.827 -5.598  -7.573  1.00 21.36  ? 75  VAL B CB  1 
ATOM   1340 C CG1 . VAL B 1 75 ? -12.765 -5.737  -8.629  1.00 26.43  ? 75  VAL B CG1 1 
ATOM   1341 C CG2 . VAL B 1 75 ? -13.549 -6.627  -6.496  1.00 25.36  ? 75  VAL B CG2 1 
ATOM   1342 N N   . LEU B 1 76 ? -12.733 -2.354  -8.008  1.00 18.56  ? 76  LEU B N   1 
ATOM   1343 C CA  . LEU B 1 76 ? -12.547 -1.325  -8.992  1.00 18.07  ? 76  LEU B CA  1 
ATOM   1344 C C   . LEU B 1 76 ? -11.651 -1.956  -10.028 1.00 23.05  ? 76  LEU B C   1 
ATOM   1345 O O   . LEU B 1 76 ? -10.679 -2.628  -9.690  1.00 23.28  ? 76  LEU B O   1 
ATOM   1346 C CB  . LEU B 1 76 ? -11.868 -0.090  -8.363  1.00 19.51  ? 76  LEU B CB  1 
ATOM   1347 C CG  . LEU B 1 76 ? -12.463 0.431   -7.060  1.00 19.56  ? 76  LEU B CG  1 
ATOM   1348 C CD1 . LEU B 1 76 ? -11.751 1.706   -6.651  1.00 24.76  ? 76  LEU B CD1 1 
ATOM   1349 C CD2 . LEU B 1 76 ? -13.927 0.747   -7.241  1.00 24.32  ? 76  LEU B CD2 1 
ATOM   1350 N N   . VAL B 1 77 ? -11.939 -1.763  -11.316 1.00 22.77  ? 77  VAL B N   1 
ATOM   1351 C CA  . VAL B 1 77 ? -11.183 -2.343  -12.400 1.00 24.42  ? 77  VAL B CA  1 
ATOM   1352 C C   . VAL B 1 77 ? -10.694 -1.180  -13.246 1.00 31.03  ? 77  VAL B C   1 
ATOM   1353 O O   . VAL B 1 77 ? -11.463 -0.255  -13.524 1.00 31.97  ? 77  VAL B O   1 
ATOM   1354 C CB  . VAL B 1 77 ? -12.113 -3.292  -13.185 1.00 29.51  ? 77  VAL B CB  1 
ATOM   1355 C CG1 . VAL B 1 77 ? -11.378 -3.802  -14.406 1.00 31.38  ? 77  VAL B CG1 1 
ATOM   1356 C CG2 . VAL B 1 77 ? -12.504 -4.508  -12.330 1.00 25.15  ? 77  VAL B CG2 1 
ATOM   1357 N N   . GLY B 1 78 ? -9.445  -1.163  -13.678 1.00 29.00  ? 78  GLY B N   1 
ATOM   1358 C CA  . GLY B 1 78 ? -8.965  -0.031  -14.419 1.00 29.74  ? 78  GLY B CA  1 
ATOM   1359 C C   . GLY B 1 78 ? -7.465  -0.111  -14.633 1.00 33.74  ? 78  GLY B C   1 
ATOM   1360 O O   . GLY B 1 78 ? -6.837  -1.158  -14.440 1.00 31.86  ? 78  GLY B O   1 
ATOM   1361 N N   . PRO B 1 79 ? -6.853  0.992   -15.062 1.00 29.16  ? 79  PRO B N   1 
ATOM   1362 C CA  . PRO B 1 79 ? -5.472  0.983   -15.503 1.00 31.73  ? 79  PRO B CA  1 
ATOM   1363 C C   . PRO B 1 79 ? -4.454  1.042   -14.361 1.00 31.03  ? 79  PRO B C   1 
ATOM   1364 O O   . PRO B 1 79 ? -3.699  2.007   -14.225 1.00 33.78  ? 79  PRO B O   1 
ATOM   1365 C CB  . PRO B 1 79 ? -5.475  2.158   -16.491 1.00 28.47  ? 79  PRO B CB  1 
ATOM   1366 C CG  . PRO B 1 79 ? -6.420  3.125   -15.831 1.00 28.50  ? 79  PRO B CG  1 
ATOM   1367 C CD  . PRO B 1 79 ? -7.551  2.223   -15.414 1.00 25.29  ? 79  PRO B CD  1 
ATOM   1368 N N   . THR B 1 80 ? -4.469  0.041   -13.475 1.00 29.12  ? 80  THR B N   1 
ATOM   1369 C CA  . THR B 1 80 ? -3.497  -0.025  -12.410 1.00 27.08  ? 80  THR B CA  1 
ATOM   1370 C C   . THR B 1 80 ? -2.351  -0.856  -12.960 1.00 27.16  ? 80  THR B C   1 
ATOM   1371 O O   . THR B 1 80 ? -2.632  -1.791  -13.691 1.00 26.41  ? 80  THR B O   1 
ATOM   1372 C CB  . THR B 1 80 ? -4.096  -0.687  -11.163 1.00 22.46  ? 80  THR B CB  1 
ATOM   1373 O OG1 . THR B 1 80 ? -3.009  -0.824  -10.255 1.00 20.51  ? 80  THR B OG1 1 
ATOM   1374 C CG2 . THR B 1 80 ? -4.765  -2.005  -11.417 1.00 21.06  ? 80  THR B CG2 1 
ATOM   1375 N N   . PRO B 1 81 ? -1.075  -0.622  -12.645 1.00 30.98  ? 81  PRO B N   1 
ATOM   1376 C CA  . PRO B 1 81 ? 0.030   -1.509  -13.027 1.00 29.10  ? 81  PRO B CA  1 
ATOM   1377 C C   . PRO B 1 81 ? 0.080   -2.883  -12.348 1.00 29.32  ? 81  PRO B C   1 
ATOM   1378 O O   . PRO B 1 81 ? 0.708   -3.824  -12.842 1.00 25.80  ? 81  PRO B O   1 
ATOM   1379 C CB  . PRO B 1 81 ? 1.261   -0.692  -12.737 1.00 26.09  ? 81  PRO B CB  1 
ATOM   1380 C CG  . PRO B 1 81 ? 0.850   0.304   -11.695 1.00 30.35  ? 81  PRO B CG  1 
ATOM   1381 C CD  . PRO B 1 81 ? -0.568  0.641   -12.089 1.00 30.39  ? 81  PRO B CD  1 
ATOM   1382 N N   . VAL B 1 82 ? -0.541  -2.959  -11.160 1.00 21.60  ? 82  VAL B N   1 
ATOM   1383 C CA  . VAL B 1 82 ? -0.490  -4.110  -10.276 1.00 21.95  ? 82  VAL B CA  1 
ATOM   1384 C C   . VAL B 1 82 ? -1.901  -4.334  -9.738  1.00 18.22  ? 82  VAL B C   1 
ATOM   1385 O O   . VAL B 1 82 ? -2.655  -3.379  -9.539  1.00 22.16  ? 82  VAL B O   1 
ATOM   1386 C CB  . VAL B 1 82 ? 0.519   -3.816  -9.092  1.00 24.10  ? 82  VAL B CB  1 
ATOM   1387 C CG1 . VAL B 1 82 ? 0.575   -4.951  -8.117  1.00 26.15  ? 82  VAL B CG1 1 
ATOM   1388 C CG2 . VAL B 1 82 ? 1.951   -3.777  -9.594  1.00 29.97  ? 82  VAL B CG2 1 
ATOM   1389 N N   . ASN B 1 83 ? -2.284  -5.587  -9.513  1.00 18.43  ? 83  ASN B N   1 
ATOM   1390 C CA  . ASN B 1 83 ? -3.539  -5.986  -8.906  1.00 14.84  ? 83  ASN B CA  1 
ATOM   1391 C C   . ASN B 1 83 ? -3.346  -5.728  -7.424  1.00 17.32  ? 83  ASN B C   1 
ATOM   1392 O O   . ASN B 1 83 ? -2.370  -6.194  -6.814  1.00 17.85  ? 83  ASN B O   1 
ATOM   1393 C CB  . ASN B 1 83 ? -3.775  -7.466  -9.160  1.00 18.57  ? 83  ASN B CB  1 
ATOM   1394 C CG  . ASN B 1 83 ? -4.224  -7.791  -10.572 1.00 22.31  ? 83  ASN B CG  1 
ATOM   1395 O OD1 . ASN B 1 83 ? -5.007  -7.045  -11.177 1.00 20.35  ? 83  ASN B OD1 1 
ATOM   1396 N ND2 . ASN B 1 83 ? -3.763  -8.907  -11.111 1.00 17.10  ? 83  ASN B ND2 1 
ATOM   1397 N N   . ILE B 1 84 ? -4.241  -4.946  -6.833  1.00 11.95  ? 84  ILE B N   1 
ATOM   1398 C CA  . ILE B 1 84 ? -4.173  -4.524  -5.432  1.00 16.30  ? 84  ILE B CA  1 
ATOM   1399 C C   . ILE B 1 84 ? -5.360  -5.050  -4.627  1.00 15.41  ? 84  ILE B C   1 
ATOM   1400 O O   . ILE B 1 84 ? -6.512  -4.838  -5.037  1.00 14.97  ? 84  ILE B O   1 
ATOM   1401 C CB  . ILE B 1 84 ? -4.111  -2.933  -5.426  1.00 12.92  ? 84  ILE B CB  1 
ATOM   1402 C CG1 . ILE B 1 84 ? -2.740  -2.471  -5.914  1.00 15.62  ? 84  ILE B CG1 1 
ATOM   1403 C CG2 . ILE B 1 84 ? -4.368  -2.385  -4.029  1.00 16.25  ? 84  ILE B CG2 1 
ATOM   1404 C CD1 . ILE B 1 84 ? -2.798  -1.022  -6.339  1.00 17.67  ? 84  ILE B CD1 1 
ATOM   1405 N N   . ILE B 1 85 ? -5.134  -5.702  -3.474  1.00 16.62  ? 85  ILE B N   1 
ATOM   1406 C CA  . ILE B 1 85 ? -6.228  -6.085  -2.581  1.00 15.86  ? 85  ILE B CA  1 
ATOM   1407 C C   . ILE B 1 85 ? -6.107  -5.075  -1.453  1.00 13.08  ? 85  ILE B C   1 
ATOM   1408 O O   . ILE B 1 85 ? -5.120  -5.112  -0.725  1.00 14.08  ? 85  ILE B O   1 
ATOM   1409 C CB  . ILE B 1 85 ? -6.066  -7.511  -2.008  1.00 12.31  ? 85  ILE B CB  1 
ATOM   1410 C CG1 . ILE B 1 85 ? -5.906  -8.594  -3.094  1.00 15.20  ? 85  ILE B CG1 1 
ATOM   1411 C CG2 . ILE B 1 85 ? -7.315  -7.751  -1.159  1.00 12.39  ? 85  ILE B CG2 1 
ATOM   1412 C CD1 . ILE B 1 85 ? -7.123  -8.839  -3.993  1.00 18.92  ? 85  ILE B CD1 1 
ATOM   1413 N N   . GLY B 1 86 ? -7.078  -4.194  -1.272  1.00 12.65  ? 86  GLY B N   1 
ATOM   1414 C CA  . GLY B 1 86 ? -6.968  -3.156  -0.279  1.00 10.53  ? 86  GLY B CA  1 
ATOM   1415 C C   . GLY B 1 86 ? -7.770  -3.483  0.938   1.00 10.53  ? 86  GLY B C   1 
ATOM   1416 O O   . GLY B 1 86 ? -8.329  -4.575  1.076   1.00 13.93  ? 86  GLY B O   1 
ATOM   1417 N N   . ARG B 1 87 ? -7.922  -2.525  1.835   1.00 12.65  ? 87  ARG B N   1 
ATOM   1418 C CA  . ARG B 1 87 ? -8.509  -2.770  3.131   1.00 12.51  ? 87  ARG B CA  1 
ATOM   1419 C C   . ARG B 1 87 ? -9.974  -3.202  3.173   1.00 16.35  ? 87  ARG B C   1 
ATOM   1420 O O   . ARG B 1 87 ? -10.350 -3.960  4.082   1.00 16.42  ? 87  ARG B O   1 
ATOM   1421 C CB  . ARG B 1 87 ? -8.336  -1.539  3.992   1.00 14.83  ? 87  ARG B CB  1 
ATOM   1422 C CG  . ARG B 1 87 ? -6.874  -1.201  4.372   1.00 13.80  ? 87  ARG B CG  1 
ATOM   1423 C CD  . ARG B 1 87 ? -6.820  -0.113  5.462   1.00 12.25  ? 87  ARG B CD  1 
ATOM   1424 N NE  . ARG B 1 87 ? -7.449  1.142   5.029   1.00 18.71  ? 87  ARG B NE  1 
ATOM   1425 C CZ  . ARG B 1 87 ? -8.658  1.552   5.403   1.00 17.79  ? 87  ARG B CZ  1 
ATOM   1426 N NH1 . ARG B 1 87 ? -9.447  0.855   6.214   1.00 14.64  ? 87  ARG B NH1 1 
ATOM   1427 N NH2 . ARG B 1 87 ? -9.096  2.693   4.929   1.00 18.47  ? 87  ARG B NH2 1 
ATOM   1428 N N   . ASN B 1 88 ? -10.797 -2.837  2.195   1.00 14.09  ? 88  ASN B N   1 
ATOM   1429 C CA  . ASN B 1 88 ? -12.162 -3.310  2.142   1.00 15.24  ? 88  ASN B CA  1 
ATOM   1430 C C   . ASN B 1 88 ? -12.244 -4.818  2.047   1.00 14.79  ? 88  ASN B C   1 
ATOM   1431 O O   . ASN B 1 88 ? -13.161 -5.383  2.611   1.00 20.21  ? 88  ASN B O   1 
ATOM   1432 C CB  . ASN B 1 88 ? -12.880 -2.683  0.955   1.00 17.87  ? 88  ASN B CB  1 
ATOM   1433 C CG  . ASN B 1 88 ? -12.500 -3.233  -0.417  1.00 17.39  ? 88  ASN B CG  1 
ATOM   1434 O OD1 . ASN B 1 88 ? -11.315 -3.460  -0.656  1.00 23.03  ? 88  ASN B OD1 1 
ATOM   1435 N ND2 . ASN B 1 88 ? -13.448 -3.528  -1.281  1.00 16.21  ? 88  ASN B ND2 1 
ATOM   1436 N N   . LEU B 1 89 ? -11.299 -5.525  1.431   1.00 14.15  ? 89  LEU B N   1 
ATOM   1437 C CA  . LEU B 1 89 ? -11.335 -6.977  1.439   1.00 15.43  ? 89  LEU B CA  1 
ATOM   1438 C C   . LEU B 1 89 ? -10.418 -7.584  2.485   1.00 16.21  ? 89  LEU B C   1 
ATOM   1439 O O   . LEU B 1 89 ? -10.690 -8.689  2.979   1.00 18.44  ? 89  LEU B O   1 
ATOM   1440 C CB  . LEU B 1 89 ? -10.980 -7.499  0.034   1.00 13.23  ? 89  LEU B CB  1 
ATOM   1441 C CG  . LEU B 1 89 ? -12.014 -7.162  -1.064  1.00 17.88  ? 89  LEU B CG  1 
ATOM   1442 C CD1 . LEU B 1 89 ? -11.623 -7.870  -2.338  1.00 19.86  ? 89  LEU B CD1 1 
ATOM   1443 C CD2 . LEU B 1 89 ? -13.396 -7.668  -0.716  1.00 20.26  ? 89  LEU B CD2 1 
ATOM   1444 N N   . LEU B 1 90 ? -9.331  -6.904  2.880   1.00 16.07  ? 90  LEU B N   1 
ATOM   1445 C CA  . LEU B 1 90 ? -8.429  -7.408  3.916   1.00 15.70  ? 90  LEU B CA  1 
ATOM   1446 C C   . LEU B 1 90 ? -9.108  -7.564  5.269   1.00 14.08  ? 90  LEU B C   1 
ATOM   1447 O O   . LEU B 1 90 ? -8.860  -8.560  5.944   1.00 16.01  ? 90  LEU B O   1 
ATOM   1448 C CB  . LEU B 1 90 ? -7.220  -6.485  4.033   1.00 15.33  ? 90  LEU B CB  1 
ATOM   1449 C CG  . LEU B 1 90 ? -6.226  -6.440  2.853   1.00 16.39  ? 90  LEU B CG  1 
ATOM   1450 C CD1 . LEU B 1 90 ? -5.081  -5.488  3.233   1.00 17.95  ? 90  LEU B CD1 1 
ATOM   1451 C CD2 . LEU B 1 90 ? -5.681  -7.831  2.534   1.00 14.63  ? 90  LEU B CD2 1 
ATOM   1452 N N   . THR B 1 91 ? -10.034 -6.699  5.650   1.00 15.71  ? 91  THR B N   1 
ATOM   1453 C CA  . THR B 1 91 ? -10.786 -6.911  6.878   1.00 18.58  ? 91  THR B CA  1 
ATOM   1454 C C   . THR B 1 91 ? -11.642 -8.171  6.794   1.00 19.77  ? 91  THR B C   1 
ATOM   1455 O O   . THR B 1 91 ? -11.848 -8.887  7.770   1.00 24.58  ? 91  THR B O   1 
ATOM   1456 C CB  . THR B 1 91 ? -11.682 -5.713  7.130   1.00 16.62  ? 91  THR B CB  1 
ATOM   1457 O OG1 . THR B 1 91 ? -12.486 -5.536  5.968   1.00 20.68  ? 91  THR B OG1 1 
ATOM   1458 C CG2 . THR B 1 91 ? -10.876 -4.451  7.409   1.00 16.42  ? 91  THR B CG2 1 
ATOM   1459 N N   . GLN B 1 92 ? -12.176 -8.493  5.620   1.00 20.26  ? 92  GLN B N   1 
ATOM   1460 C CA  . GLN B 1 92 ? -13.012 -9.669  5.441   1.00 21.50  ? 92  GLN B CA  1 
ATOM   1461 C C   . GLN B 1 92 ? -12.289 -10.980 5.570   1.00 22.43  ? 92  GLN B C   1 
ATOM   1462 O O   . GLN B 1 92 ? -12.861 -11.961 6.050   1.00 26.99  ? 92  GLN B O   1 
ATOM   1463 C CB  . GLN B 1 92 ? -13.688 -9.641  4.098   1.00 24.87  ? 92  GLN B CB  1 
ATOM   1464 C CG  . GLN B 1 92 ? -14.819 -8.665  4.144   1.00 36.70  ? 92  GLN B CG  1 
ATOM   1465 C CD  . GLN B 1 92 ? -15.712 -8.820  2.924   1.00 49.35  ? 92  GLN B CD  1 
ATOM   1466 O OE1 . GLN B 1 92 ? -15.662 -7.969  2.045   1.00 52.41  ? 92  GLN B OE1 1 
ATOM   1467 N NE2 . GLN B 1 92 ? -16.514 -9.886  2.745   1.00 49.25  ? 92  GLN B NE2 1 
ATOM   1468 N N   . ILE B 1 93 ? -11.021 -11.048 5.185   1.00 22.56  ? 93  ILE B N   1 
ATOM   1469 C CA  . ILE B 1 93 ? -10.285 -12.269 5.437   1.00 19.84  ? 93  ILE B CA  1 
ATOM   1470 C C   . ILE B 1 93 ? -9.580  -12.218 6.792   1.00 20.05  ? 93  ILE B C   1 
ATOM   1471 O O   . ILE B 1 93 ? -8.761  -13.088 7.052   1.00 24.61  ? 93  ILE B O   1 
ATOM   1472 C CB  . ILE B 1 93 ? -9.256  -12.555 4.279   1.00 23.48  ? 93  ILE B CB  1 
ATOM   1473 C CG1 . ILE B 1 93 ? -8.174  -11.493 4.107   1.00 20.96  ? 93  ILE B CG1 1 
ATOM   1474 C CG2 . ILE B 1 93 ? -10.106 -12.737 3.031   1.00 27.14  ? 93  ILE B CG2 1 
ATOM   1475 C CD1 . ILE B 1 93 ? -7.152  -11.911 3.024   1.00 23.25  ? 93  ILE B CD1 1 
ATOM   1476 N N   . GLY B 1 94 ? -9.856  -11.238 7.671   1.00 19.77  ? 94  GLY B N   1 
ATOM   1477 C CA  . GLY B 1 94 ? -9.271  -11.143 8.995   1.00 19.68  ? 94  GLY B CA  1 
ATOM   1478 C C   . GLY B 1 94 ? -7.776  -10.841 8.979   1.00 20.34  ? 94  GLY B C   1 
ATOM   1479 O O   . GLY B 1 94 ? -7.033  -11.319 9.820   1.00 19.56  ? 94  GLY B O   1 
ATOM   1480 N N   . CYS B 1 95 ? -7.301  -10.059 8.040   1.00 20.91  ? 95  CYS B N   1 
ATOM   1481 C CA  . CYS B 1 95 ? -5.897  -9.804  7.954   1.00 21.33  ? 95  CYS B CA  1 
ATOM   1482 C C   . CYS B 1 95 ? -5.442  -8.731  8.934   1.00 22.25  ? 95  CYS B C   1 
ATOM   1483 O O   . CYS B 1 95 ? -6.091  -7.692  8.990   1.00 23.18  ? 95  CYS B O   1 
ATOM   1484 C CB  . CYS B 1 95 ? -5.641  -9.414  6.507   1.00 25.02  ? 95  CYS B CB  1 
ATOM   1485 S SG  . CYS B 1 95 ? -3.908  -9.051  6.179   1.00 29.34  ? 95  CYS B SG  1 
ATOM   1486 N N   . THR B 1 96 ? -4.377  -8.905  9.729   1.00 20.25  ? 96  THR B N   1 
ATOM   1487 C CA  . THR B 1 96 ? -3.831  -7.861  10.588  1.00 17.96  ? 96  THR B CA  1 
ATOM   1488 C C   . THR B 1 96 ? -2.341  -7.582  10.334  1.00 18.60  ? 96  THR B C   1 
ATOM   1489 O O   . THR B 1 96 ? -1.546  -8.333  9.728   1.00 19.08  ? 96  THR B O   1 
ATOM   1490 C CB  . THR B 1 96 ? -3.995  -8.226  12.095  1.00 21.55  ? 96  THR B CB  1 
ATOM   1491 O OG1 . THR B 1 96 ? -3.276  -9.422  12.324  1.00 19.47  ? 96  THR B OG1 1 
ATOM   1492 C CG2 . THR B 1 96 ? -5.442  -8.393  12.513  1.00 22.86  ? 96  THR B CG2 1 
ATOM   1493 N N   . LEU B 1 97 ? -1.939  -6.433  10.824  1.00 16.51  ? 97  LEU B N   1 
ATOM   1494 C CA  . LEU B 1 97 ? -0.563  -6.016  10.748  1.00 22.53  ? 97  LEU B CA  1 
ATOM   1495 C C   . LEU B 1 97 ? -0.046  -6.277  12.152  1.00 22.56  ? 97  LEU B C   1 
ATOM   1496 O O   . LEU B 1 97 ? -0.734  -6.035  13.147  1.00 23.59  ? 97  LEU B O   1 
ATOM   1497 C CB  . LEU B 1 97 ? -0.627  -4.564  10.343  1.00 21.81  ? 97  LEU B CB  1 
ATOM   1498 C CG  . LEU B 1 97 ? 0.394   -3.881  9.501   1.00 28.42  ? 97  LEU B CG  1 
ATOM   1499 C CD1 . LEU B 1 97 ? 0.939   -4.773  8.404   1.00 30.53  ? 97  LEU B CD1 1 
ATOM   1500 C CD2 . LEU B 1 97 ? -0.297  -2.628  8.991   1.00 24.22  ? 97  LEU B CD2 1 
ATOM   1501 N N   . ASN B 1 98 ? 1.142   -6.832  12.309  1.00 24.35  ? 98  ASN B N   1 
ATOM   1502 C CA  . ASN B 1 98 ? 1.661   -7.128  13.637  1.00 21.08  ? 98  ASN B CA  1 
ATOM   1503 C C   . ASN B 1 98 ? 3.137   -6.790  13.702  1.00 18.11  ? 98  ASN B C   1 
ATOM   1504 O O   . ASN B 1 98 ? 3.922   -7.120  12.809  1.00 17.72  ? 98  ASN B O   1 
ATOM   1505 C CB  . ASN B 1 98 ? 1.492   -8.613  13.955  1.00 25.95  ? 98  ASN B CB  1 
ATOM   1506 C CG  . ASN B 1 98 ? 0.054   -9.083  14.134  1.00 34.31  ? 98  ASN B CG  1 
ATOM   1507 O OD1 . ASN B 1 98 ? -0.441  -9.176  15.249  1.00 45.33  ? 98  ASN B OD1 1 
ATOM   1508 N ND2 . ASN B 1 98 ? -0.732  -9.391  13.122  1.00 33.25  ? 98  ASN B ND2 1 
ATOM   1509 N N   . PHE B 1 99 ? 3.524   -6.107  14.753  1.00 22.35  ? 99  PHE B N   1 
ATOM   1510 C CA  . PHE B 1 99 ? 4.920   -5.842  15.047  1.00 26.16  ? 99  PHE B CA  1 
ATOM   1511 C C   . PHE B 1 99 ? 5.025   -5.650  16.566  1.00 30.13  ? 99  PHE B C   1 
ATOM   1512 O O   . PHE B 1 99 ? 6.103   -5.344  17.042  1.00 35.08  ? 99  PHE B O   1 
ATOM   1513 C CB  . PHE B 1 99 ? 5.464   -4.567  14.280  1.00 25.12  ? 99  PHE B CB  1 
ATOM   1514 C CG  . PHE B 1 99 ? 4.931   -3.171  14.570  1.00 29.87  ? 99  PHE B CG  1 
ATOM   1515 C CD1 . PHE B 1 99 ? 3.729   -2.740  13.991  1.00 29.99  ? 99  PHE B CD1 1 
ATOM   1516 C CD2 . PHE B 1 99 ? 5.662   -2.306  15.401  1.00 34.71  ? 99  PHE B CD2 1 
ATOM   1517 C CE1 . PHE B 1 99 ? 3.270   -1.448  14.249  1.00 30.13  ? 99  PHE B CE1 1 
ATOM   1518 C CE2 . PHE B 1 99 ? 5.189   -1.012  15.649  1.00 30.24  ? 99  PHE B CE2 1 
ATOM   1519 C CZ  . PHE B 1 99 ? 3.994   -0.587  15.073  1.00 32.11  ? 99  PHE B CZ  1 
ATOM   1520 O OXT . PHE B 1 99 ? 4.033   -5.805  17.301  1.00 33.30  ? 99  PHE B OXT 1 
HETATM 1521 N N1  . A88 C 2 .  ? -1.078  3.589   -2.456  1.00 18.49  ? 301 A88 A N1  1 
HETATM 1522 N N2  . A88 C 2 .  ? -1.170  3.802   -3.893  1.00 15.08  ? 301 A88 A N2  1 
HETATM 1523 C C3  . A88 C 2 .  ? -0.110  3.881   -4.733  1.00 17.58  ? 301 A88 A C3  1 
HETATM 1524 O O3  . A88 C 2 .  ? -0.177  4.693   -5.689  1.00 18.96  ? 301 A88 A O3  1 
HETATM 1525 N N4  . A88 C 2 .  ? 0.920   3.041   -4.464  1.00 16.05  ? 301 A88 A N4  1 
HETATM 1526 C C5  . A88 C 2 .  ? 0.957   1.851   -3.752  1.00 15.15  ? 301 A88 A C5  1 
HETATM 1527 C C6  . A88 C 2 .  ? 0.468   1.804   -2.227  1.00 15.57  ? 301 A88 A C6  1 
HETATM 1528 O O6  . A88 C 2 .  ? 0.896   0.549   -1.786  1.00 27.80  ? 301 A88 A O6  1 
HETATM 1529 C C7  . A88 C 2 .  ? -0.987  2.137   -1.964  1.00 16.98  ? 301 A88 A C7  1 
HETATM 1530 C C8  . A88 C 2 .  ? -0.227  4.598   -1.686  1.00 13.65  ? 301 A88 A C8  1 
HETATM 1531 C C9  . A88 C 2 .  ? -1.109  5.821   -1.507  1.00 17.88  ? 301 A88 A C9  1 
HETATM 1532 C C10 . A88 C 2 .  ? -2.154  5.791   -0.565  1.00 21.41  ? 301 A88 A C10 1 
HETATM 1533 C C11 . A88 C 2 .  ? -2.999  6.890   -0.442  1.00 21.93  ? 301 A88 A C11 1 
HETATM 1534 C C12 . A88 C 2 .  ? -2.787  8.012   -1.247  1.00 23.69  ? 301 A88 A C12 1 
HETATM 1535 C C13 . A88 C 2 .  ? -1.743  8.028   -2.176  1.00 20.97  ? 301 A88 A C13 1 
HETATM 1536 C C14 . A88 C 2 .  ? -0.894  6.942   -2.313  1.00 18.55  ? 301 A88 A C14 1 
HETATM 1537 C C15 . A88 C 2 .  ? 0.221   0.842   -4.673  1.00 14.38  ? 301 A88 A C15 1 
HETATM 1538 C C16 . A88 C 2 .  ? 1.024   0.472   -5.933  1.00 19.06  ? 301 A88 A C16 1 
HETATM 1539 C C17 . A88 C 2 .  ? 2.101   -0.429  -5.858  1.00 19.04  ? 301 A88 A C17 1 
HETATM 1540 C C18 . A88 C 2 .  ? 2.809   -0.760  -7.020  1.00 23.67  ? 301 A88 A C18 1 
HETATM 1541 C C19 . A88 C 2 .  ? 2.451   -0.198  -8.247  1.00 21.52  ? 301 A88 A C19 1 
HETATM 1542 C C20 . A88 C 2 .  ? 1.383   0.694   -8.309  1.00 20.01  ? 301 A88 A C20 1 
HETATM 1543 C C21 . A88 C 2 .  ? 0.663   1.034   -7.163  1.00 18.43  ? 301 A88 A C21 1 
HETATM 1544 C C22 . A88 C 2 .  ? 2.215   3.558   -5.127  1.00 14.64  ? 301 A88 A C22 1 
HETATM 1545 C C23 . A88 C 2 .  ? 3.564   3.354   -4.458  1.00 15.12  ? 301 A88 A C23 1 
HETATM 1546 C C24 . A88 C 2 .  ? 4.446   2.399   -4.947  1.00 14.39  ? 301 A88 A C24 1 
HETATM 1547 C C25 . A88 C 2 .  ? 5.674   2.222   -4.311  1.00 15.90  ? 301 A88 A C25 1 
HETATM 1548 C C26 . A88 C 2 .  ? 6.011   3.015   -3.218  1.00 13.71  ? 301 A88 A C26 1 
HETATM 1549 C C27 . A88 C 2 .  ? 5.129   3.967   -2.719  1.00 14.70  ? 301 A88 A C27 1 
HETATM 1550 C C28 . A88 C 2 .  ? 3.899   4.130   -3.342  1.00 14.98  ? 301 A88 A C28 1 
HETATM 1551 O O29 . A88 C 2 .  ? 7.196   2.856   -2.612  1.00 16.00  ? 301 A88 A O29 1 
HETATM 1552 O O30 . A88 C 2 .  ? 6.464   1.144   -4.731  1.00 23.21  ? 301 A88 A O30 1 
HETATM 1553 C C31 . A88 C 2 .  ? 6.487   0.463   -6.017  1.00 27.17  ? 301 A88 A C31 1 
HETATM 1554 C C32 . A88 C 2 .  ? -2.495  4.454   -4.308  1.00 12.52  ? 301 A88 A C32 1 
HETATM 1555 C C33 . A88 C 2 .  ? -3.794  3.792   -3.940  1.00 13.72  ? 301 A88 A C33 1 
HETATM 1556 C C34 . A88 C 2 .  ? -4.127  2.537   -4.472  1.00 16.91  ? 301 A88 A C34 1 
HETATM 1557 C C35 . A88 C 2 .  ? -5.340  1.949   -4.122  1.00 15.36  ? 301 A88 A C35 1 
HETATM 1558 C C36 . A88 C 2 .  ? -6.199  2.621   -3.247  1.00 17.62  ? 301 A88 A C36 1 
HETATM 1559 C C37 . A88 C 2 .  ? -5.854  3.864   -2.731  1.00 16.38  ? 301 A88 A C37 1 
HETATM 1560 C C38 . A88 C 2 .  ? -4.661  4.454   -3.081  1.00 13.02  ? 301 A88 A C38 1 
HETATM 1561 O O39 . A88 C 2 .  ? -7.291  1.850   -3.101  1.00 19.74  ? 301 A88 A O39 1 
HETATM 1562 O O40 . A88 C 2 .  ? -6.709  4.421   -1.783  1.00 27.10  ? 301 A88 A O40 1 
HETATM 1563 C C41 . A88 C 2 .  ? -6.123  5.005   -0.589  1.00 30.54  ? 301 A88 A C41 1 
HETATM 1564 O O   . HOH D 3 .  ? 12.667  4.390   0.592   1.00 19.86  ? 402 HOH A O   1 
HETATM 1565 O O   . HOH D 3 .  ? 5.245   -4.262  -1.855  1.00 20.27  ? 404 HOH A O   1 
HETATM 1566 O O   . HOH D 3 .  ? 16.421  1.284   2.988   1.00 24.00  ? 406 HOH A O   1 
HETATM 1567 O O   . HOH D 3 .  ? -5.868  12.734  18.640  1.00 25.99  ? 408 HOH A O   1 
HETATM 1568 O O   . HOH D 3 .  ? 19.818  25.862  4.432   1.00 26.24  ? 409 HOH A O   1 
HETATM 1569 O O   . HOH D 3 .  ? 23.464  7.062   19.652  1.00 27.92  ? 411 HOH A O   1 
HETATM 1570 O O   . HOH D 3 .  ? -12.870 3.031   16.435  1.00 33.93  ? 420 HOH A O   1 
HETATM 1571 O O   . HOH D 3 .  ? -5.633  15.905  9.024   1.00 36.53  ? 424 HOH A O   1 
HETATM 1572 O O   . HOH D 3 .  ? 2.355   5.363   16.776  1.00 40.78  ? 426 HOH A O   1 
HETATM 1573 O O   . HOH D 3 .  ? 3.696   13.612  -16.142 1.00 43.45  ? 429 HOH A O   1 
HETATM 1574 O O   . HOH D 3 .  ? 12.063  -2.609  0.226   1.00 45.34  ? 432 HOH A O   1 
HETATM 1575 O O   . HOH D 3 .  ? 9.511   2.259   -6.228  1.00 47.87  ? 434 HOH A O   1 
HETATM 1576 O O   . HOH D 3 .  ? -8.581  2.272   18.838  1.00 62.60  ? 437 HOH A O   1 
HETATM 1577 O O   . HOH D 3 .  ? 16.317  19.485  13.400  1.00 64.39  ? 439 HOH A O   1 
HETATM 1578 O O   . HOH E 3 .  ? -12.710 -1.625  -3.808  1.00 18.04  ? 401 HOH B O   1 
HETATM 1579 O O   . HOH E 3 .  ? -5.131  2.477   4.121   1.00 20.18  ? 403 HOH B O   1 
HETATM 1580 O O   . HOH E 3 .  ? -16.332 -3.717  -0.383  1.00 21.60  ? 405 HOH B O   1 
HETATM 1581 O O   . HOH E 3 .  ? -0.546  -7.882  -10.015 1.00 24.47  ? 407 HOH B O   1 
HETATM 1582 O O   . HOH E 3 .  ? -23.003 -21.100 -3.187  1.00 27.59  ? 410 HOH B O   1 
HETATM 1583 O O   . HOH E 3 .  ? -8.442  -6.396  9.795   1.00 28.25  ? 412 HOH B O   1 
HETATM 1584 O O   . HOH E 3 .  ? -16.157 -13.300 -9.704  1.00 30.10  ? 413 HOH B O   1 
HETATM 1585 O O   . HOH E 3 .  ? -16.290 -14.624 -21.505 1.00 30.17  ? 414 HOH B O   1 
HETATM 1586 O O   . HOH E 3 .  ? -1.704  -12.232 -12.301 1.00 30.37  ? 415 HOH B O   1 
HETATM 1587 O O   . HOH E 3 .  ? 9.357   -8.783  -4.481  1.00 30.95  ? 416 HOH B O   1 
HETATM 1588 O O   . HOH E 3 .  ? -16.578 -16.835 -16.108 1.00 31.86  ? 417 HOH B O   1 
HETATM 1589 O O   . HOH E 3 .  ? -0.496  -18.111 -15.168 1.00 32.62  ? 418 HOH B O   1 
HETATM 1590 O O   . HOH E 3 .  ? -3.632  12.130  -13.252 1.00 33.38  ? 419 HOH B O   1 
HETATM 1591 O O   . HOH E 3 .  ? 18.524  -10.121 1.926   1.00 33.95  ? 421 HOH B O   1 
HETATM 1592 O O   . HOH E 3 .  ? -19.428 -12.223 -8.263  1.00 34.93  ? 422 HOH B O   1 
HETATM 1593 O O   . HOH E 3 .  ? 5.853   -11.049 1.343   1.00 36.50  ? 423 HOH B O   1 
HETATM 1594 O O   . HOH E 3 .  ? 7.977   -11.669 -11.948 1.00 37.08  ? 425 HOH B O   1 
HETATM 1595 O O   . HOH E 3 .  ? -21.718 -29.729 2.586   1.00 40.89  ? 427 HOH B O   1 
HETATM 1596 O O   . HOH E 3 .  ? -18.203 -19.980 1.876   1.00 43.35  ? 428 HOH B O   1 
HETATM 1597 O O   . HOH E 3 .  ? -15.841 -27.467 1.230   1.00 44.51  ? 430 HOH B O   1 
HETATM 1598 O O   . HOH E 3 .  ? 3.504   -13.662 -0.635  1.00 44.69  ? 431 HOH B O   1 
HETATM 1599 O O   . HOH E 3 .  ? -15.216 -26.925 -7.589  1.00 47.11  ? 433 HOH B O   1 
HETATM 1600 O O   . HOH E 3 .  ? 3.183   -17.689 14.069  1.00 54.82  ? 435 HOH B O   1 
HETATM 1601 O O   . HOH E 3 .  ? -3.085  12.161  -7.044  1.00 57.04  ? 436 HOH B O   1 
HETATM 1602 O O   . HOH E 3 .  ? -15.291 1.370   -2.687  1.00 64.26  ? 438 HOH B O   1 
HETATM 1603 O O   . HOH E 3 .  ? -10.318 12.910  -2.903  1.00 68.48  ? 440 HOH B O   1 
# 
